data_1XMK
# 
_entry.id   1XMK 
# 
_audit_conform.dict_name       mmcif_pdbx.dic 
_audit_conform.dict_version    5.386 
_audit_conform.dict_location   http://mmcif.pdb.org/dictionaries/ascii/mmcif_pdbx.dic 
# 
loop_
_database_2.database_id 
_database_2.database_code 
_database_2.pdbx_database_accession 
_database_2.pdbx_DOI 
PDB   1XMK         pdb_00001xmk 10.2210/pdb1xmk/pdb 
RCSB  RCSB030518   ?            ?                   
WWPDB D_1000030518 ?            ?                   
# 
loop_
_pdbx_audit_revision_history.ordinal 
_pdbx_audit_revision_history.data_content_type 
_pdbx_audit_revision_history.major_revision 
_pdbx_audit_revision_history.minor_revision 
_pdbx_audit_revision_history.revision_date 
1 'Structure model' 1 0 2005-08-02 
2 'Structure model' 1 1 2008-04-30 
3 'Structure model' 1 2 2011-07-13 
4 'Structure model' 1 3 2018-01-24 
5 'Structure model' 1 4 2024-02-14 
# 
_pdbx_audit_revision_details.ordinal             1 
_pdbx_audit_revision_details.revision_ordinal    1 
_pdbx_audit_revision_details.data_content_type   'Structure model' 
_pdbx_audit_revision_details.provider            repository 
_pdbx_audit_revision_details.type                'Initial release' 
_pdbx_audit_revision_details.description         ? 
_pdbx_audit_revision_details.details             ? 
# 
loop_
_pdbx_audit_revision_group.ordinal 
_pdbx_audit_revision_group.revision_ordinal 
_pdbx_audit_revision_group.data_content_type 
_pdbx_audit_revision_group.group 
1 2 'Structure model' 'Version format compliance' 
2 3 'Structure model' 'Version format compliance' 
3 4 'Structure model' 'Database references'       
4 5 'Structure model' 'Data collection'           
5 5 'Structure model' 'Database references'       
6 5 'Structure model' 'Derived calculations'      
# 
loop_
_pdbx_audit_revision_category.ordinal 
_pdbx_audit_revision_category.revision_ordinal 
_pdbx_audit_revision_category.data_content_type 
_pdbx_audit_revision_category.category 
1 4 'Structure model' citation_author        
2 5 'Structure model' chem_comp_atom         
3 5 'Structure model' chem_comp_bond         
4 5 'Structure model' database_2             
5 5 'Structure model' pdbx_struct_conn_angle 
6 5 'Structure model' struct_conn            
7 5 'Structure model' struct_ref_seq_dif     
8 5 'Structure model' struct_site            
# 
loop_
_pdbx_audit_revision_item.ordinal 
_pdbx_audit_revision_item.revision_ordinal 
_pdbx_audit_revision_item.data_content_type 
_pdbx_audit_revision_item.item 
1  4 'Structure model' '_citation_author.name'                       
2  5 'Structure model' '_database_2.pdbx_DOI'                        
3  5 'Structure model' '_database_2.pdbx_database_accession'         
4  5 'Structure model' '_pdbx_struct_conn_angle.ptnr1_auth_comp_id'  
5  5 'Structure model' '_pdbx_struct_conn_angle.ptnr1_auth_seq_id'   
6  5 'Structure model' '_pdbx_struct_conn_angle.ptnr1_label_asym_id' 
7  5 'Structure model' '_pdbx_struct_conn_angle.ptnr1_label_atom_id' 
8  5 'Structure model' '_pdbx_struct_conn_angle.ptnr1_label_comp_id' 
9  5 'Structure model' '_pdbx_struct_conn_angle.ptnr1_label_seq_id'  
10 5 'Structure model' '_pdbx_struct_conn_angle.ptnr1_symmetry'      
11 5 'Structure model' '_pdbx_struct_conn_angle.ptnr2_auth_comp_id'  
12 5 'Structure model' '_pdbx_struct_conn_angle.ptnr2_auth_seq_id'   
13 5 'Structure model' '_pdbx_struct_conn_angle.ptnr2_label_asym_id' 
14 5 'Structure model' '_pdbx_struct_conn_angle.ptnr2_label_atom_id' 
15 5 'Structure model' '_pdbx_struct_conn_angle.ptnr2_label_comp_id' 
16 5 'Structure model' '_pdbx_struct_conn_angle.ptnr3_auth_comp_id'  
17 5 'Structure model' '_pdbx_struct_conn_angle.ptnr3_auth_seq_id'   
18 5 'Structure model' '_pdbx_struct_conn_angle.ptnr3_label_asym_id' 
19 5 'Structure model' '_pdbx_struct_conn_angle.ptnr3_label_atom_id' 
20 5 'Structure model' '_pdbx_struct_conn_angle.ptnr3_label_comp_id' 
21 5 'Structure model' '_pdbx_struct_conn_angle.ptnr3_label_seq_id'  
22 5 'Structure model' '_pdbx_struct_conn_angle.ptnr3_symmetry'      
23 5 'Structure model' '_pdbx_struct_conn_angle.value'               
24 5 'Structure model' '_struct_conn.pdbx_dist_value'                
25 5 'Structure model' '_struct_conn.ptnr1_auth_comp_id'             
26 5 'Structure model' '_struct_conn.ptnr1_auth_seq_id'              
27 5 'Structure model' '_struct_conn.ptnr1_label_asym_id'            
28 5 'Structure model' '_struct_conn.ptnr1_label_atom_id'            
29 5 'Structure model' '_struct_conn.ptnr1_label_comp_id'            
30 5 'Structure model' '_struct_conn.ptnr1_label_seq_id'             
31 5 'Structure model' '_struct_conn.ptnr1_symmetry'                 
32 5 'Structure model' '_struct_conn.ptnr2_auth_comp_id'             
33 5 'Structure model' '_struct_conn.ptnr2_auth_seq_id'              
34 5 'Structure model' '_struct_conn.ptnr2_label_asym_id'            
35 5 'Structure model' '_struct_conn.ptnr2_label_atom_id'            
36 5 'Structure model' '_struct_conn.ptnr2_label_comp_id'            
37 5 'Structure model' '_struct_conn.ptnr2_label_seq_id'             
38 5 'Structure model' '_struct_conn.ptnr2_symmetry'                 
39 5 'Structure model' '_struct_ref_seq_dif.details'                 
40 5 'Structure model' '_struct_site.pdbx_auth_asym_id'              
41 5 'Structure model' '_struct_site.pdbx_auth_comp_id'              
42 5 'Structure model' '_struct_site.pdbx_auth_seq_id'               
# 
_pdbx_database_status.entry_id                        1XMK 
_pdbx_database_status.deposit_site                    RCSB 
_pdbx_database_status.process_site                    RCSB 
_pdbx_database_status.recvd_initial_deposition_date   2004-10-03 
_pdbx_database_status.status_code                     REL 
_pdbx_database_status.status_code_sf                  REL 
_pdbx_database_status.status_code_mr                  ? 
_pdbx_database_status.SG_entry                        ? 
_pdbx_database_status.pdb_format_compatible           Y 
_pdbx_database_status.status_code_cs                  ? 
_pdbx_database_status.methods_development_category    ? 
_pdbx_database_status.status_code_nmr_data            ? 
# 
loop_
_pdbx_database_related.db_name 
_pdbx_database_related.db_id 
_pdbx_database_related.details 
_pdbx_database_related.content_type 
PDB 1QBJ 'Crystal Structure Of The Zalpha Z-Dna Complex'                                 unspecified 
PDB 1QGP 'Nmr Structure Of The Z-Alpha Domain Of Adar1'                                  unspecified 
PDB 1OYI 'Solution Structure Of The Z-Dna Binding Domain Of The Vaccinia Virus Gene E3l' unspecified 
# 
loop_
_audit_author.name 
_audit_author.pdbx_ordinal 
'Athanasiadis, A.' 1 
'Placido, D.'      2 
'Maas, S.'         3 
'Brown II, B.A.'   4 
'Lowenhaupt, K.'   5 
'Rich, A.'         6 
# 
loop_
_citation.id 
_citation.title 
_citation.journal_abbrev 
_citation.journal_volume 
_citation.page_first 
_citation.page_last 
_citation.year 
_citation.journal_id_ASTM 
_citation.country 
_citation.journal_id_ISSN 
_citation.journal_id_CSD 
_citation.book_publisher 
_citation.pdbx_database_id_PubMed 
_citation.pdbx_database_id_DOI 
primary 
'The Crystal Structure of the Z[beta] Domain of the RNA-editing Enzyme ADAR1 Reveals Distinct Conserved Surfaces Among Z-domains.' 
J.Mol.Biol.          351 496  507  2005 JMOBAK UK 0022-2836 0070 ? 16023667 10.1016/j.jmb.2005.06.028     
1       'Structure of the DLM-1-Z-DNA complex reveals a conserved family of Z-DNA-binding proteins' Nat.Struct.Mol.Biol. 8   761  
765  2001 ?      US 1545-9993 ?    ? 11524677 10.1038/nsb0901-761           
2       'Crystal structure of the Zalpha domain of the human editing enzyme ADAR1 bound to left-handed Z-DNA' Science              
284 1841 1845 1999 SCIEAS US 0036-8075 0038 ? 10364558 10.1126/science.284.5421.1841 
# 
loop_
_citation_author.citation_id 
_citation_author.name 
_citation_author.ordinal 
_citation_author.identifier_ORCID 
primary 'Athanasiadis, A.' 1  ? 
primary 'Placido, D.'      2  ? 
primary 'Maas, S.'         3  ? 
primary 'Brown II, B.A.'   4  ? 
primary 'Lowenhaupt, K.'   5  ? 
primary 'Rich, A.'         6  ? 
1       'Schwartz, T.'     7  ? 
1       'Behlke, J.'       8  ? 
1       'Lowenhaupt, K.'   9  ? 
1       'Heinemann, U.'    10 ? 
1       'Rich, A.'         11 ? 
2       'Schwartz, T.'     12 ? 
2       'Rould, M.A.'      13 ? 
2       'Lowenhaupt, K.'   14 ? 
2       'Herbert, A.'      15 ? 
2       'Rich, A.'         16 ? 
# 
loop_
_entity.id 
_entity.type 
_entity.src_method 
_entity.pdbx_description 
_entity.formula_weight 
_entity.pdbx_number_of_molecules 
_entity.pdbx_ec 
_entity.pdbx_mutation 
_entity.pdbx_fragment 
_entity.details 
1 polymer     man 'Double-stranded RNA-specific adenosine deaminase' 9005.369 1   3.5.4.- ? ? ? 
2 non-polymer syn 'CADMIUM ION'                                      112.411  2   ?       ? ? ? 
3 non-polymer syn 'NICKEL (II) ION'                                  58.693   1   ?       ? ? ? 
4 non-polymer syn 'CHLORIDE ION'                                     35.453   2   ?       ? ? ? 
5 water       nat water                                              18.015   125 ?       ? ? ? 
# 
_entity_name_com.entity_id   1 
_entity_name_com.name        
'DRADA, 136 kDa double-stranded RNA binding protein, P136, K88DSRBP, Interferon-inducible protein 4, IFI-4 protein, ADAR1' 
# 
_entity_poly.entity_id                      1 
_entity_poly.type                           'polypeptide(L)' 
_entity_poly.nstd_linkage                   no 
_entity_poly.nstd_monomer                   no 
_entity_poly.pdbx_seq_one_letter_code       GSHMASLDMAEIKEKICDYLFNVSDSSALNLAKNIGLTKARDINAVLIDMERQGDVYRQGTTPPIWHLTDKKRERMQIK 
_entity_poly.pdbx_seq_one_letter_code_can   GSHMASLDMAEIKEKICDYLFNVSDSSALNLAKNIGLTKARDINAVLIDMERQGDVYRQGTTPPIWHLTDKKRERMQIK 
_entity_poly.pdbx_strand_id                 A 
_entity_poly.pdbx_target_identifier         ? 
# 
loop_
_pdbx_entity_nonpoly.entity_id 
_pdbx_entity_nonpoly.name 
_pdbx_entity_nonpoly.comp_id 
2 'CADMIUM ION'     CD  
3 'NICKEL (II) ION' NI  
4 'CHLORIDE ION'    CL  
5 water             HOH 
# 
loop_
_entity_poly_seq.entity_id 
_entity_poly_seq.num 
_entity_poly_seq.mon_id 
_entity_poly_seq.hetero 
1 1  GLY n 
1 2  SER n 
1 3  HIS n 
1 4  MET n 
1 5  ALA n 
1 6  SER n 
1 7  LEU n 
1 8  ASP n 
1 9  MET n 
1 10 ALA n 
1 11 GLU n 
1 12 ILE n 
1 13 LYS n 
1 14 GLU n 
1 15 LYS n 
1 16 ILE n 
1 17 CYS n 
1 18 ASP n 
1 19 TYR n 
1 20 LEU n 
1 21 PHE n 
1 22 ASN n 
1 23 VAL n 
1 24 SER n 
1 25 ASP n 
1 26 SER n 
1 27 SER n 
1 28 ALA n 
1 29 LEU n 
1 30 ASN n 
1 31 LEU n 
1 32 ALA n 
1 33 LYS n 
1 34 ASN n 
1 35 ILE n 
1 36 GLY n 
1 37 LEU n 
1 38 THR n 
1 39 LYS n 
1 40 ALA n 
1 41 ARG n 
1 42 ASP n 
1 43 ILE n 
1 44 ASN n 
1 45 ALA n 
1 46 VAL n 
1 47 LEU n 
1 48 ILE n 
1 49 ASP n 
1 50 MET n 
1 51 GLU n 
1 52 ARG n 
1 53 GLN n 
1 54 GLY n 
1 55 ASP n 
1 56 VAL n 
1 57 TYR n 
1 58 ARG n 
1 59 GLN n 
1 60 GLY n 
1 61 THR n 
1 62 THR n 
1 63 PRO n 
1 64 PRO n 
1 65 ILE n 
1 66 TRP n 
1 67 HIS n 
1 68 LEU n 
1 69 THR n 
1 70 ASP n 
1 71 LYS n 
1 72 LYS n 
1 73 ARG n 
1 74 GLU n 
1 75 ARG n 
1 76 MET n 
1 77 GLN n 
1 78 ILE n 
1 79 LYS n 
# 
_entity_src_gen.entity_id                          1 
_entity_src_gen.pdbx_src_id                        1 
_entity_src_gen.pdbx_alt_source_flag               sample 
_entity_src_gen.pdbx_seq_type                      ? 
_entity_src_gen.pdbx_beg_seq_num                   ? 
_entity_src_gen.pdbx_end_seq_num                   ? 
_entity_src_gen.gene_src_common_name               human 
_entity_src_gen.gene_src_genus                     Homo 
_entity_src_gen.pdbx_gene_src_gene                 'ADAR, ADAR1, DSRAD, IFI4' 
_entity_src_gen.gene_src_species                   ? 
_entity_src_gen.gene_src_strain                    ? 
_entity_src_gen.gene_src_tissue                    ? 
_entity_src_gen.gene_src_tissue_fraction           ? 
_entity_src_gen.gene_src_details                   ? 
_entity_src_gen.pdbx_gene_src_fragment             ? 
_entity_src_gen.pdbx_gene_src_scientific_name      'Homo sapiens' 
_entity_src_gen.pdbx_gene_src_ncbi_taxonomy_id     9606 
_entity_src_gen.pdbx_gene_src_variant              ? 
_entity_src_gen.pdbx_gene_src_cell_line            ? 
_entity_src_gen.pdbx_gene_src_atcc                 ? 
_entity_src_gen.pdbx_gene_src_organ                ? 
_entity_src_gen.pdbx_gene_src_organelle            ? 
_entity_src_gen.pdbx_gene_src_cell                 ? 
_entity_src_gen.pdbx_gene_src_cellular_location    ? 
_entity_src_gen.host_org_common_name               ? 
_entity_src_gen.pdbx_host_org_scientific_name      'Escherichia coli BL21(DE3)' 
_entity_src_gen.pdbx_host_org_ncbi_taxonomy_id     469008 
_entity_src_gen.host_org_genus                     Escherichia 
_entity_src_gen.pdbx_host_org_gene                 ? 
_entity_src_gen.pdbx_host_org_organ                ? 
_entity_src_gen.host_org_species                   'Escherichia coli' 
_entity_src_gen.pdbx_host_org_tissue               ? 
_entity_src_gen.pdbx_host_org_tissue_fraction      ? 
_entity_src_gen.pdbx_host_org_strain               'BL21(DE3)' 
_entity_src_gen.pdbx_host_org_variant              ? 
_entity_src_gen.pdbx_host_org_cell_line            ? 
_entity_src_gen.pdbx_host_org_atcc                 ? 
_entity_src_gen.pdbx_host_org_culture_collection   ? 
_entity_src_gen.pdbx_host_org_cell                 ? 
_entity_src_gen.pdbx_host_org_organelle            ? 
_entity_src_gen.pdbx_host_org_cellular_location    ? 
_entity_src_gen.pdbx_host_org_vector_type          plasmid 
_entity_src_gen.pdbx_host_org_vector               ? 
_entity_src_gen.host_org_details                   ? 
_entity_src_gen.expression_system_id               ? 
_entity_src_gen.plasmid_name                       pET28 
_entity_src_gen.plasmid_details                    ? 
_entity_src_gen.pdbx_description                   ? 
# 
loop_
_chem_comp.id 
_chem_comp.type 
_chem_comp.mon_nstd_flag 
_chem_comp.name 
_chem_comp.pdbx_synonyms 
_chem_comp.formula 
_chem_comp.formula_weight 
ALA 'L-peptide linking' y ALANINE           ? 'C3 H7 N O2'     89.093  
ARG 'L-peptide linking' y ARGININE          ? 'C6 H15 N4 O2 1' 175.209 
ASN 'L-peptide linking' y ASPARAGINE        ? 'C4 H8 N2 O3'    132.118 
ASP 'L-peptide linking' y 'ASPARTIC ACID'   ? 'C4 H7 N O4'     133.103 
CD  non-polymer         . 'CADMIUM ION'     ? 'Cd 2'           112.411 
CL  non-polymer         . 'CHLORIDE ION'    ? 'Cl -1'          35.453  
CYS 'L-peptide linking' y CYSTEINE          ? 'C3 H7 N O2 S'   121.158 
GLN 'L-peptide linking' y GLUTAMINE         ? 'C5 H10 N2 O3'   146.144 
GLU 'L-peptide linking' y 'GLUTAMIC ACID'   ? 'C5 H9 N O4'     147.129 
GLY 'peptide linking'   y GLYCINE           ? 'C2 H5 N O2'     75.067  
HIS 'L-peptide linking' y HISTIDINE         ? 'C6 H10 N3 O2 1' 156.162 
HOH non-polymer         . WATER             ? 'H2 O'           18.015  
ILE 'L-peptide linking' y ISOLEUCINE        ? 'C6 H13 N O2'    131.173 
LEU 'L-peptide linking' y LEUCINE           ? 'C6 H13 N O2'    131.173 
LYS 'L-peptide linking' y LYSINE            ? 'C6 H15 N2 O2 1' 147.195 
MET 'L-peptide linking' y METHIONINE        ? 'C5 H11 N O2 S'  149.211 
NI  non-polymer         . 'NICKEL (II) ION' ? 'Ni 2'           58.693  
PHE 'L-peptide linking' y PHENYLALANINE     ? 'C9 H11 N O2'    165.189 
PRO 'L-peptide linking' y PROLINE           ? 'C5 H9 N O2'     115.130 
SER 'L-peptide linking' y SERINE            ? 'C3 H7 N O3'     105.093 
THR 'L-peptide linking' y THREONINE         ? 'C4 H9 N O3'     119.119 
TRP 'L-peptide linking' y TRYPTOPHAN        ? 'C11 H12 N2 O2'  204.225 
TYR 'L-peptide linking' y TYROSINE          ? 'C9 H11 N O3'    181.189 
VAL 'L-peptide linking' y VALINE            ? 'C5 H11 N O2'    117.146 
# 
loop_
_pdbx_poly_seq_scheme.asym_id 
_pdbx_poly_seq_scheme.entity_id 
_pdbx_poly_seq_scheme.seq_id 
_pdbx_poly_seq_scheme.mon_id 
_pdbx_poly_seq_scheme.ndb_seq_num 
_pdbx_poly_seq_scheme.pdb_seq_num 
_pdbx_poly_seq_scheme.auth_seq_num 
_pdbx_poly_seq_scheme.pdb_mon_id 
_pdbx_poly_seq_scheme.auth_mon_id 
_pdbx_poly_seq_scheme.pdb_strand_id 
_pdbx_poly_seq_scheme.pdb_ins_code 
_pdbx_poly_seq_scheme.hetero 
A 1 1  GLY 1  288 288 GLY GLY A . n 
A 1 2  SER 2  289 289 SER SER A . n 
A 1 3  HIS 3  290 290 HIS HIS A . n 
A 1 4  MET 4  291 291 MET MET A . n 
A 1 5  ALA 5  292 292 ALA ALA A . n 
A 1 6  SER 6  293 293 SER SER A . n 
A 1 7  LEU 7  294 294 LEU LEU A . n 
A 1 8  ASP 8  295 295 ASP ASP A . n 
A 1 9  MET 9  296 296 MET MET A . n 
A 1 10 ALA 10 297 297 ALA ALA A . n 
A 1 11 GLU 11 298 298 GLU GLU A . n 
A 1 12 ILE 12 299 299 ILE ILE A . n 
A 1 13 LYS 13 300 300 LYS LYS A . n 
A 1 14 GLU 14 301 301 GLU GLU A . n 
A 1 15 LYS 15 302 302 LYS LYS A . n 
A 1 16 ILE 16 303 303 ILE ILE A . n 
A 1 17 CYS 17 304 304 CYS CYS A . n 
A 1 18 ASP 18 305 305 ASP ASP A . n 
A 1 19 TYR 19 306 306 TYR TYR A . n 
A 1 20 LEU 20 307 307 LEU LEU A . n 
A 1 21 PHE 21 308 308 PHE PHE A . n 
A 1 22 ASN 22 309 309 ASN ASN A . n 
A 1 23 VAL 23 310 310 VAL VAL A . n 
A 1 24 SER 24 311 311 SER SER A . n 
A 1 25 ASP 25 312 312 ASP ASP A . n 
A 1 26 SER 26 313 313 SER SER A . n 
A 1 27 SER 27 314 314 SER SER A . n 
A 1 28 ALA 28 315 315 ALA ALA A . n 
A 1 29 LEU 29 316 316 LEU LEU A . n 
A 1 30 ASN 30 317 317 ASN ASN A . n 
A 1 31 LEU 31 318 318 LEU LEU A . n 
A 1 32 ALA 32 319 319 ALA ALA A . n 
A 1 33 LYS 33 320 320 LYS LYS A . n 
A 1 34 ASN 34 321 321 ASN ASN A . n 
A 1 35 ILE 35 322 322 ILE ILE A . n 
A 1 36 GLY 36 323 323 GLY GLY A . n 
A 1 37 LEU 37 324 324 LEU LEU A . n 
A 1 38 THR 38 325 325 THR THR A . n 
A 1 39 LYS 39 326 326 LYS LYS A . n 
A 1 40 ALA 40 327 327 ALA ALA A . n 
A 1 41 ARG 41 328 328 ARG ARG A . n 
A 1 42 ASP 42 329 329 ASP ASP A . n 
A 1 43 ILE 43 330 330 ILE ILE A . n 
A 1 44 ASN 44 331 331 ASN ASN A . n 
A 1 45 ALA 45 332 332 ALA ALA A . n 
A 1 46 VAL 46 333 333 VAL VAL A . n 
A 1 47 LEU 47 334 334 LEU LEU A . n 
A 1 48 ILE 48 335 335 ILE ILE A . n 
A 1 49 ASP 49 336 336 ASP ASP A . n 
A 1 50 MET 50 337 337 MET MET A . n 
A 1 51 GLU 51 338 338 GLU GLU A . n 
A 1 52 ARG 52 339 339 ARG ARG A . n 
A 1 53 GLN 53 340 340 GLN GLN A . n 
A 1 54 GLY 54 341 341 GLY GLY A . n 
A 1 55 ASP 55 342 342 ASP ASP A . n 
A 1 56 VAL 56 343 343 VAL VAL A . n 
A 1 57 TYR 57 344 344 TYR TYR A . n 
A 1 58 ARG 58 345 345 ARG ARG A . n 
A 1 59 GLN 59 346 346 GLN GLN A . n 
A 1 60 GLY 60 347 347 GLY GLY A . n 
A 1 61 THR 61 348 348 THR THR A . n 
A 1 62 THR 62 349 349 THR THR A . n 
A 1 63 PRO 63 350 350 PRO PRO A . n 
A 1 64 PRO 64 351 351 PRO CPR A . n 
A 1 65 ILE 65 352 352 ILE ILE A . n 
A 1 66 TRP 66 353 353 TRP TRP A . n 
A 1 67 HIS 67 354 354 HIS HIS A . n 
A 1 68 LEU 68 355 355 LEU LEU A . n 
A 1 69 THR 69 356 356 THR THR A . n 
A 1 70 ASP 70 357 357 ASP ASP A . n 
A 1 71 LYS 71 358 358 LYS LYS A . n 
A 1 72 LYS 72 359 359 LYS LYS A . n 
A 1 73 ARG 73 360 360 ARG ARG A . n 
A 1 74 GLU 74 361 361 GLU GLU A . n 
A 1 75 ARG 75 362 362 ARG ARG A . n 
A 1 76 MET 76 363 363 MET MET A . n 
A 1 77 GLN 77 364 364 GLN GLN A . n 
A 1 78 ILE 78 365 365 ILE ILE A . n 
A 1 79 LYS 79 366 366 LYS LYS A . n 
# 
loop_
_pdbx_nonpoly_scheme.asym_id 
_pdbx_nonpoly_scheme.entity_id 
_pdbx_nonpoly_scheme.mon_id 
_pdbx_nonpoly_scheme.ndb_seq_num 
_pdbx_nonpoly_scheme.pdb_seq_num 
_pdbx_nonpoly_scheme.auth_seq_num 
_pdbx_nonpoly_scheme.pdb_mon_id 
_pdbx_nonpoly_scheme.auth_mon_id 
_pdbx_nonpoly_scheme.pdb_strand_id 
_pdbx_nonpoly_scheme.pdb_ins_code 
B 2 CD  1   396  396  CD  CD  A . 
C 2 CD  1   397  397  CD  CD  A . 
D 3 NI  1   398  398  NI  NI  A . 
E 4 CL  1   399  399  CL  CL  A . 
F 4 CL  1   400  400  CL  CL  A . 
G 5 HOH 1   1001 1001 HOH HOH A . 
G 5 HOH 2   1002 1002 HOH HOH A . 
G 5 HOH 3   1003 1003 HOH HOH A . 
G 5 HOH 4   1004 1004 HOH HOH A . 
G 5 HOH 5   1005 1005 HOH HOH A . 
G 5 HOH 6   1006 1006 HOH HOH A . 
G 5 HOH 7   1007 1007 HOH HOH A . 
G 5 HOH 8   1008 1008 HOH HOH A . 
G 5 HOH 9   1009 1009 HOH HOH A . 
G 5 HOH 10  1010 1010 HOH HOH A . 
G 5 HOH 11  1011 1011 HOH HOH A . 
G 5 HOH 12  1012 1012 HOH HOH A . 
G 5 HOH 13  1013 1013 HOH HOH A . 
G 5 HOH 14  1014 1014 HOH HOH A . 
G 5 HOH 15  1015 1015 HOH HOH A . 
G 5 HOH 16  1016 1016 HOH HOH A . 
G 5 HOH 17  1017 1017 HOH HOH A . 
G 5 HOH 18  1018 1018 HOH HOH A . 
G 5 HOH 19  1019 1019 HOH HOH A . 
G 5 HOH 20  1020 1020 HOH HOH A . 
G 5 HOH 21  1021 1021 HOH HOH A . 
G 5 HOH 22  1022 1022 HOH HOH A . 
G 5 HOH 23  1023 1023 HOH HOH A . 
G 5 HOH 24  1024 1024 HOH HOH A . 
G 5 HOH 25  1025 1025 HOH HOH A . 
G 5 HOH 26  1026 1026 HOH HOH A . 
G 5 HOH 27  1027 1027 HOH HOH A . 
G 5 HOH 28  1028 1028 HOH HOH A . 
G 5 HOH 29  1029 1029 HOH HOH A . 
G 5 HOH 30  1030 1030 HOH HOH A . 
G 5 HOH 31  1031 1031 HOH HOH A . 
G 5 HOH 32  1032 1032 HOH HOH A . 
G 5 HOH 33  1033 1033 HOH HOH A . 
G 5 HOH 34  1034 1034 HOH HOH A . 
G 5 HOH 35  1035 1035 HOH HOH A . 
G 5 HOH 36  1036 1036 HOH HOH A . 
G 5 HOH 37  1037 1037 HOH HOH A . 
G 5 HOH 38  1038 1038 HOH HOH A . 
G 5 HOH 39  1039 1039 HOH HOH A . 
G 5 HOH 40  1040 1040 HOH HOH A . 
G 5 HOH 41  1041 1041 HOH HOH A . 
G 5 HOH 42  1042 1042 HOH HOH A . 
G 5 HOH 43  1043 1043 HOH HOH A . 
G 5 HOH 44  1044 1044 HOH HOH A . 
G 5 HOH 45  1045 1045 HOH HOH A . 
G 5 HOH 46  1046 1046 HOH HOH A . 
G 5 HOH 47  1047 1047 HOH HOH A . 
G 5 HOH 48  1048 1048 HOH HOH A . 
G 5 HOH 49  1049 1049 HOH HOH A . 
G 5 HOH 50  1050 1050 HOH HOH A . 
G 5 HOH 51  1051 1051 HOH HOH A . 
G 5 HOH 52  1052 1052 HOH HOH A . 
G 5 HOH 53  1053 1053 HOH HOH A . 
G 5 HOH 54  1054 1054 HOH HOH A . 
G 5 HOH 55  1055 1055 HOH HOH A . 
G 5 HOH 56  1056 1056 HOH HOH A . 
G 5 HOH 57  1057 1057 HOH HOH A . 
G 5 HOH 58  1058 1058 HOH HOH A . 
G 5 HOH 59  1059 1059 HOH HOH A . 
G 5 HOH 60  1060 1060 HOH HOH A . 
G 5 HOH 61  1061 1061 HOH HOH A . 
G 5 HOH 62  1062 1062 HOH HOH A . 
G 5 HOH 63  1063 1063 HOH HOH A . 
G 5 HOH 64  1064 1064 HOH HOH A . 
G 5 HOH 65  1065 1065 HOH HOH A . 
G 5 HOH 66  1066 1066 HOH HOH A . 
G 5 HOH 67  1067 1067 HOH HOH A . 
G 5 HOH 68  1068 1068 HOH HOH A . 
G 5 HOH 69  1069 1069 HOH HOH A . 
G 5 HOH 70  1070 1070 HOH HOH A . 
G 5 HOH 71  1071 1071 HOH HOH A . 
G 5 HOH 72  1072 1072 HOH HOH A . 
G 5 HOH 73  1073 1073 HOH HOH A . 
G 5 HOH 74  1074 1074 HOH HOH A . 
G 5 HOH 75  1075 1075 HOH HOH A . 
G 5 HOH 76  1076 1076 HOH HOH A . 
G 5 HOH 77  1077 1077 HOH HOH A . 
G 5 HOH 78  1078 1078 HOH HOH A . 
G 5 HOH 79  1079 1079 HOH HOH A . 
G 5 HOH 80  1080 1080 HOH HOH A . 
G 5 HOH 81  1081 1081 HOH HOH A . 
G 5 HOH 82  1082 1082 HOH HOH A . 
G 5 HOH 83  1083 1083 HOH HOH A . 
G 5 HOH 84  1084 1084 HOH HOH A . 
G 5 HOH 85  1085 1085 HOH HOH A . 
G 5 HOH 86  1086 1086 HOH HOH A . 
G 5 HOH 87  1087 1087 HOH HOH A . 
G 5 HOH 88  1088 1088 HOH HOH A . 
G 5 HOH 89  1089 1089 HOH HOH A . 
G 5 HOH 90  1090 1090 HOH HOH A . 
G 5 HOH 91  1091 1091 HOH HOH A . 
G 5 HOH 92  1092 1092 HOH HOH A . 
G 5 HOH 93  1093 1093 HOH HOH A . 
G 5 HOH 94  1094 1094 HOH HOH A . 
G 5 HOH 95  1095 1095 HOH HOH A . 
G 5 HOH 96  1096 1096 HOH HOH A . 
G 5 HOH 97  1097 1097 HOH HOH A . 
G 5 HOH 98  1098 1098 HOH HOH A . 
G 5 HOH 99  1099 1099 HOH HOH A . 
G 5 HOH 100 1100 1100 HOH HOH A . 
G 5 HOH 101 1101 1101 HOH HOH A . 
G 5 HOH 102 1102 1102 HOH HOH A . 
G 5 HOH 103 1103 1103 HOH HOH A . 
G 5 HOH 104 1104 1104 HOH HOH A . 
G 5 HOH 105 1105 1105 HOH HOH A . 
G 5 HOH 106 1106 1106 HOH HOH A . 
G 5 HOH 107 1107 1107 HOH HOH A . 
G 5 HOH 108 1108 1108 HOH HOH A . 
G 5 HOH 109 1109 1109 HOH HOH A . 
G 5 HOH 110 1110 1110 HOH HOH A . 
G 5 HOH 111 1111 1111 HOH HOH A . 
G 5 HOH 112 1112 1112 HOH HOH A . 
G 5 HOH 113 1113 1113 HOH HOH A . 
G 5 HOH 114 1114 1114 HOH HOH A . 
G 5 HOH 115 1115 1115 HOH HOH A . 
G 5 HOH 116 1116 1116 HOH HOH A . 
G 5 HOH 117 1117 1117 HOH HOH A . 
G 5 HOH 118 1118 1118 HOH HOH A . 
G 5 HOH 119 1119 1119 HOH HOH A . 
G 5 HOH 120 1120 1120 HOH HOH A . 
G 5 HOH 121 1121 1121 HOH HOH A . 
G 5 HOH 122 1122 1122 HOH HOH A . 
G 5 HOH 123 1123 1123 HOH HOH A . 
G 5 HOH 124 1124 1124 HOH HOH A . 
G 5 HOH 125 1125 1125 HOH HOH A . 
# 
loop_
_software.name 
_software.version 
_software.date 
_software.type 
_software.contact_author 
_software.contact_author_email 
_software.classification 
_software.location 
_software.language 
_software.citation_id 
_software.pdbx_ordinal 
SHELX  .         ? package 'George Sheldrick' gsheldr@shelx.uni-ac.gwdg.de refinement       http://shelx.uni-ac.gwdg.de/SHELX/ 
Fortran ? 1 
MOSFLM .         ? ?       ?                  ?                            'data reduction' ?                                  ? ? 
2 
CCP4   '(SCALA)' ? ?       ?                  ?                            'data scaling'   ?                                  ? ? 
3 
SHARP  .         ? ?       ?                  ?                            phasing          ?                                  ? ? 
4 
SHELXL .         ? ?       ?                  ?                            refinement       ?                                  ? ? 
5 
# 
_cell.length_a           35.557 
_cell.length_b           43.526 
_cell.length_c           45.471 
_cell.angle_alpha        90.00 
_cell.angle_beta         90.00 
_cell.angle_gamma        90.00 
_cell.entry_id           1XMK 
_cell.pdbx_unique_axis   ? 
_cell.Z_PDB              4 
# 
_symmetry.space_group_name_H-M             'P 21 21 21' 
_symmetry.entry_id                         1XMK 
_symmetry.pdbx_full_space_group_name_H-M   ? 
_symmetry.Int_Tables_number                19 
_symmetry.cell_setting                     ? 
_symmetry.space_group_name_Hall            ? 
# 
_exptl.entry_id          1XMK 
_exptl.method            'X-RAY DIFFRACTION' 
_exptl.crystals_number   1 
# 
_exptl_crystal.id                    1 
_exptl_crystal.density_meas          ? 
_exptl_crystal.density_Matthews      1.7 
_exptl_crystal.density_percent_sol   27.5 
_exptl_crystal.description           ? 
_exptl_crystal.F_000                 ? 
_exptl_crystal.preparation           ? 
# 
_exptl_crystal_grow.crystal_id      1 
_exptl_crystal_grow.method          ? 
_exptl_crystal_grow.temp            312 
_exptl_crystal_grow.temp_details    ? 
_exptl_crystal_grow.pH              9.00 
_exptl_crystal_grow.pdbx_details    
'PEG1000, Cadmium Chloride, Nickel Chloride, Tris, pH 9.0, VAPOR DIFFUSION, HANGING DROP, temperature 312K, pH 9.00' 
_exptl_crystal_grow.pdbx_pH_range   . 
# 
_diffrn.id                     1 
_diffrn.ambient_temp           100.0 
_diffrn.ambient_temp_details   ? 
_diffrn.crystal_id             1 
# 
_diffrn_detector.diffrn_id              1 
_diffrn_detector.detector               CCD 
_diffrn_detector.type                   'ADSC QUANTUM 4' 
_diffrn_detector.pdbx_collection_date   2002-01-22 
_diffrn_detector.details                ? 
# 
_diffrn_radiation.diffrn_id                        1 
_diffrn_radiation.wavelength_id                    1 
_diffrn_radiation.pdbx_monochromatic_or_laue_m_l   M 
_diffrn_radiation.monochromator                    MONOCHROMATOR 
_diffrn_radiation.pdbx_diffrn_protocol             'SINGLE WAVELENGTH' 
_diffrn_radiation.pdbx_scattering_type             x-ray 
# 
_diffrn_radiation_wavelength.id           1 
_diffrn_radiation_wavelength.wavelength   0.9 
_diffrn_radiation_wavelength.wt           1.0 
# 
_diffrn_source.diffrn_id                   1 
_diffrn_source.source                      SYNCHROTRON 
_diffrn_source.type                        'NSLS BEAMLINE X8C' 
_diffrn_source.pdbx_synchrotron_site       NSLS 
_diffrn_source.pdbx_synchrotron_beamline   X8C 
_diffrn_source.pdbx_wavelength             0.9 
_diffrn_source.pdbx_wavelength_list        ? 
# 
_reflns.entry_id                     1XMK 
_reflns.observed_criterion_sigma_I   1.000 
_reflns.observed_criterion_sigma_F   ? 
_reflns.d_resolution_low             27.920 
_reflns.d_resolution_high            0.970 
_reflns.number_obs                   41638 
_reflns.number_all                   ? 
_reflns.percent_possible_obs         99.2 
_reflns.pdbx_Rmerge_I_obs            ? 
_reflns.pdbx_Rsym_value              0.075 
_reflns.pdbx_netI_over_sigmaI        5.2000 
_reflns.B_iso_Wilson_estimate        6.5 
_reflns.pdbx_redundancy              4.100 
_reflns.R_free_details               ? 
_reflns.limit_h_max                  ? 
_reflns.limit_h_min                  ? 
_reflns.limit_k_max                  ? 
_reflns.limit_k_min                  ? 
_reflns.limit_l_max                  ? 
_reflns.limit_l_min                  ? 
_reflns.observed_criterion_F_max     ? 
_reflns.observed_criterion_F_min     ? 
_reflns.pdbx_chi_squared             ? 
_reflns.pdbx_scaling_rejects         ? 
_reflns.pdbx_diffrn_id               1 
_reflns.pdbx_ordinal                 1 
# 
_reflns_shell.d_res_high             0.97 
_reflns_shell.d_res_low              1.02 
_reflns_shell.percent_possible_all   94.7 
_reflns_shell.Rmerge_I_obs           ? 
_reflns_shell.pdbx_Rsym_value        ? 
_reflns_shell.meanI_over_sigI_obs    ? 
_reflns_shell.pdbx_redundancy        ? 
_reflns_shell.percent_possible_obs   ? 
_reflns_shell.number_unique_all      ? 
_reflns_shell.number_measured_all    ? 
_reflns_shell.number_measured_obs    ? 
_reflns_shell.number_unique_obs      ? 
_reflns_shell.pdbx_chi_squared       ? 
_reflns_shell.pdbx_diffrn_id         ? 
_reflns_shell.pdbx_ordinal           1 
# 
_refine.entry_id                                 1XMK 
_refine.ls_number_reflns_obs                     40681 
_refine.ls_number_reflns_all                     42408 
_refine.pdbx_ls_sigma_I                          ? 
_refine.pdbx_ls_sigma_F                          0.000 
_refine.pdbx_data_cutoff_high_absF               ? 
_refine.pdbx_data_cutoff_low_absF                ? 
_refine.pdbx_data_cutoff_high_rms_absF           ? 
_refine.ls_d_res_low                             10.00 
_refine.ls_d_res_high                            0.97 
_refine.ls_percent_reflns_obs                    95.8 
_refine.ls_R_factor_obs                          0.145 
_refine.ls_R_factor_all                          0.145 
_refine.ls_R_factor_R_work                       ? 
_refine.ls_R_factor_R_free                       0.183 
_refine.ls_R_factor_R_free_error                 ? 
_refine.ls_R_factor_R_free_error_details         ? 
_refine.ls_percent_reflns_R_free                 10.0 
_refine.ls_number_reflns_R_free                  4051 
_refine.ls_number_parameters                     ? 
_refine.ls_number_restraints                     ? 
_refine.occupancy_min                            ? 
_refine.occupancy_max                            ? 
_refine.correlation_coeff_Fo_to_Fc               ? 
_refine.correlation_coeff_Fo_to_Fc_free          ? 
_refine.B_iso_mean                               ? 
_refine.aniso_B[1][1]                            ? 
_refine.aniso_B[2][2]                            ? 
_refine.aniso_B[3][3]                            ? 
_refine.aniso_B[1][2]                            ? 
_refine.aniso_B[1][3]                            ? 
_refine.aniso_B[2][3]                            ? 
_refine.solvent_model_details                    'MOEWS & KRETSINGER, J.mol.biol.91(1973)201-228' 
_refine.solvent_model_param_ksol                 ? 
_refine.solvent_model_param_bsol                 ? 
_refine.pdbx_solvent_vdw_probe_radii             ? 
_refine.pdbx_solvent_ion_probe_radii             ? 
_refine.pdbx_solvent_shrinkage_radii             ? 
_refine.pdbx_ls_cross_valid_method               'THROUGHOUT WITH THE EXCEPTION OF THE LAST TWO REFINEMENT CYCLES' 
_refine.details                                  'CNS WAS USED IN EARLY REFINEMENT stages' 
_refine.pdbx_starting_model                      ? 
_refine.pdbx_method_to_determine_struct          MIR 
_refine.pdbx_isotropic_thermal_model             ? 
_refine.pdbx_stereochemistry_target_values       'Engh & Huber' 
_refine.pdbx_stereochem_target_val_spec_case     ? 
_refine.pdbx_R_Free_selection_details            RANDOM 
_refine.pdbx_overall_ESU_R                       ? 
_refine.pdbx_overall_ESU_R_Free                  ? 
_refine.overall_SU_ML                            ? 
_refine.overall_SU_B                             ? 
_refine.ls_redundancy_reflns_obs                 ? 
_refine.B_iso_min                                ? 
_refine.B_iso_max                                ? 
_refine.overall_SU_R_Cruickshank_DPI             ? 
_refine.overall_SU_R_free                        ? 
_refine.ls_wR_factor_R_free                      ? 
_refine.ls_wR_factor_R_work                      ? 
_refine.overall_FOM_free_R_set                   ? 
_refine.overall_FOM_work_R_set                   ? 
_refine.pdbx_refine_id                           'X-RAY DIFFRACTION' 
_refine.pdbx_diffrn_id                           1 
_refine.pdbx_TLS_residual_ADP_flag               ? 
_refine.pdbx_overall_phase_error                 ? 
_refine.pdbx_overall_SU_R_free_Cruickshank_DPI   ? 
_refine.pdbx_overall_SU_R_Blow_DPI               ? 
_refine.pdbx_overall_SU_R_free_Blow_DPI          ? 
# 
_refine_analyze.entry_id                        1XMK 
_refine_analyze.Luzzati_coordinate_error_obs    ? 
_refine_analyze.Luzzati_sigma_a_obs             ? 
_refine_analyze.Luzzati_d_res_low_obs           ? 
_refine_analyze.Luzzati_coordinate_error_free   ? 
_refine_analyze.Luzzati_sigma_a_free            ? 
_refine_analyze.Luzzati_d_res_low_free          ? 
_refine_analyze.number_disordered_residues      4 
_refine_analyze.occupancy_sum_hydrogen          ? 
_refine_analyze.occupancy_sum_non_hydrogen      ? 
_refine_analyze.pdbx_Luzzati_d_res_high_obs     ? 
_refine_analyze.pdbx_refine_id                  'X-RAY DIFFRACTION' 
# 
_refine_hist.pdbx_refine_id                   'X-RAY DIFFRACTION' 
_refine_hist.cycle_id                         LAST 
_refine_hist.pdbx_number_atoms_protein        663 
_refine_hist.pdbx_number_atoms_nucleic_acid   0 
_refine_hist.pdbx_number_atoms_ligand         5 
_refine_hist.number_atoms_solvent             125 
_refine_hist.number_atoms_total               793 
_refine_hist.d_res_high                       0.97 
_refine_hist.d_res_low                        10.00 
# 
loop_
_refine_ls_restr.type 
_refine_ls_restr.dev_ideal 
_refine_ls_restr.dev_ideal_target 
_refine_ls_restr.weight 
_refine_ls_restr.number 
_refine_ls_restr.pdbx_refine_id 
_refine_ls_restr.pdbx_restraint_function 
s_bond_d               0.018 ? ? ? 'X-RAY DIFFRACTION' ? 
s_angle_d              0.035 ? ? ? 'X-RAY DIFFRACTION' ? 
s_similar_dist         0.062 ? ? ? 'X-RAY DIFFRACTION' ? 
s_from_restr_planes    0.028 ? ? ? 'X-RAY DIFFRACTION' ? 
s_zero_chiral_vol      0.063 ? ? ? 'X-RAY DIFFRACTION' ? 
s_non_zero_chiral_vol  0.111 ? ? ? 'X-RAY DIFFRACTION' ? 
s_anti_bump_dis_restr  0.016 ? ? ? 'X-RAY DIFFRACTION' ? 
s_rigid_bond_adp_cmpnt ?     ? ? ? 'X-RAY DIFFRACTION' ? 
s_similar_adp_cmpnt    ?     ? ? ? 'X-RAY DIFFRACTION' ? 
s_approx_iso_adps      0.104 ? ? ? 'X-RAY DIFFRACTION' ? 
# 
_pdbx_refine.entry_id                                    1XMK 
_pdbx_refine.R_factor_all_no_cutoff                      0.145 
_pdbx_refine.R_factor_obs_no_cutoff                      0.145 
_pdbx_refine.free_R_factor_no_cutoff                     0.183 
_pdbx_refine.free_R_val_test_set_size_perc_no_cutoff     10.0 
_pdbx_refine.free_R_val_test_set_ct_no_cutoff            4051 
_pdbx_refine.R_factor_all_4sig_cutoff                    0.1219 
_pdbx_refine.R_factor_obs_4sig_cutoff                    0.1189 
_pdbx_refine.free_R_factor_4sig_cutoff                   0.1615 
_pdbx_refine.free_R_val_test_set_size_perc_4sig_cutoff   10.0 
_pdbx_refine.free_R_val_test_set_ct_4sig_cutoff          2601 
_pdbx_refine.number_reflns_obs_4sig_cutoff               25889 
_pdbx_refine.number_reflns_obs_no_cutoff                 ? 
_pdbx_refine.pdbx_refine_id                              'X-RAY DIFFRACTION' 
_pdbx_refine.free_R_error_no_cutoff                      ? 
# 
_struct.entry_id                  1XMK 
_struct.title                     'The Crystal structure of the Zb domain from the RNA editing enzyme ADAR1' 
_struct.pdbx_model_details        ? 
_struct.pdbx_CASP_flag            ? 
_struct.pdbx_model_type_details   ? 
# 
_struct_keywords.entry_id        1XMK 
_struct_keywords.pdbx_keywords   HYDROLASE 
_struct_keywords.text            'winged Helix-Turn-Helix, RNA editing, Interferon, ADAR1, HYDROLASE' 
# 
loop_
_struct_asym.id 
_struct_asym.pdbx_blank_PDB_chainid_flag 
_struct_asym.pdbx_modified 
_struct_asym.entity_id 
_struct_asym.details 
A N N 1 ? 
B N N 2 ? 
C N N 2 ? 
D N N 3 ? 
E N N 4 ? 
F N N 4 ? 
G N N 5 ? 
# 
_struct_ref.id                         1 
_struct_ref.db_name                    UNP 
_struct_ref.db_code                    DSRAD_HUMAN 
_struct_ref.pdbx_db_accession          P55265 
_struct_ref.entity_id                  1 
_struct_ref.pdbx_seq_one_letter_code   LDMAEIKEKICDYLFNVSDSSALNLAKNIGLTKARDINAVLIDMERQGDVYRQGTTPPIWHLTDKKRERMQIK 
_struct_ref.pdbx_align_begin           294 
_struct_ref.pdbx_db_isoform            ? 
# 
_struct_ref_seq.align_id                      1 
_struct_ref_seq.ref_id                        1 
_struct_ref_seq.pdbx_PDB_id_code              1XMK 
_struct_ref_seq.pdbx_strand_id                A 
_struct_ref_seq.seq_align_beg                 7 
_struct_ref_seq.pdbx_seq_align_beg_ins_code   ? 
_struct_ref_seq.seq_align_end                 79 
_struct_ref_seq.pdbx_seq_align_end_ins_code   ? 
_struct_ref_seq.pdbx_db_accession             P55265 
_struct_ref_seq.db_align_beg                  294 
_struct_ref_seq.pdbx_db_align_beg_ins_code    ? 
_struct_ref_seq.db_align_end                  366 
_struct_ref_seq.pdbx_db_align_end_ins_code    ? 
_struct_ref_seq.pdbx_auth_seq_align_beg       294 
_struct_ref_seq.pdbx_auth_seq_align_end       366 
# 
loop_
_struct_ref_seq_dif.align_id 
_struct_ref_seq_dif.pdbx_pdb_id_code 
_struct_ref_seq_dif.mon_id 
_struct_ref_seq_dif.pdbx_pdb_strand_id 
_struct_ref_seq_dif.seq_num 
_struct_ref_seq_dif.pdbx_pdb_ins_code 
_struct_ref_seq_dif.pdbx_seq_db_name 
_struct_ref_seq_dif.pdbx_seq_db_accession_code 
_struct_ref_seq_dif.db_mon_id 
_struct_ref_seq_dif.pdbx_seq_db_seq_num 
_struct_ref_seq_dif.details 
_struct_ref_seq_dif.pdbx_auth_seq_num 
_struct_ref_seq_dif.pdbx_ordinal 
1 1XMK GLY A 1 ? UNP P55265 ? ? 'cloning artifact' 288 1 
1 1XMK SER A 2 ? UNP P55265 ? ? 'cloning artifact' 289 2 
1 1XMK HIS A 3 ? UNP P55265 ? ? 'cloning artifact' 290 3 
1 1XMK MET A 4 ? UNP P55265 ? ? 'cloning artifact' 291 4 
1 1XMK ALA A 5 ? UNP P55265 ? ? 'cloning artifact' 292 5 
1 1XMK SER A 6 ? UNP P55265 ? ? 'cloning artifact' 293 6 
# 
_pdbx_struct_assembly.id                   1 
_pdbx_struct_assembly.details              author_defined_assembly 
_pdbx_struct_assembly.method_details       ? 
_pdbx_struct_assembly.oligomeric_details   monomeric 
_pdbx_struct_assembly.oligomeric_count     1 
# 
_pdbx_struct_assembly_gen.assembly_id       1 
_pdbx_struct_assembly_gen.oper_expression   1 
_pdbx_struct_assembly_gen.asym_id_list      A,B,C,D,E,F,G 
# 
_pdbx_struct_oper_list.id                   1 
_pdbx_struct_oper_list.type                 'identity operation' 
_pdbx_struct_oper_list.name                 1_555 
_pdbx_struct_oper_list.symmetry_operation   x,y,z 
_pdbx_struct_oper_list.matrix[1][1]         1.0000000000 
_pdbx_struct_oper_list.matrix[1][2]         0.0000000000 
_pdbx_struct_oper_list.matrix[1][3]         0.0000000000 
_pdbx_struct_oper_list.vector[1]            0.0000000000 
_pdbx_struct_oper_list.matrix[2][1]         0.0000000000 
_pdbx_struct_oper_list.matrix[2][2]         1.0000000000 
_pdbx_struct_oper_list.matrix[2][3]         0.0000000000 
_pdbx_struct_oper_list.vector[2]            0.0000000000 
_pdbx_struct_oper_list.matrix[3][1]         0.0000000000 
_pdbx_struct_oper_list.matrix[3][2]         0.0000000000 
_pdbx_struct_oper_list.matrix[3][3]         1.0000000000 
_pdbx_struct_oper_list.vector[3]            0.0000000000 
# 
loop_
_struct_conf.conf_type_id 
_struct_conf.id 
_struct_conf.pdbx_PDB_helix_id 
_struct_conf.beg_label_comp_id 
_struct_conf.beg_label_asym_id 
_struct_conf.beg_label_seq_id 
_struct_conf.pdbx_beg_PDB_ins_code 
_struct_conf.end_label_comp_id 
_struct_conf.end_label_asym_id 
_struct_conf.end_label_seq_id 
_struct_conf.pdbx_end_PDB_ins_code 
_struct_conf.beg_auth_comp_id 
_struct_conf.beg_auth_asym_id 
_struct_conf.beg_auth_seq_id 
_struct_conf.end_auth_comp_id 
_struct_conf.end_auth_asym_id 
_struct_conf.end_auth_seq_id 
_struct_conf.pdbx_PDB_helix_class 
_struct_conf.details 
_struct_conf.pdbx_PDB_helix_length 
HELX_P HELX_P1 1 SER A 6  ? VAL A 23 ? SER A 293 VAL A 310 1 ? 18 
HELX_P HELX_P2 2 ALA A 28 ? GLY A 36 ? ALA A 315 GLY A 323 1 ? 9  
HELX_P HELX_P3 3 LYS A 39 ? GLN A 53 ? LYS A 326 GLN A 340 1 ? 15 
HELX_P HELX_P4 4 THR A 69 ? GLU A 74 ? THR A 356 GLU A 361 1 ? 6  
# 
_struct_conf_type.id          HELX_P 
_struct_conf_type.criteria    ? 
_struct_conf_type.reference   ? 
# 
loop_
_struct_conn.id 
_struct_conn.conn_type_id 
_struct_conn.pdbx_leaving_atom_flag 
_struct_conn.pdbx_PDB_id 
_struct_conn.ptnr1_label_asym_id 
_struct_conn.ptnr1_label_comp_id 
_struct_conn.ptnr1_label_seq_id 
_struct_conn.ptnr1_label_atom_id 
_struct_conn.pdbx_ptnr1_label_alt_id 
_struct_conn.pdbx_ptnr1_PDB_ins_code 
_struct_conn.pdbx_ptnr1_standard_comp_id 
_struct_conn.ptnr1_symmetry 
_struct_conn.ptnr2_label_asym_id 
_struct_conn.ptnr2_label_comp_id 
_struct_conn.ptnr2_label_seq_id 
_struct_conn.ptnr2_label_atom_id 
_struct_conn.pdbx_ptnr2_label_alt_id 
_struct_conn.pdbx_ptnr2_PDB_ins_code 
_struct_conn.ptnr1_auth_asym_id 
_struct_conn.ptnr1_auth_comp_id 
_struct_conn.ptnr1_auth_seq_id 
_struct_conn.ptnr2_auth_asym_id 
_struct_conn.ptnr2_auth_comp_id 
_struct_conn.ptnr2_auth_seq_id 
_struct_conn.ptnr2_symmetry 
_struct_conn.pdbx_ptnr3_label_atom_id 
_struct_conn.pdbx_ptnr3_label_seq_id 
_struct_conn.pdbx_ptnr3_label_comp_id 
_struct_conn.pdbx_ptnr3_label_asym_id 
_struct_conn.pdbx_ptnr3_label_alt_id 
_struct_conn.pdbx_ptnr3_PDB_ins_code 
_struct_conn.details 
_struct_conn.pdbx_dist_value 
_struct_conn.pdbx_value_order 
_struct_conn.pdbx_role 
metalc1  metalc ? ? A GLY 1  N   ? ? ? 1_555 D NI . NI ? ? A GLY 288 A NI 398 1_555 ? ? ? ? ? ? ? 1.893 ? ? 
metalc2  metalc ? ? A SER 2  N   ? ? ? 1_555 D NI . NI ? ? A SER 289 A NI 398 1_555 ? ? ? ? ? ? ? 1.795 ? ? 
metalc3  metalc ? ? A HIS 3  N   ? ? ? 1_555 D NI . NI ? ? A HIS 290 A NI 398 1_555 ? ? ? ? ? ? ? 1.843 ? ? 
metalc4  metalc ? ? A HIS 3  ND1 ? ? ? 1_555 D NI . NI ? ? A HIS 290 A NI 398 1_555 ? ? ? ? ? ? ? 1.933 ? ? 
metalc5  metalc ? ? A GLU 14 OE2 ? ? ? 1_555 C CD . CD ? ? A GLU 301 A CD 397 1_555 ? ? ? ? ? ? ? 2.542 ? ? 
metalc6  metalc ? ? A GLU 14 OE1 ? ? ? 1_555 C CD . CD ? ? A GLU 301 A CD 397 1_555 ? ? ? ? ? ? ? 2.290 ? ? 
metalc7  metalc ? ? A CYS 17 SG  ? ? ? 1_555 B CD . CD ? ? A CYS 304 A CD 396 1_555 ? ? ? ? ? ? ? 2.508 ? ? 
metalc8  metalc ? ? A CYS 17 SG  ? ? ? 1_555 C CD . CD ? ? A CYS 304 A CD 397 1_555 ? ? ? ? ? ? ? 2.610 ? ? 
metalc9  metalc ? ? A ASP 25 OD1 ? ? ? 4_557 B CD . CD ? ? A ASP 312 A CD 396 1_555 ? ? ? ? ? ? ? 2.692 ? ? 
metalc10 metalc ? ? A ASP 25 OD2 ? ? ? 4_557 B CD . CD ? ? A ASP 312 A CD 396 1_555 ? ? ? ? ? ? ? 2.188 ? ? 
metalc11 metalc ? ? A ASP 25 OD1 ? ? ? 4_557 C CD . CD ? ? A ASP 312 A CD 397 1_555 ? ? ? ? ? ? ? 2.614 ? ? 
metalc12 metalc ? ? A HIS 67 NE2 ? ? ? 4_557 C CD . CD ? ? A HIS 354 A CD 397 1_555 ? ? ? ? ? ? ? 2.307 ? ? 
metalc13 metalc ? ? A LYS 72 NZ  ? ? ? 1_555 B CD . CD ? ? A LYS 359 A CD 396 1_555 ? ? ? ? ? ? ? 2.214 ? ? 
metalc14 metalc ? ? B CD  .  CD  ? ? ? 1_555 E CL . CL ? ? A CD  396 A CL 399 1_555 ? ? ? ? ? ? ? 2.451 ? ? 
metalc15 metalc ? ? C CD  .  CD  ? ? ? 1_555 F CL . CL ? ? A CD  397 A CL 400 1_555 ? ? ? ? ? ? ? 2.548 ? ? 
# 
_struct_conn_type.id          metalc 
_struct_conn_type.criteria    ? 
_struct_conn_type.reference   ? 
# 
loop_
_pdbx_struct_conn_angle.id 
_pdbx_struct_conn_angle.ptnr1_label_atom_id 
_pdbx_struct_conn_angle.ptnr1_label_alt_id 
_pdbx_struct_conn_angle.ptnr1_label_asym_id 
_pdbx_struct_conn_angle.ptnr1_label_comp_id 
_pdbx_struct_conn_angle.ptnr1_label_seq_id 
_pdbx_struct_conn_angle.ptnr1_auth_atom_id 
_pdbx_struct_conn_angle.ptnr1_auth_asym_id 
_pdbx_struct_conn_angle.ptnr1_auth_comp_id 
_pdbx_struct_conn_angle.ptnr1_auth_seq_id 
_pdbx_struct_conn_angle.ptnr1_PDB_ins_code 
_pdbx_struct_conn_angle.ptnr1_symmetry 
_pdbx_struct_conn_angle.ptnr2_label_atom_id 
_pdbx_struct_conn_angle.ptnr2_label_alt_id 
_pdbx_struct_conn_angle.ptnr2_label_asym_id 
_pdbx_struct_conn_angle.ptnr2_label_comp_id 
_pdbx_struct_conn_angle.ptnr2_label_seq_id 
_pdbx_struct_conn_angle.ptnr2_auth_atom_id 
_pdbx_struct_conn_angle.ptnr2_auth_asym_id 
_pdbx_struct_conn_angle.ptnr2_auth_comp_id 
_pdbx_struct_conn_angle.ptnr2_auth_seq_id 
_pdbx_struct_conn_angle.ptnr2_PDB_ins_code 
_pdbx_struct_conn_angle.ptnr2_symmetry 
_pdbx_struct_conn_angle.ptnr3_label_atom_id 
_pdbx_struct_conn_angle.ptnr3_label_alt_id 
_pdbx_struct_conn_angle.ptnr3_label_asym_id 
_pdbx_struct_conn_angle.ptnr3_label_comp_id 
_pdbx_struct_conn_angle.ptnr3_label_seq_id 
_pdbx_struct_conn_angle.ptnr3_auth_atom_id 
_pdbx_struct_conn_angle.ptnr3_auth_asym_id 
_pdbx_struct_conn_angle.ptnr3_auth_comp_id 
_pdbx_struct_conn_angle.ptnr3_auth_seq_id 
_pdbx_struct_conn_angle.ptnr3_PDB_ins_code 
_pdbx_struct_conn_angle.ptnr3_symmetry 
_pdbx_struct_conn_angle.value 
_pdbx_struct_conn_angle.value_esd 
1  N   ? A GLY 1  ? A GLY 288 ? 1_555 NI ? D NI . ? A NI 398 ? 1_555 N   ? A SER 2  ? A SER 289 ? 1_555 82.4  ? 
2  N   ? A GLY 1  ? A GLY 288 ? 1_555 NI ? D NI . ? A NI 398 ? 1_555 N   ? A HIS 3  ? A HIS 290 ? 1_555 172.2 ? 
3  N   ? A SER 2  ? A SER 289 ? 1_555 NI ? D NI . ? A NI 398 ? 1_555 N   ? A HIS 3  ? A HIS 290 ? 1_555 90.1  ? 
4  N   ? A GLY 1  ? A GLY 288 ? 1_555 NI ? D NI . ? A NI 398 ? 1_555 ND1 ? A HIS 3  ? A HIS 290 ? 1_555 94.4  ? 
5  N   ? A SER 2  ? A SER 289 ? 1_555 NI ? D NI . ? A NI 398 ? 1_555 ND1 ? A HIS 3  ? A HIS 290 ? 1_555 175.5 ? 
6  N   ? A HIS 3  ? A HIS 290 ? 1_555 NI ? D NI . ? A NI 398 ? 1_555 ND1 ? A HIS 3  ? A HIS 290 ? 1_555 93.1  ? 
7  OE2 ? A GLU 14 ? A GLU 301 ? 1_555 CD ? C CD . ? A CD 397 ? 1_555 OE1 ? A GLU 14 ? A GLU 301 ? 1_555 52.9  ? 
8  OE2 ? A GLU 14 ? A GLU 301 ? 1_555 CD ? C CD . ? A CD 397 ? 1_555 SG  ? A CYS 17 ? A CYS 304 ? 1_555 90.4  ? 
9  OE1 ? A GLU 14 ? A GLU 301 ? 1_555 CD ? C CD . ? A CD 397 ? 1_555 SG  ? A CYS 17 ? A CYS 304 ? 1_555 104.7 ? 
10 OE2 ? A GLU 14 ? A GLU 301 ? 1_555 CD ? C CD . ? A CD 397 ? 1_555 OD1 ? A ASP 25 ? A ASP 312 ? 4_557 100.5 ? 
11 OE1 ? A GLU 14 ? A GLU 301 ? 1_555 CD ? C CD . ? A CD 397 ? 1_555 OD1 ? A ASP 25 ? A ASP 312 ? 4_557 151.6 ? 
12 SG  ? A CYS 17 ? A CYS 304 ? 1_555 CD ? C CD . ? A CD 397 ? 1_555 OD1 ? A ASP 25 ? A ASP 312 ? 4_557 82.9  ? 
13 OE2 ? A GLU 14 ? A GLU 301 ? 1_555 CD ? C CD . ? A CD 397 ? 1_555 NE2 ? A HIS 67 ? A HIS 354 ? 4_557 84.8  ? 
14 OE1 ? A GLU 14 ? A GLU 301 ? 1_555 CD ? C CD . ? A CD 397 ? 1_555 NE2 ? A HIS 67 ? A HIS 354 ? 4_557 87.1  ? 
15 SG  ? A CYS 17 ? A CYS 304 ? 1_555 CD ? C CD . ? A CD 397 ? 1_555 NE2 ? A HIS 67 ? A HIS 354 ? 4_557 160.9 ? 
16 OD1 ? A ASP 25 ? A ASP 312 ? 4_557 CD ? C CD . ? A CD 397 ? 1_555 NE2 ? A HIS 67 ? A HIS 354 ? 4_557 79.8  ? 
17 OE2 ? A GLU 14 ? A GLU 301 ? 1_555 CD ? C CD . ? A CD 397 ? 1_555 CL  ? F CL  .  ? A CL  400 ? 1_555 153.1 ? 
18 OE1 ? A GLU 14 ? A GLU 301 ? 1_555 CD ? C CD . ? A CD 397 ? 1_555 CL  ? F CL  .  ? A CL  400 ? 1_555 100.4 ? 
19 SG  ? A CYS 17 ? A CYS 304 ? 1_555 CD ? C CD . ? A CD 397 ? 1_555 CL  ? F CL  .  ? A CL  400 ? 1_555 100.9 ? 
20 OD1 ? A ASP 25 ? A ASP 312 ? 4_557 CD ? C CD . ? A CD 397 ? 1_555 CL  ? F CL  .  ? A CL  400 ? 1_555 105.1 ? 
21 NE2 ? A HIS 67 ? A HIS 354 ? 4_557 CD ? C CD . ? A CD 397 ? 1_555 CL  ? F CL  .  ? A CL  400 ? 1_555 91.5  ? 
22 SG  ? A CYS 17 ? A CYS 304 ? 1_555 CD ? B CD . ? A CD 396 ? 1_555 OD1 ? A ASP 25 ? A ASP 312 ? 4_557 83.3  ? 
23 SG  ? A CYS 17 ? A CYS 304 ? 1_555 CD ? B CD . ? A CD 396 ? 1_555 OD2 ? A ASP 25 ? A ASP 312 ? 4_557 127.1 ? 
24 OD1 ? A ASP 25 ? A ASP 312 ? 4_557 CD ? B CD . ? A CD 396 ? 1_555 OD2 ? A ASP 25 ? A ASP 312 ? 4_557 52.1  ? 
25 SG  ? A CYS 17 ? A CYS 304 ? 1_555 CD ? B CD . ? A CD 396 ? 1_555 NZ  ? A LYS 72 ? A LYS 359 ? 1_555 112.5 ? 
26 OD1 ? A ASP 25 ? A ASP 312 ? 4_557 CD ? B CD . ? A CD 396 ? 1_555 NZ  ? A LYS 72 ? A LYS 359 ? 1_555 108.4 ? 
27 OD2 ? A ASP 25 ? A ASP 312 ? 4_557 CD ? B CD . ? A CD 396 ? 1_555 NZ  ? A LYS 72 ? A LYS 359 ? 1_555 108.2 ? 
28 SG  ? A CYS 17 ? A CYS 304 ? 1_555 CD ? B CD . ? A CD 396 ? 1_555 CL  ? E CL  .  ? A CL  399 ? 1_555 108.3 ? 
29 OD1 ? A ASP 25 ? A ASP 312 ? 4_557 CD ? B CD . ? A CD 396 ? 1_555 CL  ? E CL  .  ? A CL  399 ? 1_555 146.9 ? 
30 OD2 ? A ASP 25 ? A ASP 312 ? 4_557 CD ? B CD . ? A CD 396 ? 1_555 CL  ? E CL  .  ? A CL  399 ? 1_555 99.6  ? 
31 NZ  ? A LYS 72 ? A LYS 359 ? 1_555 CD ? B CD . ? A CD 396 ? 1_555 CL  ? E CL  .  ? A CL  399 ? 1_555 95.9  ? 
# 
_struct_mon_prot_cis.pdbx_id                1 
_struct_mon_prot_cis.label_comp_id          THR 
_struct_mon_prot_cis.label_seq_id           62 
_struct_mon_prot_cis.label_asym_id          A 
_struct_mon_prot_cis.label_alt_id           . 
_struct_mon_prot_cis.pdbx_PDB_ins_code      ? 
_struct_mon_prot_cis.auth_comp_id           THR 
_struct_mon_prot_cis.auth_seq_id            349 
_struct_mon_prot_cis.auth_asym_id           A 
_struct_mon_prot_cis.pdbx_label_comp_id_2   PRO 
_struct_mon_prot_cis.pdbx_label_seq_id_2    63 
_struct_mon_prot_cis.pdbx_label_asym_id_2   A 
_struct_mon_prot_cis.pdbx_PDB_ins_code_2    ? 
_struct_mon_prot_cis.pdbx_auth_comp_id_2    PRO 
_struct_mon_prot_cis.pdbx_auth_seq_id_2     350 
_struct_mon_prot_cis.pdbx_auth_asym_id_2    A 
_struct_mon_prot_cis.pdbx_PDB_model_num     1 
_struct_mon_prot_cis.pdbx_omega_angle       -6.78 
# 
_struct_sheet.id               A 
_struct_sheet.type             ? 
_struct_sheet.number_strands   3 
_struct_sheet.details          ? 
# 
loop_
_struct_sheet_order.sheet_id 
_struct_sheet_order.range_id_1 
_struct_sheet_order.range_id_2 
_struct_sheet_order.offset 
_struct_sheet_order.sense 
A 1 2 ? anti-parallel 
A 2 3 ? anti-parallel 
# 
loop_
_struct_sheet_range.sheet_id 
_struct_sheet_range.id 
_struct_sheet_range.beg_label_comp_id 
_struct_sheet_range.beg_label_asym_id 
_struct_sheet_range.beg_label_seq_id 
_struct_sheet_range.pdbx_beg_PDB_ins_code 
_struct_sheet_range.end_label_comp_id 
_struct_sheet_range.end_label_asym_id 
_struct_sheet_range.end_label_seq_id 
_struct_sheet_range.pdbx_end_PDB_ins_code 
_struct_sheet_range.beg_auth_comp_id 
_struct_sheet_range.beg_auth_asym_id 
_struct_sheet_range.beg_auth_seq_id 
_struct_sheet_range.end_auth_comp_id 
_struct_sheet_range.end_auth_asym_id 
_struct_sheet_range.end_auth_seq_id 
A 1 SER A 26 ? SER A 27 ? SER A 313 SER A 314 
A 2 ILE A 65 ? LEU A 68 ? ILE A 352 LEU A 355 
A 3 VAL A 56 ? GLN A 59 ? VAL A 343 GLN A 346 
# 
loop_
_pdbx_struct_sheet_hbond.sheet_id 
_pdbx_struct_sheet_hbond.range_id_1 
_pdbx_struct_sheet_hbond.range_id_2 
_pdbx_struct_sheet_hbond.range_1_label_atom_id 
_pdbx_struct_sheet_hbond.range_1_label_comp_id 
_pdbx_struct_sheet_hbond.range_1_label_asym_id 
_pdbx_struct_sheet_hbond.range_1_label_seq_id 
_pdbx_struct_sheet_hbond.range_1_PDB_ins_code 
_pdbx_struct_sheet_hbond.range_1_auth_atom_id 
_pdbx_struct_sheet_hbond.range_1_auth_comp_id 
_pdbx_struct_sheet_hbond.range_1_auth_asym_id 
_pdbx_struct_sheet_hbond.range_1_auth_seq_id 
_pdbx_struct_sheet_hbond.range_2_label_atom_id 
_pdbx_struct_sheet_hbond.range_2_label_comp_id 
_pdbx_struct_sheet_hbond.range_2_label_asym_id 
_pdbx_struct_sheet_hbond.range_2_label_seq_id 
_pdbx_struct_sheet_hbond.range_2_PDB_ins_code 
_pdbx_struct_sheet_hbond.range_2_auth_atom_id 
_pdbx_struct_sheet_hbond.range_2_auth_comp_id 
_pdbx_struct_sheet_hbond.range_2_auth_asym_id 
_pdbx_struct_sheet_hbond.range_2_auth_seq_id 
A 1 2 N SER A 26 ? N SER A 313 O TRP A 66 ? O TRP A 353 
A 2 3 O HIS A 67 ? O HIS A 354 N TYR A 57 ? N TYR A 344 
# 
loop_
_struct_site.id 
_struct_site.pdbx_evidence_code 
_struct_site.pdbx_auth_asym_id 
_struct_site.pdbx_auth_comp_id 
_struct_site.pdbx_auth_seq_id 
_struct_site.pdbx_auth_ins_code 
_struct_site.pdbx_num_residues 
_struct_site.details 
AC1 Software A CD 396 ? 5 'BINDING SITE FOR RESIDUE CD A 396' 
AC2 Software A CD 397 ? 7 'BINDING SITE FOR RESIDUE CD A 397' 
AC3 Software A NI 398 ? 3 'BINDING SITE FOR RESIDUE NI A 398' 
AC4 Software A CL 399 ? 5 'BINDING SITE FOR RESIDUE CL A 399' 
AC5 Software A CL 400 ? 3 'BINDING SITE FOR RESIDUE CL A 400' 
# 
loop_
_struct_site_gen.id 
_struct_site_gen.site_id 
_struct_site_gen.pdbx_num_res 
_struct_site_gen.label_comp_id 
_struct_site_gen.label_asym_id 
_struct_site_gen.label_seq_id 
_struct_site_gen.pdbx_auth_ins_code 
_struct_site_gen.auth_comp_id 
_struct_site_gen.auth_asym_id 
_struct_site_gen.auth_seq_id 
_struct_site_gen.label_atom_id 
_struct_site_gen.label_alt_id 
_struct_site_gen.symmetry 
_struct_site_gen.details 
1  AC1 5 CYS A 17 ? CYS A 304 . ? 1_555 ? 
2  AC1 5 ASP A 25 ? ASP A 312 . ? 4_557 ? 
3  AC1 5 LYS A 72 ? LYS A 359 . ? 1_555 ? 
4  AC1 5 CD  C .  ? CD  A 397 . ? 1_555 ? 
5  AC1 5 CL  E .  ? CL  A 399 . ? 1_555 ? 
6  AC2 7 GLU A 14 ? GLU A 301 . ? 1_555 ? 
7  AC2 7 CYS A 17 ? CYS A 304 . ? 1_555 ? 
8  AC2 7 ASP A 25 ? ASP A 312 . ? 4_557 ? 
9  AC2 7 ARG A 41 ? ARG A 328 . ? 2_565 ? 
10 AC2 7 HIS A 67 ? HIS A 354 . ? 4_557 ? 
11 AC2 7 CD  B .  ? CD  A 396 . ? 1_555 ? 
12 AC2 7 CL  F .  ? CL  A 400 . ? 1_555 ? 
13 AC3 3 GLY A 1  ? GLY A 288 . ? 1_555 ? 
14 AC3 3 SER A 2  ? SER A 289 . ? 1_555 ? 
15 AC3 3 HIS A 3  ? HIS A 290 . ? 1_555 ? 
16 AC4 5 LYS A 13 ? LYS A 300 . ? 1_555 ? 
17 AC4 5 CYS A 17 ? CYS A 304 . ? 1_555 ? 
18 AC4 5 ASP A 25 ? ASP A 312 . ? 4_557 ? 
19 AC4 5 LYS A 72 ? LYS A 359 . ? 1_555 ? 
20 AC4 5 CD  B .  ? CD  A 396 . ? 1_555 ? 
21 AC5 3 ARG A 41 ? ARG A 328 . ? 2_565 ? 
22 AC5 3 HIS A 67 ? HIS A 354 . ? 4_557 ? 
23 AC5 3 CD  C .  ? CD  A 397 . ? 1_555 ? 
# 
loop_
_pdbx_validate_rmsd_angle.id 
_pdbx_validate_rmsd_angle.PDB_model_num 
_pdbx_validate_rmsd_angle.auth_atom_id_1 
_pdbx_validate_rmsd_angle.auth_asym_id_1 
_pdbx_validate_rmsd_angle.auth_comp_id_1 
_pdbx_validate_rmsd_angle.auth_seq_id_1 
_pdbx_validate_rmsd_angle.PDB_ins_code_1 
_pdbx_validate_rmsd_angle.label_alt_id_1 
_pdbx_validate_rmsd_angle.auth_atom_id_2 
_pdbx_validate_rmsd_angle.auth_asym_id_2 
_pdbx_validate_rmsd_angle.auth_comp_id_2 
_pdbx_validate_rmsd_angle.auth_seq_id_2 
_pdbx_validate_rmsd_angle.PDB_ins_code_2 
_pdbx_validate_rmsd_angle.label_alt_id_2 
_pdbx_validate_rmsd_angle.auth_atom_id_3 
_pdbx_validate_rmsd_angle.auth_asym_id_3 
_pdbx_validate_rmsd_angle.auth_comp_id_3 
_pdbx_validate_rmsd_angle.auth_seq_id_3 
_pdbx_validate_rmsd_angle.PDB_ins_code_3 
_pdbx_validate_rmsd_angle.label_alt_id_3 
_pdbx_validate_rmsd_angle.angle_value 
_pdbx_validate_rmsd_angle.angle_target_value 
_pdbx_validate_rmsd_angle.angle_deviation 
_pdbx_validate_rmsd_angle.angle_standard_deviation 
_pdbx_validate_rmsd_angle.linker_flag 
1  1 CB  A ASP 295 ? ? CG A ASP 295 ? ? OD2 A ASP 295 ? ? 108.62 118.30 -9.68  0.90 N 
2  1 OE1 A GLU 298 ? ? CD A GLU 298 ? ? OE2 A GLU 298 ? ? 115.26 123.30 -8.04  1.20 N 
3  1 N   A SER 311 ? ? CA A SER 311 ? ? CB  A SER 311 ? ? 120.27 110.50 9.77   1.50 N 
4  1 CG  A ARG 328 ? B CD A ARG 328 ? B NE  A ARG 328 ? B 128.75 111.80 16.95  2.10 N 
5  1 CD  A ARG 328 ? B NE A ARG 328 ? B CZ  A ARG 328 ? B 136.82 123.60 13.22  1.40 N 
6  1 NH1 A ARG 328 ? B CZ A ARG 328 ? B NH2 A ARG 328 ? B 111.26 119.40 -8.14  1.10 N 
7  1 NE  A ARG 328 ? B CZ A ARG 328 ? B NH1 A ARG 328 ? B 134.55 120.30 14.25  0.50 N 
8  1 NE  A ARG 328 ? B CZ A ARG 328 ? B NH2 A ARG 328 ? B 114.19 120.30 -6.11  0.50 N 
9  1 NE  A ARG 339 ? ? CZ A ARG 339 ? ? NH1 A ARG 339 ? ? 116.50 120.30 -3.80  0.50 N 
10 1 NE  A ARG 339 ? ? CZ A ARG 339 ? ? NH2 A ARG 339 ? ? 124.72 120.30 4.42   0.50 N 
11 1 NE  A ARG 345 ? ? CZ A ARG 345 ? ? NH2 A ARG 345 ? ? 116.27 120.30 -4.03  0.50 N 
12 1 CB  A ASP 357 ? ? CG A ASP 357 ? ? OD2 A ASP 357 ? ? 124.44 118.30 6.14   0.90 N 
13 1 NE  A ARG 360 ? ? CZ A ARG 360 ? ? NH1 A ARG 360 ? ? 125.05 120.30 4.75   0.50 N 
14 1 NE  A ARG 360 ? ? CZ A ARG 360 ? ? NH2 A ARG 360 ? ? 115.13 120.30 -5.17  0.50 N 
15 1 CD  A ARG 362 ? ? NE A ARG 362 ? ? CZ  A ARG 362 ? ? 152.90 123.60 29.30  1.40 N 
16 1 NH1 A ARG 362 ? ? CZ A ARG 362 ? ? NH2 A ARG 362 ? ? 126.46 119.40 7.06   1.10 N 
17 1 NE  A ARG 362 ? ? CZ A ARG 362 ? ? NH2 A ARG 362 ? ? 111.69 120.30 -8.61  0.50 N 
18 1 CA  A LYS 366 ? ? C  A LYS 366 ? ? O   A LYS 366 ? ? 104.08 120.10 -16.02 2.10 N 
# 
loop_
_pdbx_validate_torsion.id 
_pdbx_validate_torsion.PDB_model_num 
_pdbx_validate_torsion.auth_comp_id 
_pdbx_validate_torsion.auth_asym_id 
_pdbx_validate_torsion.auth_seq_id 
_pdbx_validate_torsion.PDB_ins_code 
_pdbx_validate_torsion.label_alt_id 
_pdbx_validate_torsion.phi 
_pdbx_validate_torsion.psi 
1 1 SER A 289 ? ? -160.91 -11.74 
2 1 HIS A 290 ? ? -91.52  54.97  
3 1 VAL A 310 ? ? -107.64 -78.63 
# 
loop_
_chem_comp_atom.comp_id 
_chem_comp_atom.atom_id 
_chem_comp_atom.type_symbol 
_chem_comp_atom.pdbx_aromatic_flag 
_chem_comp_atom.pdbx_stereo_config 
_chem_comp_atom.pdbx_ordinal 
ALA N    N  N N 1   
ALA CA   C  N S 2   
ALA C    C  N N 3   
ALA O    O  N N 4   
ALA CB   C  N N 5   
ALA OXT  O  N N 6   
ALA H    H  N N 7   
ALA H2   H  N N 8   
ALA HA   H  N N 9   
ALA HB1  H  N N 10  
ALA HB2  H  N N 11  
ALA HB3  H  N N 12  
ALA HXT  H  N N 13  
ARG N    N  N N 14  
ARG CA   C  N S 15  
ARG C    C  N N 16  
ARG O    O  N N 17  
ARG CB   C  N N 18  
ARG CG   C  N N 19  
ARG CD   C  N N 20  
ARG NE   N  N N 21  
ARG CZ   C  N N 22  
ARG NH1  N  N N 23  
ARG NH2  N  N N 24  
ARG OXT  O  N N 25  
ARG H    H  N N 26  
ARG H2   H  N N 27  
ARG HA   H  N N 28  
ARG HB2  H  N N 29  
ARG HB3  H  N N 30  
ARG HG2  H  N N 31  
ARG HG3  H  N N 32  
ARG HD2  H  N N 33  
ARG HD3  H  N N 34  
ARG HE   H  N N 35  
ARG HH11 H  N N 36  
ARG HH12 H  N N 37  
ARG HH21 H  N N 38  
ARG HH22 H  N N 39  
ARG HXT  H  N N 40  
ASN N    N  N N 41  
ASN CA   C  N S 42  
ASN C    C  N N 43  
ASN O    O  N N 44  
ASN CB   C  N N 45  
ASN CG   C  N N 46  
ASN OD1  O  N N 47  
ASN ND2  N  N N 48  
ASN OXT  O  N N 49  
ASN H    H  N N 50  
ASN H2   H  N N 51  
ASN HA   H  N N 52  
ASN HB2  H  N N 53  
ASN HB3  H  N N 54  
ASN HD21 H  N N 55  
ASN HD22 H  N N 56  
ASN HXT  H  N N 57  
ASP N    N  N N 58  
ASP CA   C  N S 59  
ASP C    C  N N 60  
ASP O    O  N N 61  
ASP CB   C  N N 62  
ASP CG   C  N N 63  
ASP OD1  O  N N 64  
ASP OD2  O  N N 65  
ASP OXT  O  N N 66  
ASP H    H  N N 67  
ASP H2   H  N N 68  
ASP HA   H  N N 69  
ASP HB2  H  N N 70  
ASP HB3  H  N N 71  
ASP HD2  H  N N 72  
ASP HXT  H  N N 73  
CD  CD   CD N N 74  
CL  CL   CL N N 75  
CYS N    N  N N 76  
CYS CA   C  N R 77  
CYS C    C  N N 78  
CYS O    O  N N 79  
CYS CB   C  N N 80  
CYS SG   S  N N 81  
CYS OXT  O  N N 82  
CYS H    H  N N 83  
CYS H2   H  N N 84  
CYS HA   H  N N 85  
CYS HB2  H  N N 86  
CYS HB3  H  N N 87  
CYS HG   H  N N 88  
CYS HXT  H  N N 89  
GLN N    N  N N 90  
GLN CA   C  N S 91  
GLN C    C  N N 92  
GLN O    O  N N 93  
GLN CB   C  N N 94  
GLN CG   C  N N 95  
GLN CD   C  N N 96  
GLN OE1  O  N N 97  
GLN NE2  N  N N 98  
GLN OXT  O  N N 99  
GLN H    H  N N 100 
GLN H2   H  N N 101 
GLN HA   H  N N 102 
GLN HB2  H  N N 103 
GLN HB3  H  N N 104 
GLN HG2  H  N N 105 
GLN HG3  H  N N 106 
GLN HE21 H  N N 107 
GLN HE22 H  N N 108 
GLN HXT  H  N N 109 
GLU N    N  N N 110 
GLU CA   C  N S 111 
GLU C    C  N N 112 
GLU O    O  N N 113 
GLU CB   C  N N 114 
GLU CG   C  N N 115 
GLU CD   C  N N 116 
GLU OE1  O  N N 117 
GLU OE2  O  N N 118 
GLU OXT  O  N N 119 
GLU H    H  N N 120 
GLU H2   H  N N 121 
GLU HA   H  N N 122 
GLU HB2  H  N N 123 
GLU HB3  H  N N 124 
GLU HG2  H  N N 125 
GLU HG3  H  N N 126 
GLU HE2  H  N N 127 
GLU HXT  H  N N 128 
GLY N    N  N N 129 
GLY CA   C  N N 130 
GLY C    C  N N 131 
GLY O    O  N N 132 
GLY OXT  O  N N 133 
GLY H    H  N N 134 
GLY H2   H  N N 135 
GLY HA2  H  N N 136 
GLY HA3  H  N N 137 
GLY HXT  H  N N 138 
HIS N    N  N N 139 
HIS CA   C  N S 140 
HIS C    C  N N 141 
HIS O    O  N N 142 
HIS CB   C  N N 143 
HIS CG   C  Y N 144 
HIS ND1  N  Y N 145 
HIS CD2  C  Y N 146 
HIS CE1  C  Y N 147 
HIS NE2  N  Y N 148 
HIS OXT  O  N N 149 
HIS H    H  N N 150 
HIS H2   H  N N 151 
HIS HA   H  N N 152 
HIS HB2  H  N N 153 
HIS HB3  H  N N 154 
HIS HD1  H  N N 155 
HIS HD2  H  N N 156 
HIS HE1  H  N N 157 
HIS HE2  H  N N 158 
HIS HXT  H  N N 159 
HOH O    O  N N 160 
HOH H1   H  N N 161 
HOH H2   H  N N 162 
ILE N    N  N N 163 
ILE CA   C  N S 164 
ILE C    C  N N 165 
ILE O    O  N N 166 
ILE CB   C  N S 167 
ILE CG1  C  N N 168 
ILE CG2  C  N N 169 
ILE CD1  C  N N 170 
ILE OXT  O  N N 171 
ILE H    H  N N 172 
ILE H2   H  N N 173 
ILE HA   H  N N 174 
ILE HB   H  N N 175 
ILE HG12 H  N N 176 
ILE HG13 H  N N 177 
ILE HG21 H  N N 178 
ILE HG22 H  N N 179 
ILE HG23 H  N N 180 
ILE HD11 H  N N 181 
ILE HD12 H  N N 182 
ILE HD13 H  N N 183 
ILE HXT  H  N N 184 
LEU N    N  N N 185 
LEU CA   C  N S 186 
LEU C    C  N N 187 
LEU O    O  N N 188 
LEU CB   C  N N 189 
LEU CG   C  N N 190 
LEU CD1  C  N N 191 
LEU CD2  C  N N 192 
LEU OXT  O  N N 193 
LEU H    H  N N 194 
LEU H2   H  N N 195 
LEU HA   H  N N 196 
LEU HB2  H  N N 197 
LEU HB3  H  N N 198 
LEU HG   H  N N 199 
LEU HD11 H  N N 200 
LEU HD12 H  N N 201 
LEU HD13 H  N N 202 
LEU HD21 H  N N 203 
LEU HD22 H  N N 204 
LEU HD23 H  N N 205 
LEU HXT  H  N N 206 
LYS N    N  N N 207 
LYS CA   C  N S 208 
LYS C    C  N N 209 
LYS O    O  N N 210 
LYS CB   C  N N 211 
LYS CG   C  N N 212 
LYS CD   C  N N 213 
LYS CE   C  N N 214 
LYS NZ   N  N N 215 
LYS OXT  O  N N 216 
LYS H    H  N N 217 
LYS H2   H  N N 218 
LYS HA   H  N N 219 
LYS HB2  H  N N 220 
LYS HB3  H  N N 221 
LYS HG2  H  N N 222 
LYS HG3  H  N N 223 
LYS HD2  H  N N 224 
LYS HD3  H  N N 225 
LYS HE2  H  N N 226 
LYS HE3  H  N N 227 
LYS HZ1  H  N N 228 
LYS HZ2  H  N N 229 
LYS HZ3  H  N N 230 
LYS HXT  H  N N 231 
MET N    N  N N 232 
MET CA   C  N S 233 
MET C    C  N N 234 
MET O    O  N N 235 
MET CB   C  N N 236 
MET CG   C  N N 237 
MET SD   S  N N 238 
MET CE   C  N N 239 
MET OXT  O  N N 240 
MET H    H  N N 241 
MET H2   H  N N 242 
MET HA   H  N N 243 
MET HB2  H  N N 244 
MET HB3  H  N N 245 
MET HG2  H  N N 246 
MET HG3  H  N N 247 
MET HE1  H  N N 248 
MET HE2  H  N N 249 
MET HE3  H  N N 250 
MET HXT  H  N N 251 
NI  NI   NI N N 252 
PHE N    N  N N 253 
PHE CA   C  N S 254 
PHE C    C  N N 255 
PHE O    O  N N 256 
PHE CB   C  N N 257 
PHE CG   C  Y N 258 
PHE CD1  C  Y N 259 
PHE CD2  C  Y N 260 
PHE CE1  C  Y N 261 
PHE CE2  C  Y N 262 
PHE CZ   C  Y N 263 
PHE OXT  O  N N 264 
PHE H    H  N N 265 
PHE H2   H  N N 266 
PHE HA   H  N N 267 
PHE HB2  H  N N 268 
PHE HB3  H  N N 269 
PHE HD1  H  N N 270 
PHE HD2  H  N N 271 
PHE HE1  H  N N 272 
PHE HE2  H  N N 273 
PHE HZ   H  N N 274 
PHE HXT  H  N N 275 
PRO N    N  N N 276 
PRO CA   C  N S 277 
PRO C    C  N N 278 
PRO O    O  N N 279 
PRO CB   C  N N 280 
PRO CG   C  N N 281 
PRO CD   C  N N 282 
PRO OXT  O  N N 283 
PRO H    H  N N 284 
PRO HA   H  N N 285 
PRO HB2  H  N N 286 
PRO HB3  H  N N 287 
PRO HG2  H  N N 288 
PRO HG3  H  N N 289 
PRO HD2  H  N N 290 
PRO HD3  H  N N 291 
PRO HXT  H  N N 292 
SER N    N  N N 293 
SER CA   C  N S 294 
SER C    C  N N 295 
SER O    O  N N 296 
SER CB   C  N N 297 
SER OG   O  N N 298 
SER OXT  O  N N 299 
SER H    H  N N 300 
SER H2   H  N N 301 
SER HA   H  N N 302 
SER HB2  H  N N 303 
SER HB3  H  N N 304 
SER HG   H  N N 305 
SER HXT  H  N N 306 
THR N    N  N N 307 
THR CA   C  N S 308 
THR C    C  N N 309 
THR O    O  N N 310 
THR CB   C  N R 311 
THR OG1  O  N N 312 
THR CG2  C  N N 313 
THR OXT  O  N N 314 
THR H    H  N N 315 
THR H2   H  N N 316 
THR HA   H  N N 317 
THR HB   H  N N 318 
THR HG1  H  N N 319 
THR HG21 H  N N 320 
THR HG22 H  N N 321 
THR HG23 H  N N 322 
THR HXT  H  N N 323 
TRP N    N  N N 324 
TRP CA   C  N S 325 
TRP C    C  N N 326 
TRP O    O  N N 327 
TRP CB   C  N N 328 
TRP CG   C  Y N 329 
TRP CD1  C  Y N 330 
TRP CD2  C  Y N 331 
TRP NE1  N  Y N 332 
TRP CE2  C  Y N 333 
TRP CE3  C  Y N 334 
TRP CZ2  C  Y N 335 
TRP CZ3  C  Y N 336 
TRP CH2  C  Y N 337 
TRP OXT  O  N N 338 
TRP H    H  N N 339 
TRP H2   H  N N 340 
TRP HA   H  N N 341 
TRP HB2  H  N N 342 
TRP HB3  H  N N 343 
TRP HD1  H  N N 344 
TRP HE1  H  N N 345 
TRP HE3  H  N N 346 
TRP HZ2  H  N N 347 
TRP HZ3  H  N N 348 
TRP HH2  H  N N 349 
TRP HXT  H  N N 350 
TYR N    N  N N 351 
TYR CA   C  N S 352 
TYR C    C  N N 353 
TYR O    O  N N 354 
TYR CB   C  N N 355 
TYR CG   C  Y N 356 
TYR CD1  C  Y N 357 
TYR CD2  C  Y N 358 
TYR CE1  C  Y N 359 
TYR CE2  C  Y N 360 
TYR CZ   C  Y N 361 
TYR OH   O  N N 362 
TYR OXT  O  N N 363 
TYR H    H  N N 364 
TYR H2   H  N N 365 
TYR HA   H  N N 366 
TYR HB2  H  N N 367 
TYR HB3  H  N N 368 
TYR HD1  H  N N 369 
TYR HD2  H  N N 370 
TYR HE1  H  N N 371 
TYR HE2  H  N N 372 
TYR HH   H  N N 373 
TYR HXT  H  N N 374 
VAL N    N  N N 375 
VAL CA   C  N S 376 
VAL C    C  N N 377 
VAL O    O  N N 378 
VAL CB   C  N N 379 
VAL CG1  C  N N 380 
VAL CG2  C  N N 381 
VAL OXT  O  N N 382 
VAL H    H  N N 383 
VAL H2   H  N N 384 
VAL HA   H  N N 385 
VAL HB   H  N N 386 
VAL HG11 H  N N 387 
VAL HG12 H  N N 388 
VAL HG13 H  N N 389 
VAL HG21 H  N N 390 
VAL HG22 H  N N 391 
VAL HG23 H  N N 392 
VAL HXT  H  N N 393 
# 
loop_
_chem_comp_bond.comp_id 
_chem_comp_bond.atom_id_1 
_chem_comp_bond.atom_id_2 
_chem_comp_bond.value_order 
_chem_comp_bond.pdbx_aromatic_flag 
_chem_comp_bond.pdbx_stereo_config 
_chem_comp_bond.pdbx_ordinal 
ALA N   CA   sing N N 1   
ALA N   H    sing N N 2   
ALA N   H2   sing N N 3   
ALA CA  C    sing N N 4   
ALA CA  CB   sing N N 5   
ALA CA  HA   sing N N 6   
ALA C   O    doub N N 7   
ALA C   OXT  sing N N 8   
ALA CB  HB1  sing N N 9   
ALA CB  HB2  sing N N 10  
ALA CB  HB3  sing N N 11  
ALA OXT HXT  sing N N 12  
ARG N   CA   sing N N 13  
ARG N   H    sing N N 14  
ARG N   H2   sing N N 15  
ARG CA  C    sing N N 16  
ARG CA  CB   sing N N 17  
ARG CA  HA   sing N N 18  
ARG C   O    doub N N 19  
ARG C   OXT  sing N N 20  
ARG CB  CG   sing N N 21  
ARG CB  HB2  sing N N 22  
ARG CB  HB3  sing N N 23  
ARG CG  CD   sing N N 24  
ARG CG  HG2  sing N N 25  
ARG CG  HG3  sing N N 26  
ARG CD  NE   sing N N 27  
ARG CD  HD2  sing N N 28  
ARG CD  HD3  sing N N 29  
ARG NE  CZ   sing N N 30  
ARG NE  HE   sing N N 31  
ARG CZ  NH1  sing N N 32  
ARG CZ  NH2  doub N N 33  
ARG NH1 HH11 sing N N 34  
ARG NH1 HH12 sing N N 35  
ARG NH2 HH21 sing N N 36  
ARG NH2 HH22 sing N N 37  
ARG OXT HXT  sing N N 38  
ASN N   CA   sing N N 39  
ASN N   H    sing N N 40  
ASN N   H2   sing N N 41  
ASN CA  C    sing N N 42  
ASN CA  CB   sing N N 43  
ASN CA  HA   sing N N 44  
ASN C   O    doub N N 45  
ASN C   OXT  sing N N 46  
ASN CB  CG   sing N N 47  
ASN CB  HB2  sing N N 48  
ASN CB  HB3  sing N N 49  
ASN CG  OD1  doub N N 50  
ASN CG  ND2  sing N N 51  
ASN ND2 HD21 sing N N 52  
ASN ND2 HD22 sing N N 53  
ASN OXT HXT  sing N N 54  
ASP N   CA   sing N N 55  
ASP N   H    sing N N 56  
ASP N   H2   sing N N 57  
ASP CA  C    sing N N 58  
ASP CA  CB   sing N N 59  
ASP CA  HA   sing N N 60  
ASP C   O    doub N N 61  
ASP C   OXT  sing N N 62  
ASP CB  CG   sing N N 63  
ASP CB  HB2  sing N N 64  
ASP CB  HB3  sing N N 65  
ASP CG  OD1  doub N N 66  
ASP CG  OD2  sing N N 67  
ASP OD2 HD2  sing N N 68  
ASP OXT HXT  sing N N 69  
CYS N   CA   sing N N 70  
CYS N   H    sing N N 71  
CYS N   H2   sing N N 72  
CYS CA  C    sing N N 73  
CYS CA  CB   sing N N 74  
CYS CA  HA   sing N N 75  
CYS C   O    doub N N 76  
CYS C   OXT  sing N N 77  
CYS CB  SG   sing N N 78  
CYS CB  HB2  sing N N 79  
CYS CB  HB3  sing N N 80  
CYS SG  HG   sing N N 81  
CYS OXT HXT  sing N N 82  
GLN N   CA   sing N N 83  
GLN N   H    sing N N 84  
GLN N   H2   sing N N 85  
GLN CA  C    sing N N 86  
GLN CA  CB   sing N N 87  
GLN CA  HA   sing N N 88  
GLN C   O    doub N N 89  
GLN C   OXT  sing N N 90  
GLN CB  CG   sing N N 91  
GLN CB  HB2  sing N N 92  
GLN CB  HB3  sing N N 93  
GLN CG  CD   sing N N 94  
GLN CG  HG2  sing N N 95  
GLN CG  HG3  sing N N 96  
GLN CD  OE1  doub N N 97  
GLN CD  NE2  sing N N 98  
GLN NE2 HE21 sing N N 99  
GLN NE2 HE22 sing N N 100 
GLN OXT HXT  sing N N 101 
GLU N   CA   sing N N 102 
GLU N   H    sing N N 103 
GLU N   H2   sing N N 104 
GLU CA  C    sing N N 105 
GLU CA  CB   sing N N 106 
GLU CA  HA   sing N N 107 
GLU C   O    doub N N 108 
GLU C   OXT  sing N N 109 
GLU CB  CG   sing N N 110 
GLU CB  HB2  sing N N 111 
GLU CB  HB3  sing N N 112 
GLU CG  CD   sing N N 113 
GLU CG  HG2  sing N N 114 
GLU CG  HG3  sing N N 115 
GLU CD  OE1  doub N N 116 
GLU CD  OE2  sing N N 117 
GLU OE2 HE2  sing N N 118 
GLU OXT HXT  sing N N 119 
GLY N   CA   sing N N 120 
GLY N   H    sing N N 121 
GLY N   H2   sing N N 122 
GLY CA  C    sing N N 123 
GLY CA  HA2  sing N N 124 
GLY CA  HA3  sing N N 125 
GLY C   O    doub N N 126 
GLY C   OXT  sing N N 127 
GLY OXT HXT  sing N N 128 
HIS N   CA   sing N N 129 
HIS N   H    sing N N 130 
HIS N   H2   sing N N 131 
HIS CA  C    sing N N 132 
HIS CA  CB   sing N N 133 
HIS CA  HA   sing N N 134 
HIS C   O    doub N N 135 
HIS C   OXT  sing N N 136 
HIS CB  CG   sing N N 137 
HIS CB  HB2  sing N N 138 
HIS CB  HB3  sing N N 139 
HIS CG  ND1  sing Y N 140 
HIS CG  CD2  doub Y N 141 
HIS ND1 CE1  doub Y N 142 
HIS ND1 HD1  sing N N 143 
HIS CD2 NE2  sing Y N 144 
HIS CD2 HD2  sing N N 145 
HIS CE1 NE2  sing Y N 146 
HIS CE1 HE1  sing N N 147 
HIS NE2 HE2  sing N N 148 
HIS OXT HXT  sing N N 149 
HOH O   H1   sing N N 150 
HOH O   H2   sing N N 151 
ILE N   CA   sing N N 152 
ILE N   H    sing N N 153 
ILE N   H2   sing N N 154 
ILE CA  C    sing N N 155 
ILE CA  CB   sing N N 156 
ILE CA  HA   sing N N 157 
ILE C   O    doub N N 158 
ILE C   OXT  sing N N 159 
ILE CB  CG1  sing N N 160 
ILE CB  CG2  sing N N 161 
ILE CB  HB   sing N N 162 
ILE CG1 CD1  sing N N 163 
ILE CG1 HG12 sing N N 164 
ILE CG1 HG13 sing N N 165 
ILE CG2 HG21 sing N N 166 
ILE CG2 HG22 sing N N 167 
ILE CG2 HG23 sing N N 168 
ILE CD1 HD11 sing N N 169 
ILE CD1 HD12 sing N N 170 
ILE CD1 HD13 sing N N 171 
ILE OXT HXT  sing N N 172 
LEU N   CA   sing N N 173 
LEU N   H    sing N N 174 
LEU N   H2   sing N N 175 
LEU CA  C    sing N N 176 
LEU CA  CB   sing N N 177 
LEU CA  HA   sing N N 178 
LEU C   O    doub N N 179 
LEU C   OXT  sing N N 180 
LEU CB  CG   sing N N 181 
LEU CB  HB2  sing N N 182 
LEU CB  HB3  sing N N 183 
LEU CG  CD1  sing N N 184 
LEU CG  CD2  sing N N 185 
LEU CG  HG   sing N N 186 
LEU CD1 HD11 sing N N 187 
LEU CD1 HD12 sing N N 188 
LEU CD1 HD13 sing N N 189 
LEU CD2 HD21 sing N N 190 
LEU CD2 HD22 sing N N 191 
LEU CD2 HD23 sing N N 192 
LEU OXT HXT  sing N N 193 
LYS N   CA   sing N N 194 
LYS N   H    sing N N 195 
LYS N   H2   sing N N 196 
LYS CA  C    sing N N 197 
LYS CA  CB   sing N N 198 
LYS CA  HA   sing N N 199 
LYS C   O    doub N N 200 
LYS C   OXT  sing N N 201 
LYS CB  CG   sing N N 202 
LYS CB  HB2  sing N N 203 
LYS CB  HB3  sing N N 204 
LYS CG  CD   sing N N 205 
LYS CG  HG2  sing N N 206 
LYS CG  HG3  sing N N 207 
LYS CD  CE   sing N N 208 
LYS CD  HD2  sing N N 209 
LYS CD  HD3  sing N N 210 
LYS CE  NZ   sing N N 211 
LYS CE  HE2  sing N N 212 
LYS CE  HE3  sing N N 213 
LYS NZ  HZ1  sing N N 214 
LYS NZ  HZ2  sing N N 215 
LYS NZ  HZ3  sing N N 216 
LYS OXT HXT  sing N N 217 
MET N   CA   sing N N 218 
MET N   H    sing N N 219 
MET N   H2   sing N N 220 
MET CA  C    sing N N 221 
MET CA  CB   sing N N 222 
MET CA  HA   sing N N 223 
MET C   O    doub N N 224 
MET C   OXT  sing N N 225 
MET CB  CG   sing N N 226 
MET CB  HB2  sing N N 227 
MET CB  HB3  sing N N 228 
MET CG  SD   sing N N 229 
MET CG  HG2  sing N N 230 
MET CG  HG3  sing N N 231 
MET SD  CE   sing N N 232 
MET CE  HE1  sing N N 233 
MET CE  HE2  sing N N 234 
MET CE  HE3  sing N N 235 
MET OXT HXT  sing N N 236 
PHE N   CA   sing N N 237 
PHE N   H    sing N N 238 
PHE N   H2   sing N N 239 
PHE CA  C    sing N N 240 
PHE CA  CB   sing N N 241 
PHE CA  HA   sing N N 242 
PHE C   O    doub N N 243 
PHE C   OXT  sing N N 244 
PHE CB  CG   sing N N 245 
PHE CB  HB2  sing N N 246 
PHE CB  HB3  sing N N 247 
PHE CG  CD1  doub Y N 248 
PHE CG  CD2  sing Y N 249 
PHE CD1 CE1  sing Y N 250 
PHE CD1 HD1  sing N N 251 
PHE CD2 CE2  doub Y N 252 
PHE CD2 HD2  sing N N 253 
PHE CE1 CZ   doub Y N 254 
PHE CE1 HE1  sing N N 255 
PHE CE2 CZ   sing Y N 256 
PHE CE2 HE2  sing N N 257 
PHE CZ  HZ   sing N N 258 
PHE OXT HXT  sing N N 259 
PRO N   CA   sing N N 260 
PRO N   CD   sing N N 261 
PRO N   H    sing N N 262 
PRO CA  C    sing N N 263 
PRO CA  CB   sing N N 264 
PRO CA  HA   sing N N 265 
PRO C   O    doub N N 266 
PRO C   OXT  sing N N 267 
PRO CB  CG   sing N N 268 
PRO CB  HB2  sing N N 269 
PRO CB  HB3  sing N N 270 
PRO CG  CD   sing N N 271 
PRO CG  HG2  sing N N 272 
PRO CG  HG3  sing N N 273 
PRO CD  HD2  sing N N 274 
PRO CD  HD3  sing N N 275 
PRO OXT HXT  sing N N 276 
SER N   CA   sing N N 277 
SER N   H    sing N N 278 
SER N   H2   sing N N 279 
SER CA  C    sing N N 280 
SER CA  CB   sing N N 281 
SER CA  HA   sing N N 282 
SER C   O    doub N N 283 
SER C   OXT  sing N N 284 
SER CB  OG   sing N N 285 
SER CB  HB2  sing N N 286 
SER CB  HB3  sing N N 287 
SER OG  HG   sing N N 288 
SER OXT HXT  sing N N 289 
THR N   CA   sing N N 290 
THR N   H    sing N N 291 
THR N   H2   sing N N 292 
THR CA  C    sing N N 293 
THR CA  CB   sing N N 294 
THR CA  HA   sing N N 295 
THR C   O    doub N N 296 
THR C   OXT  sing N N 297 
THR CB  OG1  sing N N 298 
THR CB  CG2  sing N N 299 
THR CB  HB   sing N N 300 
THR OG1 HG1  sing N N 301 
THR CG2 HG21 sing N N 302 
THR CG2 HG22 sing N N 303 
THR CG2 HG23 sing N N 304 
THR OXT HXT  sing N N 305 
TRP N   CA   sing N N 306 
TRP N   H    sing N N 307 
TRP N   H2   sing N N 308 
TRP CA  C    sing N N 309 
TRP CA  CB   sing N N 310 
TRP CA  HA   sing N N 311 
TRP C   O    doub N N 312 
TRP C   OXT  sing N N 313 
TRP CB  CG   sing N N 314 
TRP CB  HB2  sing N N 315 
TRP CB  HB3  sing N N 316 
TRP CG  CD1  doub Y N 317 
TRP CG  CD2  sing Y N 318 
TRP CD1 NE1  sing Y N 319 
TRP CD1 HD1  sing N N 320 
TRP CD2 CE2  doub Y N 321 
TRP CD2 CE3  sing Y N 322 
TRP NE1 CE2  sing Y N 323 
TRP NE1 HE1  sing N N 324 
TRP CE2 CZ2  sing Y N 325 
TRP CE3 CZ3  doub Y N 326 
TRP CE3 HE3  sing N N 327 
TRP CZ2 CH2  doub Y N 328 
TRP CZ2 HZ2  sing N N 329 
TRP CZ3 CH2  sing Y N 330 
TRP CZ3 HZ3  sing N N 331 
TRP CH2 HH2  sing N N 332 
TRP OXT HXT  sing N N 333 
TYR N   CA   sing N N 334 
TYR N   H    sing N N 335 
TYR N   H2   sing N N 336 
TYR CA  C    sing N N 337 
TYR CA  CB   sing N N 338 
TYR CA  HA   sing N N 339 
TYR C   O    doub N N 340 
TYR C   OXT  sing N N 341 
TYR CB  CG   sing N N 342 
TYR CB  HB2  sing N N 343 
TYR CB  HB3  sing N N 344 
TYR CG  CD1  doub Y N 345 
TYR CG  CD2  sing Y N 346 
TYR CD1 CE1  sing Y N 347 
TYR CD1 HD1  sing N N 348 
TYR CD2 CE2  doub Y N 349 
TYR CD2 HD2  sing N N 350 
TYR CE1 CZ   doub Y N 351 
TYR CE1 HE1  sing N N 352 
TYR CE2 CZ   sing Y N 353 
TYR CE2 HE2  sing N N 354 
TYR CZ  OH   sing N N 355 
TYR OH  HH   sing N N 356 
TYR OXT HXT  sing N N 357 
VAL N   CA   sing N N 358 
VAL N   H    sing N N 359 
VAL N   H2   sing N N 360 
VAL CA  C    sing N N 361 
VAL CA  CB   sing N N 362 
VAL CA  HA   sing N N 363 
VAL C   O    doub N N 364 
VAL C   OXT  sing N N 365 
VAL CB  CG1  sing N N 366 
VAL CB  CG2  sing N N 367 
VAL CB  HB   sing N N 368 
VAL CG1 HG11 sing N N 369 
VAL CG1 HG12 sing N N 370 
VAL CG1 HG13 sing N N 371 
VAL CG2 HG21 sing N N 372 
VAL CG2 HG22 sing N N 373 
VAL CG2 HG23 sing N N 374 
VAL OXT HXT  sing N N 375 
# 
_atom_sites.entry_id                    1XMK 
_atom_sites.fract_transf_matrix[1][1]   0.00567410 
_atom_sites.fract_transf_matrix[1][2]   -0.02113529 
_atom_sites.fract_transf_matrix[1][3]   -0.01766532 
_atom_sites.fract_transf_matrix[2][1]   0.01371648 
_atom_sites.fract_transf_matrix[2][2]   0.01384831 
_atom_sites.fract_transf_matrix[2][3]   -0.01216278 
_atom_sites.fract_transf_matrix[3][1]   0.01707556 
_atom_sites.fract_transf_matrix[3][2]   -0.00589812 
_atom_sites.fract_transf_matrix[3][3]   0.01254135 
_atom_sites.fract_transf_vector[1]      0.127170 
_atom_sites.fract_transf_vector[2]      0.347957 
_atom_sites.fract_transf_vector[3]      0.870521 
# 
loop_
_atom_type.symbol 
C  
CD 
CL 
N  
NI 
O  
S  
# 
loop_
_atom_site.group_PDB 
_atom_site.id 
_atom_site.type_symbol 
_atom_site.label_atom_id 
_atom_site.label_alt_id 
_atom_site.label_comp_id 
_atom_site.label_asym_id 
_atom_site.label_entity_id 
_atom_site.label_seq_id 
_atom_site.pdbx_PDB_ins_code 
_atom_site.Cartn_x 
_atom_site.Cartn_y 
_atom_site.Cartn_z 
_atom_site.occupancy 
_atom_site.B_iso_or_equiv 
_atom_site.pdbx_formal_charge 
_atom_site.auth_seq_id 
_atom_site.auth_comp_id 
_atom_site.auth_asym_id 
_atom_site.auth_atom_id 
_atom_site.pdbx_PDB_model_num 
ATOM   1   N  N   . GLY A 1 1  ? -0.435  1.243   -14.064 1.00 20.93  ? 288  GLY A N   1 
ATOM   2   C  CA  . GLY A 1 1  ? -1.639  2.027   -13.677 1.00 26.11  ? 288  GLY A CA  1 
ATOM   3   C  C   . GLY A 1 1  ? -2.813  1.042   -13.632 1.00 27.33  ? 288  GLY A C   1 
ATOM   4   O  O   . GLY A 1 1  ? -3.927  1.269   -13.166 1.00 35.66  ? 288  GLY A O   1 
ATOM   5   N  N   . SER A 1 2  ? -2.442  -0.129  -14.115 1.00 28.62  ? 289  SER A N   1 
ATOM   6   C  CA  . SER A 1 2  ? -3.362  -1.212  -14.346 1.00 32.74  ? 289  SER A CA  1 
ATOM   7   C  C   . SER A 1 2  ? -2.580  -2.525  -14.442 1.00 26.92  ? 289  SER A C   1 
ATOM   8   O  O   . SER A 1 2  ? -3.207  -3.611  -14.443 1.00 32.87  ? 289  SER A O   1 
ATOM   9   C  CB  . SER A 1 2  ? -4.165  -1.026  -15.658 1.00 40.15  ? 289  SER A CB  1 
ATOM   10  O  OG  . SER A 1 2  ? -3.241  -0.800  -16.739 1.00 67.08  ? 289  SER A OG  1 
ATOM   11  N  N   . HIS A 1 3  ? -1.237  -2.365  -14.545 1.00 22.82  ? 290  HIS A N   1 
ATOM   12  C  CA  . HIS A 1 3  ? -0.481  -3.548  -14.940 1.00 22.62  ? 290  HIS A CA  1 
ATOM   13  C  C   . HIS A 1 3  ? -0.042  -4.296  -13.676 1.00 28.44  ? 290  HIS A C   1 
ATOM   14  O  O   . HIS A 1 3  ? 1.177   -4.512  -13.597 1.00 17.11  ? 290  HIS A O   1 
ATOM   15  C  CB  . HIS A 1 3  ? 0.710   -3.213  -15.842 1.00 21.68  ? 290  HIS A CB  1 
ATOM   16  C  CG  . HIS A 1 3  ? 1.616   -2.115  -15.310 1.00 19.47  ? 290  HIS A CG  1 
ATOM   17  N  ND1 . HIS A 1 3  ? 1.132   -0.993  -14.716 1.00 19.58  ? 290  HIS A ND1 1 
ATOM   18  C  CD2 . HIS A 1 3  ? 3.002   -2.032  -15.380 1.00 16.50  ? 290  HIS A CD2 1 
ATOM   19  C  CE1 . HIS A 1 3  ? 2.172   -0.208  -14.378 1.00 19.29  ? 290  HIS A CE1 1 
ATOM   20  N  NE2 . HIS A 1 3  ? 3.305   -0.818  -14.771 1.00 20.67  ? 290  HIS A NE2 1 
ATOM   21  N  N   . MET A 1 4  ? -1.037  -4.619  -12.840 1.00 27.41  ? 291  MET A N   1 
ATOM   22  C  CA  . MET A 1 4  ? -0.840  -5.343  -11.596 1.00 22.79  ? 291  MET A CA  1 
ATOM   23  C  C   . MET A 1 4  ? -0.074  -6.646  -11.753 1.00 22.34  ? 291  MET A C   1 
ATOM   24  O  O   . MET A 1 4  ? 0.517   -7.076  -10.756 1.00 25.30  ? 291  MET A O   1 
ATOM   25  C  CB  . MET A 1 4  ? -2.150  -5.670  -10.872 1.00 28.53  ? 291  MET A CB  1 
ATOM   26  C  CG  . MET A 1 4  ? -3.055  -4.513  -10.527 1.00 37.50  ? 291  MET A CG  1 
ATOM   27  S  SD  . MET A 1 4  ? -2.110  -3.405  -9.468  1.00 42.11  ? 291  MET A SD  1 
ATOM   28  C  CE  . MET A 1 4  ? -1.313  -4.500  -8.303  1.00 141.78 ? 291  MET A CE  1 
ATOM   29  N  N   . ALA A 1 5  ? -0.040  -7.284  -12.941 1.00 16.37  ? 292  ALA A N   1 
ATOM   30  C  CA  . ALA A 1 5  ? 0.701   -8.526  -13.104 1.00 15.97  ? 292  ALA A CA  1 
ATOM   31  C  C   . ALA A 1 5  ? 2.195   -8.338  -13.434 1.00 13.16  ? 292  ALA A C   1 
ATOM   32  O  O   . ALA A 1 5  ? 2.902   -9.346  -13.519 1.00 14.95  ? 292  ALA A O   1 
ATOM   33  C  CB  . ALA A 1 5  ? 0.009   -9.311  -14.231 1.00 21.66  ? 292  ALA A CB  1 
ATOM   34  N  N   . SER A 1 6  ? 2.652   -7.104  -13.660 1.00 12.15  ? 293  SER A N   1 
ATOM   35  C  CA  . SER A 1 6  ? 4.066   -6.877  -14.021 1.00 11.68  ? 293  SER A CA  1 
ATOM   36  C  C   . SER A 1 6  ? 5.016   -6.996  -12.865 1.00 11.52  ? 293  SER A C   1 
ATOM   37  O  O   . SER A 1 6  ? 4.684   -6.816  -11.711 1.00 12.65  ? 293  SER A O   1 
ATOM   38  C  CB  . SER A 1 6  ? 4.159   -5.473  -14.671 1.00 12.45  ? 293  SER A CB  1 
ATOM   39  O  OG  . SER A 1 6  ? 4.070   -4.470  -13.653 1.00 12.70  ? 293  SER A OG  1 
ATOM   40  N  N   . LEU A 1 7  ? 6.292   -7.297  -13.224 1.00 11.67  ? 294  LEU A N   1 
ATOM   41  C  CA  . LEU A 1 7  ? 7.338   -7.282  -12.188 1.00 12.42  ? 294  LEU A CA  1 
ATOM   42  C  C   . LEU A 1 7  ? 7.380   -5.930  -11.514 1.00 12.63  ? 294  LEU A C   1 
ATOM   43  O  O   . LEU A 1 7  ? 7.604   -5.817  -10.289 1.00 13.47  ? 294  LEU A O   1 
ATOM   44  C  CB  . LEU A 1 7  ? 8.703   -7.526  -12.825 1.00 17.54  ? 294  LEU A CB  1 
ATOM   45  C  CG  . LEU A 1 7  ? 9.262   -8.944  -12.813 1.00 27.97  ? 294  LEU A CG  1 
ATOM   46  C  CD1 . LEU A 1 7  ? 10.385  -9.115  -13.841 1.00 35.75  ? 294  LEU A CD1 1 
ATOM   47  C  CD2 . LEU A 1 7  ? 9.749   -9.289  -11.411 1.00 42.02  ? 294  LEU A CD2 1 
ATOM   48  N  N   . ASP A 1 8  ? 7.240   -4.886  -12.302 1.00 12.45  ? 295  ASP A N   1 
ATOM   49  C  CA  . ASP A 1 8  ? 7.334   -3.529  -11.730 1.00 12.39  ? 295  ASP A CA  1 
ATOM   50  C  C   . ASP A 1 8  ? 6.264   -3.285  -10.646 1.00 10.97  ? 295  ASP A C   1 
ATOM   51  O  O   . ASP A 1 8  ? 6.532   -2.684  -9.578  1.00 11.92  ? 295  ASP A O   1 
ATOM   52  C  CB  . ASP A 1 8  ? 7.049   -2.533  -12.885 1.00 18.42  ? 295  ASP A CB  1 
ATOM   53  C  CG  . ASP A 1 8  ? 7.628   -2.819  -14.232 1.00 27.16  ? 295  ASP A CG  1 
ATOM   54  O  OD1 . ASP A 1 8  ? 7.274   -3.851  -14.950 1.00 24.99  ? 295  ASP A OD1 1 
ATOM   55  O  OD2 . ASP A 1 8  ? 8.461   -1.890  -14.526 1.00 32.27  ? 295  ASP A OD2 1 
ATOM   56  N  N   . MET A 1 9  ? 5.040   -3.737  -10.930 1.00 10.57  ? 296  MET A N   1 
ATOM   57  C  CA  . MET A 1 9  ? 3.993   -3.531  -9.923  1.00 10.73  ? 296  MET A CA  1 
ATOM   58  C  C   . MET A 1 9  ? 4.172   -4.451  -8.741  1.00 9.90   ? 296  MET A C   1 
ATOM   59  O  O   . MET A 1 9  ? 3.822   -4.070  -7.625  1.00 10.96  ? 296  MET A O   1 
ATOM   60  C  CB  . MET A 1 9  ? 2.624   -3.667  -10.578 1.00 10.98  ? 296  MET A CB  1 
ATOM   61  C  CG  . MET A 1 9  ? 2.300   -2.520  -11.549 1.00 13.54  ? 296  MET A CG  1 
ATOM   62  S  SD  . MET A 1 9  ? 2.153   -0.917  -10.751 1.00 15.55  ? 296  MET A SD  1 
ATOM   63  C  CE  . MET A 1 9  ? 0.382   -0.772  -10.662 1.00 16.39  ? 296  MET A CE  1 
ATOM   64  N  N   . ALA A 1 10 ? 4.702   -5.670  -8.901  1.00 11.68  ? 297  ALA A N   1 
ATOM   65  C  CA  . ALA A 1 10 ? 4.977   -6.555  -7.775  1.00 10.19  ? 297  ALA A CA  1 
ATOM   66  C  C   . ALA A 1 10 ? 6.046   -5.889  -6.890  1.00 10.25  ? 297  ALA A C   1 
ATOM   67  O  O   . ALA A 1 10 ? 5.975   -6.016  -5.641  1.00 11.43  ? 297  ALA A O   1 
ATOM   68  C  CB  . ALA A 1 10 ? 5.434   -7.943  -8.231  1.00 12.32  ? 297  ALA A CB  1 
ATOM   69  N  N   . GLU A 1 11 ? 7.005   -5.184  -7.487  1.00 10.59  ? 298  GLU A N   1 
ATOM   70  C  CA  . GLU A 1 11 ? 8.060   -4.509  -6.669  1.00 10.88  ? 298  GLU A CA  1 
ATOM   71  C  C   . GLU A 1 11 ? 7.449   -3.362  -5.885  1.00 9.00   ? 298  GLU A C   1 
ATOM   72  O  O   . GLU A 1 11 ? 7.746   -3.215  -4.676  1.00 11.16  ? 298  GLU A O   1 
ATOM   73  C  CB  . GLU A 1 11 ? 9.157   -4.010  -7.591  1.00 13.96  ? 298  GLU A CB  1 
ATOM   74  C  CG  . GLU A 1 11 ? 10.197  -3.024  -7.231  1.00 40.00  ? 298  GLU A CG  1 
ATOM   75  C  CD  . GLU A 1 11 ? 11.392  -2.874  -8.171  1.00 57.97  ? 298  GLU A CD  1 
ATOM   76  O  OE1 . GLU A 1 11 ? 11.415  -2.337  -9.319  1.00 80.34  ? 298  GLU A OE1 1 
ATOM   77  O  OE2 . GLU A 1 11 ? 12.512  -3.311  -7.753  1.00 88.93  ? 298  GLU A OE2 1 
ATOM   78  N  N   . ILE A 1 12 ? 6.595   -2.566  -6.517  1.00 9.76   ? 299  ILE A N   1 
ATOM   79  C  CA  . ILE A 1 12 ? 5.927   -1.473  -5.769  1.00 9.10   ? 299  ILE A CA  1 
ATOM   80  C  C   . ILE A 1 12 ? 5.078   -2.060  -4.673  1.00 8.84   ? 299  ILE A C   1 
ATOM   81  O  O   . ILE A 1 12 ? 5.064   -1.551  -3.528  1.00 9.74   ? 299  ILE A O   1 
ATOM   82  C  CB  . ILE A 1 12 ? 5.076   -0.637  -6.737  1.00 10.60  ? 299  ILE A CB  1 
ATOM   83  C  CG1 . ILE A 1 12 ? 5.932   0.184   -7.697  1.00 15.50  ? 299  ILE A CG1 1 
ATOM   84  C  CG2 . ILE A 1 12 ? 4.093   0.320   -6.003  1.00 12.74  ? 299  ILE A CG2 1 
ATOM   85  C  CD1 . ILE A 1 12 ? 4.991   1.240   -8.266  1.00 33.26  ? 299  ILE A CD1 1 
ATOM   86  N  N   . LYS A 1 13 ? 4.330   -3.140  -4.927  1.00 9.02   ? 300  LYS A N   1 
ATOM   87  C  CA  . LYS A 1 13 ? 3.457   -3.715  -3.902  1.00 8.76   ? 300  LYS A CA  1 
ATOM   88  C  C   . LYS A 1 13 ? 4.309   -4.173  -2.716  1.00 8.22   ? 300  LYS A C   1 
ATOM   89  O  O   . LYS A 1 13 ? 3.911   -3.938  -1.547  1.00 8.58   ? 300  LYS A O   1 
ATOM   90  C  CB  . LYS A 1 13 ? 2.621   -4.847  -4.536  1.00 10.56  ? 300  LYS A CB  1 
ATOM   91  C  CG  . LYS A 1 13 ? 1.695   -5.460  -3.502  1.00 11.67  ? 300  LYS A CG  1 
ATOM   92  C  CD  . LYS A 1 13 ? 0.850   -6.501  -4.167  1.00 14.92  ? 300  LYS A CD  1 
ATOM   93  C  CE  . LYS A 1 13 ? -0.275  -6.987  -3.324  1.00 20.05  ? 300  LYS A CE  1 
ATOM   94  N  NZ  . LYS A 1 13 ? -1.007  -8.007  -4.140  1.00 45.52  ? 300  LYS A NZ  1 
ATOM   95  N  N   . GLU A 1 14 ? 5.460   -4.837  -2.941  1.00 8.37   ? 301  GLU A N   1 
ATOM   96  C  CA  . GLU A 1 14 ? 6.240   -5.271  -1.759  1.00 9.15   ? 301  GLU A CA  1 
ATOM   97  C  C   . GLU A 1 14 ? 6.844   -4.061  -1.038  1.00 8.17   ? 301  GLU A C   1 
ATOM   98  O  O   . GLU A 1 14 ? 6.980   -4.093  0.189   1.00 8.42   ? 301  GLU A O   1 
ATOM   99  C  CB  . GLU A 1 14 ? 7.291   -6.312  -2.134  1.00 11.86  ? 301  GLU A CB  1 
ATOM   100 C  CG  . GLU A 1 14 ? 8.070   -6.748  -0.870  1.00 11.94  ? 301  GLU A CG  1 
ATOM   101 C  CD  . GLU A 1 14 ? 7.222   -7.183  0.327   1.00 10.97  ? 301  GLU A CD  1 
ATOM   102 O  OE1 . GLU A 1 14 ? 7.609   -6.912  1.506   1.00 12.48  ? 301  GLU A OE1 1 
ATOM   103 O  OE2 . GLU A 1 14 ? 6.153   -7.802  0.174   1.00 13.23  ? 301  GLU A OE2 1 
ATOM   104 N  N   . LYS A 1 15 ? 7.207   -2.986  -1.753  1.00 8.07   ? 302  LYS A N   1 
ATOM   105 C  CA  . LYS A 1 15 ? 7.697   -1.796  -1.039  1.00 8.08   ? 302  LYS A CA  1 
ATOM   106 C  C   . LYS A 1 15 ? 6.575   -1.193  -0.142  1.00 7.28   ? 302  LYS A C   1 
ATOM   107 O  O   . LYS A 1 15 ? 6.875   -0.735  0.972   1.00 7.80   ? 302  LYS A O   1 
ATOM   108 C  CB  . LYS A 1 15 ? 8.249   -0.759  -1.989  1.00 8.89   ? 302  LYS A CB  1 
ATOM   109 C  CG  . LYS A 1 15 ? 9.597   -1.226  -2.625  1.00 12.58  ? 302  LYS A CG  1 
ATOM   110 C  CD  . LYS A 1 15 ? 10.076  -0.161  -3.591  1.00 19.72  ? 302  LYS A CD  1 
ATOM   111 C  CE  . LYS A 1 15 ? 11.369  -0.708  -4.228  1.00 24.78  ? 302  LYS A CE  1 
ATOM   112 N  NZ  . LYS A 1 15 ? 11.836  0.152   -5.360  1.00 29.84  ? 302  LYS A NZ  1 
ATOM   113 N  N   . ILE A 1 16 ? 5.342   -1.222  -0.635  1.00 7.31   ? 303  ILE A N   1 
ATOM   114 C  CA  . ILE A 1 16 ? 4.211   -0.771  0.183   1.00 7.02   ? 303  ILE A CA  1 
ATOM   115 C  C   . ILE A 1 16 ? 4.016   -1.695  1.401   1.00 7.30   ? 303  ILE A C   1 
ATOM   116 O  O   . ILE A 1 16 ? 3.866   -1.233  2.531   1.00 7.45   ? 303  ILE A O   1 
ATOM   117 C  CB  . ILE A 1 16 ? 2.938   -0.679  -0.666  1.00 7.29   ? 303  ILE A CB  1 
ATOM   118 C  CG1 . ILE A 1 16 ? 3.021   0.450   -1.685  1.00 8.68   ? 303  ILE A CG1 1 
ATOM   119 C  CG2 . ILE A 1 16 ? 1.697   -0.538  0.234   1.00 8.84   ? 303  ILE A CG2 1 
ATOM   120 C  CD1 . ILE A 1 16 ? 1.923   0.479   -2.750  1.00 9.08   ? 303  ILE A CD1 1 
ATOM   121 N  N   . CYS A 1 17 ? 4.022   -3.040  1.158   1.00 7.45   ? 304  CYS A N   1 
ATOM   122 C  CA  . CYS A 1 17 ? 3.873   -3.987  2.263   1.00 7.27   ? 304  CYS A CA  1 
ATOM   123 C  C   . CYS A 1 17 ? 4.955   -3.781  3.327   1.00 6.90   ? 304  CYS A C   1 
ATOM   124 O  O   . CYS A 1 17 ? 4.664   -3.692  4.524   1.00 7.92   ? 304  CYS A O   1 
ATOM   125 C  CB  . CYS A 1 17 ? 3.977   -5.436  1.669   1.00 9.19   ? 304  CYS A CB  1 
ATOM   126 S  SG  . CYS A 1 17 ? 3.996   -6.729  2.922   1.00 9.62   ? 304  CYS A SG  1 
ATOM   127 N  N   A ASP A 1 18 ? 6.209   -3.703  2.887   0.50 7.61   ? 305  ASP A N   1 
ATOM   128 N  N   B ASP A 1 18 ? 6.211   -3.701  2.910   0.50 7.30   ? 305  ASP A N   1 
ATOM   129 C  CA  A ASP A 1 18 ? 7.359   -3.500  3.757   0.50 7.83   ? 305  ASP A CA  1 
ATOM   130 C  CA  B ASP A 1 18 ? 7.281   -3.516  3.888   0.50 7.52   ? 305  ASP A CA  1 
ATOM   131 C  C   A ASP A 1 18 ? 7.191   -2.238  4.578   0.50 7.51   ? 305  ASP A C   1 
ATOM   132 C  C   B ASP A 1 18 ? 7.051   -2.240  4.672   0.50 6.83   ? 305  ASP A C   1 
ATOM   133 O  O   A ASP A 1 18 ? 7.423   -2.255  5.793   0.50 5.79   ? 305  ASP A O   1 
ATOM   134 O  O   B ASP A 1 18 ? 7.086   -2.221  5.912   0.50 9.10   ? 305  ASP A O   1 
ATOM   135 C  CB  A ASP A 1 18 ? 8.644   -3.409  2.922   0.50 8.78   ? 305  ASP A CB  1 
ATOM   136 C  CB  B ASP A 1 18 ? 8.611   -3.491  3.131   0.50 9.98   ? 305  ASP A CB  1 
ATOM   137 C  CG  A ASP A 1 18 ? 9.953   -3.405  3.699   0.50 11.20  ? 305  ASP A CG  1 
ATOM   138 C  CG  B ASP A 1 18 ? 9.808   -3.090  3.981   0.50 9.22   ? 305  ASP A CG  1 
ATOM   139 O  OD1 A ASP A 1 18 ? 9.954   -3.504  4.949   0.50 13.84  ? 305  ASP A OD1 1 
ATOM   140 O  OD1 B ASP A 1 18 ? 10.305  -3.863  4.843   0.50 17.57  ? 305  ASP A OD1 1 
ATOM   141 O  OD2 A ASP A 1 18 ? 11.034  -3.353  3.036   0.50 11.60  ? 305  ASP A OD2 1 
ATOM   142 O  OD2 B ASP A 1 18 ? 10.269  -1.949  3.751   0.50 17.58  ? 305  ASP A OD2 1 
ATOM   143 N  N   . TYR A 1 19 ? 6.776   -1.124  3.995   1.00 7.21   ? 306  TYR A N   1 
ATOM   144 C  CA  . TYR A 1 19 ? 6.612   0.136   4.710   1.00 7.61   ? 306  TYR A CA  1 
ATOM   145 C  C   . TYR A 1 19 ? 5.438   0.029   5.704   1.00 6.77   ? 306  TYR A C   1 
ATOM   146 O  O   . TYR A 1 19 ? 5.577   0.405   6.893   1.00 6.95   ? 306  TYR A O   1 
ATOM   147 C  CB  . TYR A 1 19 ? 6.339   1.329   3.721   1.00 7.70   ? 306  TYR A CB  1 
ATOM   148 C  CG  . TYR A 1 19 ? 6.585   2.655   4.415   1.00 7.35   ? 306  TYR A CG  1 
ATOM   149 C  CD1 . TYR A 1 19 ? 7.859   3.242   4.340   1.00 9.36   ? 306  TYR A CD1 1 
ATOM   150 C  CD2 . TYR A 1 19 ? 5.601   3.263   5.171   1.00 7.08   ? 306  TYR A CD2 1 
ATOM   151 C  CE1 . TYR A 1 19 ? 8.149   4.458   4.960   1.00 9.73   ? 306  TYR A CE1 1 
ATOM   152 C  CE2 . TYR A 1 19 ? 5.885   4.452   5.788   1.00 8.15   ? 306  TYR A CE2 1 
ATOM   153 C  CZ  . TYR A 1 19 ? 7.141   5.060   5.704   1.00 8.16   ? 306  TYR A CZ  1 
ATOM   154 O  OH  . TYR A 1 19 ? 7.330   6.241   6.371   1.00 10.20  ? 306  TYR A OH  1 
ATOM   155 N  N   . LEU A 1 20 ? 4.269   -0.418  5.232   1.00 6.52   ? 307  LEU A N   1 
ATOM   156 C  CA  . LEU A 1 20 ? 3.079   -0.455  6.130   1.00 6.77   ? 307  LEU A CA  1 
ATOM   157 C  C   . LEU A 1 20 ? 3.284   -1.450  7.280   1.00 6.72   ? 307  LEU A C   1 
ATOM   158 O  O   . LEU A 1 20 ? 2.696   -1.244  8.371   1.00 8.60   ? 307  LEU A O   1 
ATOM   159 C  CB  . LEU A 1 20 ? 1.843   -0.797  5.348   1.00 7.07   ? 307  LEU A CB  1 
ATOM   160 C  CG  . LEU A 1 20 ? 1.392   0.230   4.282   1.00 7.14   ? 307  LEU A CG  1 
ATOM   161 C  CD1 . LEU A 1 20 ? 0.129   -0.303  3.598   1.00 8.25   ? 307  LEU A CD1 1 
ATOM   162 C  CD2 . LEU A 1 20 ? 1.158   1.623   4.914   1.00 7.96   ? 307  LEU A CD2 1 
ATOM   163 N  N   . PHE A 1 21 ? 4.058   -2.523  7.095   1.00 7.15   ? 308  PHE A N   1 
ATOM   164 C  CA  . PHE A 1 21 ? 4.273   -3.543  8.125   1.00 7.13   ? 308  PHE A CA  1 
ATOM   165 C  C   . PHE A 1 21 ? 5.434   -3.170  9.032   1.00 6.89   ? 308  PHE A C   1 
ATOM   166 O  O   . PHE A 1 21 ? 5.318   -3.295  10.282  1.00 9.52   ? 308  PHE A O   1 
ATOM   167 C  CB  . PHE A 1 21 ? 4.540   -4.905  7.439   1.00 7.85   ? 308  PHE A CB  1 
ATOM   168 C  CG  . PHE A 1 21 ? 4.606   -6.029  8.482   1.00 7.60   ? 308  PHE A CG  1 
ATOM   169 C  CD1 . PHE A 1 21 ? 5.791   -6.616  8.864   1.00 9.57   ? 308  PHE A CD1 1 
ATOM   170 C  CD2 . PHE A 1 21 ? 3.429   -6.441  9.106   1.00 10.10  ? 308  PHE A CD2 1 
ATOM   171 C  CE1 . PHE A 1 21 ? 5.808   -7.638  9.815   1.00 12.32  ? 308  PHE A CE1 1 
ATOM   172 C  CE2 . PHE A 1 21 ? 3.419   -7.519  9.991   1.00 10.94  ? 308  PHE A CE2 1 
ATOM   173 C  CZ  . PHE A 1 21 ? 4.622   -8.121  10.352  1.00 10.21  ? 308  PHE A CZ  1 
ATOM   174 N  N   . ASN A 1 22 ? 6.542   -2.708  8.507   1.00 7.85   ? 309  ASN A N   1 
ATOM   175 C  CA  . ASN A 1 22 ? 7.772   -2.521  9.308   1.00 8.73   ? 309  ASN A CA  1 
ATOM   176 C  C   . ASN A 1 22 ? 8.047   -1.062  9.687   1.00 8.91   ? 309  ASN A C   1 
ATOM   177 O  O   . ASN A 1 22 ? 8.868   -0.846  10.570  1.00 11.11  ? 309  ASN A O   1 
ATOM   178 C  CB  . ASN A 1 22 ? 9.012   -3.031  8.523   1.00 9.53   ? 309  ASN A CB  1 
ATOM   179 C  CG  . ASN A 1 22 ? 8.908   -4.544  8.374   1.00 10.80  ? 309  ASN A CG  1 
ATOM   180 O  OD1 . ASN A 1 22 ? 8.709   -5.261  9.382   1.00 13.46  ? 309  ASN A OD1 1 
ATOM   181 N  ND2 . ASN A 1 22 ? 9.008   -5.038  7.154   1.00 13.37  ? 309  ASN A ND2 1 
ATOM   182 N  N   . VAL A 1 23 ? 7.417   -0.106  9.022   1.00 8.42   ? 310  VAL A N   1 
ATOM   183 C  CA  . VAL A 1 23 ? 7.604   1.295   9.386   1.00 9.32   ? 310  VAL A CA  1 
ATOM   184 C  C   . VAL A 1 23 ? 6.335   1.792   10.065  1.00 10.01  ? 310  VAL A C   1 
ATOM   185 O  O   . VAL A 1 23 ? 6.309   1.856   11.316  1.00 19.45  ? 310  VAL A O   1 
ATOM   186 C  CB  . VAL A 1 23 ? 8.052   2.182   8.224   1.00 10.80  ? 310  VAL A CB  1 
ATOM   187 C  CG1 . VAL A 1 23 ? 8.273   3.628   8.752   1.00 13.86  ? 310  VAL A CG1 1 
ATOM   188 C  CG2 . VAL A 1 23 ? 9.342   1.627   7.619   1.00 13.28  ? 310  VAL A CG2 1 
ATOM   189 N  N   . SER A 1 24 ? 5.265   2.123   9.331   1.00 9.43   ? 311  SER A N   1 
ATOM   190 C  CA  . SER A 1 24 ? 3.961   2.429   9.976   1.00 12.96  ? 311  SER A CA  1 
ATOM   191 C  C   . SER A 1 24 ? 2.914   2.616   8.864   1.00 7.48   ? 311  SER A C   1 
ATOM   192 O  O   . SER A 1 24 ? 3.174   2.680   7.661   1.00 7.90   ? 311  SER A O   1 
ATOM   193 C  CB  . SER A 1 24 ? 3.836   3.599   10.910  1.00 15.75  ? 311  SER A CB  1 
ATOM   194 O  OG  . SER A 1 24 ? 3.869   4.888   10.325  1.00 16.34  ? 311  SER A OG  1 
ATOM   195 N  N   . ASP A 1 25 ? 1.702   2.771   9.346   1.00 7.90   ? 312  ASP A N   1 
ATOM   196 C  CA  . ASP A 1 25 ? 0.605   3.285   8.542   1.00 6.62   ? 312  ASP A CA  1 
ATOM   197 C  C   . ASP A 1 25 ? 1.004   4.623   7.951   1.00 6.54   ? 312  ASP A C   1 
ATOM   198 O  O   . ASP A 1 25 ? 1.805   5.384   8.503   1.00 8.23   ? 312  ASP A O   1 
ATOM   199 C  CB  . ASP A 1 25 ? -0.650  3.390   9.403   1.00 8.08   ? 312  ASP A CB  1 
ATOM   200 C  CG  . ASP A 1 25 ? -0.509  4.085   10.745  1.00 10.10  ? 312  ASP A CG  1 
ATOM   201 O  OD1 . ASP A 1 25 ? -1.216  5.089   11.089  1.00 11.44  ? 312  ASP A OD1 1 
ATOM   202 O  OD2 . ASP A 1 25 ? 0.357   3.641   11.556  1.00 11.43  ? 312  ASP A OD2 1 
ATOM   203 N  N   . SER A 1 26 ? 0.450   4.900   6.765   1.00 6.29   ? 313  SER A N   1 
ATOM   204 C  CA  . SER A 1 26 ? 0.954   6.060   5.987   1.00 6.81   ? 313  SER A CA  1 
ATOM   205 C  C   . SER A 1 26 ? -0.022  6.624   5.015   1.00 6.42   ? 313  SER A C   1 
ATOM   206 O  O   . SER A 1 26 ? -0.804  5.876   4.380   1.00 7.00   ? 313  SER A O   1 
ATOM   207 C  CB  . SER A 1 26 ? 2.198   5.505   5.197   1.00 7.03   ? 313  SER A CB  1 
ATOM   208 O  OG  . SER A 1 26 ? 2.797   6.564   4.433   1.00 7.34   ? 313  SER A OG  1 
ATOM   209 N  N   . SER A 1 27 ? 0.051   7.938   4.794   1.00 6.90   ? 314  SER A N   1 
ATOM   210 C  CA  . SER A 1 27 ? -0.618  8.501   3.605   1.00 7.00   ? 314  SER A CA  1 
ATOM   211 C  C   . SER A 1 27 ? 0.040   7.947   2.312   1.00 6.76   ? 314  SER A C   1 
ATOM   212 O  O   . SER A 1 27 ? 1.232   7.553   2.336   1.00 6.80   ? 314  SER A O   1 
ATOM   213 C  CB  . SER A 1 27 ? -0.492  10.035  3.632   1.00 8.60   ? 314  SER A CB  1 
ATOM   214 O  OG  . SER A 1 27 ? 0.881   10.387  3.457   1.00 7.28   ? 314  SER A OG  1 
ATOM   215 N  N   . ALA A 1 28 ? -0.721  8.025   1.189   1.00 6.96   ? 315  ALA A N   1 
ATOM   216 C  CA  . ALA A 1 28 ? -0.113  7.679   -0.119  1.00 7.47   ? 315  ALA A CA  1 
ATOM   217 C  C   . ALA A 1 28 ? 1.017   8.673   -0.460  1.00 7.26   ? 315  ALA A C   1 
ATOM   218 O  O   . ALA A 1 28 ? 2.055   8.274   -1.024  1.00 8.01   ? 315  ALA A O   1 
ATOM   219 C  CB  . ALA A 1 28 ? -1.175  7.636   -1.219  1.00 8.21   ? 315  ALA A CB  1 
ATOM   220 N  N   . LEU A 1 29 ? 0.822   9.925   -0.083  1.00 7.89   ? 316  LEU A N   1 
ATOM   221 C  CA  . LEU A 1 29 ? 1.851   10.934  -0.351  1.00 8.58   ? 316  LEU A CA  1 
ATOM   222 C  C   . LEU A 1 29 ? 3.165   10.585  0.312   1.00 7.69   ? 316  LEU A C   1 
ATOM   223 O  O   . LEU A 1 29 ? 4.265   10.638  -0.254  1.00 8.63   ? 316  LEU A O   1 
ATOM   224 C  CB  . LEU A 1 29 ? 1.314   12.288  0.121   1.00 11.01  ? 316  LEU A CB  1 
ATOM   225 C  CG  . LEU A 1 29 ? 2.052   13.499  -0.284  1.00 14.87  ? 316  LEU A CG  1 
ATOM   226 C  CD1 . LEU A 1 29 ? 1.900   13.769  -1.785  1.00 15.74  ? 316  LEU A CD1 1 
ATOM   227 C  CD2 . LEU A 1 29 ? 1.450   14.712  0.470   1.00 21.18  ? 316  LEU A CD2 1 
ATOM   228 N  N   . ASN A 1 30 ? 3.129   10.159  1.599   1.00 7.75   ? 317  ASN A N   1 
ATOM   229 C  CA  . ASN A 1 30 ? 4.333   9.730   2.313   1.00 8.05   ? 317  ASN A CA  1 
ATOM   230 C  C   . ASN A 1 30 ? 4.913   8.416   1.749   1.00 7.20   ? 317  ASN A C   1 
ATOM   231 O  O   . ASN A 1 30 ? 6.143   8.263   1.693   1.00 8.09   ? 317  ASN A O   1 
ATOM   232 C  CB  . ASN A 1 30 ? 4.064   9.586   3.801   1.00 7.43   ? 317  ASN A CB  1 
ATOM   233 C  CG  . ASN A 1 30 ? 5.290   9.151   4.563   1.00 7.06   ? 317  ASN A CG  1 
ATOM   234 O  OD1 . ASN A 1 30 ? 6.251   9.903   4.769   1.00 9.10   ? 317  ASN A OD1 1 
ATOM   235 N  ND2 . ASN A 1 30 ? 5.314   7.891   5.017   1.00 7.41   ? 317  ASN A ND2 1 
ATOM   236 N  N   . LEU A 1 31 ? 4.048   7.507   1.283   1.00 6.48   ? 318  LEU A N   1 
ATOM   237 C  CA  . LEU A 1 31 ? 4.580   6.296   0.632   1.00 7.27   ? 318  LEU A CA  1 
ATOM   238 C  C   . LEU A 1 31 ? 5.381   6.706   -0.622  1.00 7.92   ? 318  LEU A C   1 
ATOM   239 O  O   . LEU A 1 31 ? 6.485   6.163   -0.845  1.00 8.51   ? 318  LEU A O   1 
ATOM   240 C  CB  . LEU A 1 31 ? 3.426   5.351   0.248   1.00 6.83   ? 318  LEU A CB  1 
ATOM   241 C  CG  . LEU A 1 31 ? 2.854   4.531   1.424   1.00 6.82   ? 318  LEU A CG  1 
ATOM   242 C  CD1 . LEU A 1 31 ? 1.525   3.888   1.010   1.00 8.10   ? 318  LEU A CD1 1 
ATOM   243 C  CD2 . LEU A 1 31 ? 3.814   3.476   1.945   1.00 9.31   ? 318  LEU A CD2 1 
ATOM   244 N  N   . ALA A 1 32 ? 4.829   7.617   -1.427  1.00 7.78   ? 319  ALA A N   1 
ATOM   245 C  CA  . ALA A 1 32 ? 5.568   8.022   -2.653  1.00 7.71   ? 319  ALA A CA  1 
ATOM   246 C  C   . ALA A 1 32 ? 6.874   8.694   -2.289  1.00 8.36   ? 319  ALA A C   1 
ATOM   247 O  O   . ALA A 1 32 ? 7.874   8.514   -2.969  1.00 9.13   ? 319  ALA A O   1 
ATOM   248 C  CB  . ALA A 1 32 ? 4.628   8.862   -3.549  1.00 8.96   ? 319  ALA A CB  1 
ATOM   249 N  N   . LYS A 1 33 ? 6.878   9.503   -1.207  1.00 9.19   ? 320  LYS A N   1 
ATOM   250 C  CA  . LYS A 1 33 ? 8.116   10.205  -0.822  1.00 11.56  ? 320  LYS A CA  1 
ATOM   251 C  C   . LYS A 1 33 ? 9.207   9.195   -0.479  1.00 12.26  ? 320  LYS A C   1 
ATOM   252 O  O   . LYS A 1 33 ? 10.383  9.401   -0.787  1.00 14.54  ? 320  LYS A O   1 
ATOM   253 C  CB  . LYS A 1 33 ? 7.806   11.119  0.345   1.00 13.67  ? 320  LYS A CB  1 
ATOM   254 C  CG  . LYS A 1 33 ? 8.852   12.036  0.860   1.00 26.93  ? 320  LYS A CG  1 
ATOM   255 C  CD  . LYS A 1 33 ? 8.131   12.991  1.815   1.00 34.37  ? 320  LYS A CD  1 
ATOM   256 C  CE  . LYS A 1 33 ? 8.911   13.286  3.065   1.00 46.15  ? 320  LYS A CE  1 
ATOM   257 N  NZ  . LYS A 1 33 ? 9.123   14.767  3.222   1.00 43.59  ? 320  LYS A NZ  1 
ATOM   258 N  N   . ASN A 1 34 ? 8.814   8.053   0.123   1.00 10.87  ? 321  ASN A N   1 
ATOM   259 C  CA  . ASN A 1 34 ? 9.764   7.029   0.533   1.00 12.12  ? 321  ASN A CA  1 
ATOM   260 C  C   . ASN A 1 34 ? 10.119  6.052   -0.579  1.00 11.26  ? 321  ASN A C   1 
ATOM   261 O  O   . ASN A 1 34 ? 11.290  5.662   -0.733  1.00 17.37  ? 321  ASN A O   1 
ATOM   262 C  CB  . ASN A 1 34 ? 9.159   6.298   1.765   1.00 12.26  ? 321  ASN A CB  1 
ATOM   263 C  CG  . ASN A 1 34 ? 9.385   7.133   2.997   1.00 13.22  ? 321  ASN A CG  1 
ATOM   264 O  OD1 . ASN A 1 34 ? 8.492   7.910   3.400   1.00 16.14  ? 321  ASN A OD1 1 
ATOM   265 N  ND2 . ASN A 1 34 ? 10.583  7.021   3.613   1.00 18.50  ? 321  ASN A ND2 1 
ATOM   266 N  N   . ILE A 1 35 ? 9.176   5.670   -1.421  1.00 9.95   ? 322  ILE A N   1 
ATOM   267 C  CA  . ILE A 1 35 ? 9.366   4.657   -2.488  1.00 11.24  ? 322  ILE A CA  1 
ATOM   268 C  C   . ILE A 1 35 ? 9.842   5.256   -3.797  1.00 10.81  ? 322  ILE A C   1 
ATOM   269 O  O   . ILE A 1 35 ? 10.637  4.624   -4.542  1.00 13.27  ? 322  ILE A O   1 
ATOM   270 C  CB  . ILE A 1 35 ? 8.025   3.902   -2.685  1.00 10.69  ? 322  ILE A CB  1 
ATOM   271 C  CG1 . ILE A 1 35 ? 7.704   3.106   -1.431  1.00 11.11  ? 322  ILE A CG1 1 
ATOM   272 C  CG2 . ILE A 1 35 ? 8.027   3.035   -3.924  1.00 12.73  ? 322  ILE A CG2 1 
ATOM   273 C  CD1 . ILE A 1 35 ? 6.306   2.497   -1.436  1.00 12.36  ? 322  ILE A CD1 1 
ATOM   274 N  N   . GLY A 1 36 ? 9.398   6.458   -4.110  1.00 10.03  ? 323  GLY A N   1 
ATOM   275 C  CA  . GLY A 1 36 ? 9.808   7.135   -5.355  1.00 11.19  ? 323  GLY A CA  1 
ATOM   276 C  C   . GLY A 1 36 ? 8.686   8.006   -5.877  1.00 8.93   ? 323  GLY A C   1 
ATOM   277 O  O   . GLY A 1 36 ? 7.586   7.565   -6.210  1.00 9.20   ? 323  GLY A O   1 
ATOM   278 N  N   . LEU A 1 37 ? 8.971   9.314   -5.913  1.00 8.06   ? 324  LEU A N   1 
ATOM   279 C  CA  . LEU A 1 37 ? 7.930   10.276  -6.267  1.00 7.79   ? 324  LEU A CA  1 
ATOM   280 C  C   . LEU A 1 37 ? 7.355   10.019  -7.659  1.00 7.96   ? 324  LEU A C   1 
ATOM   281 O  O   . LEU A 1 37 ? 6.177   10.309  -7.975  1.00 8.68   ? 324  LEU A O   1 
ATOM   282 C  CB  . LEU A 1 37 ? 8.483   11.722  -6.222  1.00 10.49  ? 324  LEU A CB  1 
ATOM   283 C  CG  . LEU A 1 37 ? 8.808   12.182  -4.827  1.00 13.34  ? 324  LEU A CG  1 
ATOM   284 C  CD1 . LEU A 1 37 ? 9.608   13.497  -4.858  1.00 18.98  ? 324  LEU A CD1 1 
ATOM   285 C  CD2 . LEU A 1 37 ? 7.534   12.427  -4.021  1.00 16.74  ? 324  LEU A CD2 1 
ATOM   286 N  N   . THR A 1 38 ? 8.194   9.478   -8.573  1.00 7.75   ? 325  THR A N   1 
ATOM   287 C  CA  . THR A 1 38 ? 7.691   9.242   -9.956  1.00 9.10   ? 325  THR A CA  1 
ATOM   288 C  C   . THR A 1 38 ? 6.796   8.028   -10.122 1.00 8.48   ? 325  THR A C   1 
ATOM   289 O  O   . THR A 1 38 ? 6.373   7.742   -11.207 1.00 9.64   ? 325  THR A O   1 
ATOM   290 C  CB  . THR A 1 38 ? 8.879   9.062   -10.939 1.00 11.20  ? 325  THR A CB  1 
ATOM   291 O  OG1 . THR A 1 38 ? 9.608   7.891   -10.539 1.00 13.91  ? 325  THR A OG1 1 
ATOM   292 C  CG2 . THR A 1 38 ? 9.862   10.231  -10.926 1.00 13.70  ? 325  THR A CG2 1 
ATOM   293 N  N   . LYS A 1 39 ? 6.556   7.324   -8.983  1.00 8.54   ? 326  LYS A N   1 
ATOM   294 C  CA  . LYS A 1 39 ? 5.756   6.110   -8.940  1.00 8.95   ? 326  LYS A CA  1 
ATOM   295 C  C   . LYS A 1 39 ? 4.417   6.384   -8.236  1.00 8.14   ? 326  LYS A C   1 
ATOM   296 O  O   . LYS A 1 39 ? 3.688   5.431   -7.926  1.00 8.48   ? 326  LYS A O   1 
ATOM   297 C  CB  . LYS A 1 39 ? 6.555   5.024   -8.192  1.00 11.73  ? 326  LYS A CB  1 
ATOM   298 C  CG  . LYS A 1 39 ? 7.797   4.601   -8.977  1.00 16.56  ? 326  LYS A CG  1 
ATOM   299 C  CD  . LYS A 1 39 ? 8.669   3.567   -8.334  1.00 22.56  ? 326  LYS A CD  1 
ATOM   300 C  CE  . LYS A 1 39 ? 10.044  3.459   -8.969  1.00 29.96  ? 326  LYS A CE  1 
ATOM   301 N  NZ  . LYS A 1 39 ? 10.012  2.752   -10.278 1.00 39.77  ? 326  LYS A NZ  1 
ATOM   302 N  N   . ALA A 1 40 ? 4.087   7.655   -7.942  1.00 7.49   ? 327  ALA A N   1 
ATOM   303 C  CA  . ALA A 1 40 ? 2.827   7.940   -7.251  1.00 7.56   ? 327  ALA A CA  1 
ATOM   304 C  C   . ALA A 1 40 ? 1.586   7.299   -7.864  1.00 7.21   ? 327  ALA A C   1 
ATOM   305 O  O   . ALA A 1 40 ? 0.736   6.755   -7.123  1.00 8.15   ? 327  ALA A O   1 
ATOM   306 C  CB  . ALA A 1 40 ? 2.652   9.467   -7.218  1.00 9.87   ? 327  ALA A CB  1 
ATOM   307 N  N   A ARG A 1 41 ? 1.430   7.335   -9.194  0.50 8.26   ? 328  ARG A N   1 
ATOM   308 N  N   B ARG A 1 41 ? 1.445   7.346   -9.198  0.50 8.23   ? 328  ARG A N   1 
ATOM   309 C  CA  A ARG A 1 41 ? 0.187   6.781   -9.766  0.50 9.22   ? 328  ARG A CA  1 
ATOM   310 C  CA  B ARG A 1 41 ? 0.258   6.769   -9.835  0.50 9.90   ? 328  ARG A CA  1 
ATOM   311 C  C   A ARG A 1 41 ? 0.146   5.272   -9.598  0.50 8.96   ? 328  ARG A C   1 
ATOM   312 C  C   B ARG A 1 41 ? 0.155   5.277   -9.550  0.50 9.50   ? 328  ARG A C   1 
ATOM   313 O  O   A ARG A 1 41 ? -0.915  4.696   -9.335  0.50 10.20  ? 328  ARG A O   1 
ATOM   314 O  O   B ARG A 1 41 ? -0.893  4.743   -9.194  0.50 10.03  ? 328  ARG A O   1 
ATOM   315 C  CB  A ARG A 1 41 ? 0.087   7.263   -11.211 0.50 10.87  ? 328  ARG A CB  1 
ATOM   316 C  CB  B ARG A 1 41 ? 0.306   7.028   -11.347 0.50 13.19  ? 328  ARG A CB  1 
ATOM   317 C  CG  A ARG A 1 41 ? -1.281  7.012   -11.825 0.50 10.60  ? 328  ARG A CG  1 
ATOM   318 C  CG  B ARG A 1 41 ? -0.746  6.200   -12.074 0.50 17.68  ? 328  ARG A CG  1 
ATOM   319 C  CD  A ARG A 1 41 ? -1.377  7.607   -13.230 0.50 10.20  ? 328  ARG A CD  1 
ATOM   320 C  CD  B ARG A 1 41 ? -1.120  6.678   -13.432 0.50 18.51  ? 328  ARG A CD  1 
ATOM   321 N  NE  A ARG A 1 41 ? -2.556  7.045   -13.910 0.50 11.73  ? 328  ARG A NE  1 
ATOM   322 N  NE  B ARG A 1 41 ? -0.916  7.937   -14.003 0.50 19.35  ? 328  ARG A NE  1 
ATOM   323 C  CZ  A ARG A 1 41 ? -3.815  7.445   -13.656 0.50 11.05  ? 328  ARG A CZ  1 
ATOM   324 C  CZ  B ARG A 1 41 ? -0.420  8.409   -15.116 0.50 17.05  ? 328  ARG A CZ  1 
ATOM   325 N  NH1 A ARG A 1 41 ? -4.050  8.406   -12.755 0.50 12.78  ? 328  ARG A NH1 1 
ATOM   326 N  NH1 B ARG A 1 41 ? 0.138   7.865   -16.193 0.50 12.93  ? 328  ARG A NH1 1 
ATOM   327 N  NH2 A ARG A 1 41 ? -4.821  6.903   -14.291 0.50 11.80  ? 328  ARG A NH2 1 
ATOM   328 N  NH2 B ARG A 1 41 ? -0.470  9.739   -15.215 0.50 22.78  ? 328  ARG A NH2 1 
ATOM   329 N  N   . ASP A 1 42 ? 1.300   4.582   -9.729  1.00 9.80   ? 329  ASP A N   1 
ATOM   330 C  CA  . ASP A 1 42 ? 1.280   3.116   -9.521  1.00 10.87  ? 329  ASP A CA  1 
ATOM   331 C  C   . ASP A 1 42 ? 1.057   2.766   -8.058  1.00 8.76   ? 329  ASP A C   1 
ATOM   332 O  O   . ASP A 1 42 ? 0.390   1.779   -7.748  1.00 9.18   ? 329  ASP A O   1 
ATOM   333 C  CB  . ASP A 1 42 ? 2.559   2.527   -10.061 1.00 16.41  ? 329  ASP A CB  1 
ATOM   334 C  CG  . ASP A 1 42 ? 2.497   2.483   -11.583 1.00 23.70  ? 329  ASP A CG  1 
ATOM   335 O  OD1 . ASP A 1 42 ? 1.404   2.404   -12.227 1.00 22.29  ? 329  ASP A OD1 1 
ATOM   336 O  OD2 . ASP A 1 42 ? 3.545   2.523   -12.189 1.00 26.49  ? 329  ASP A OD2 1 
ATOM   337 N  N   . ILE A 1 43 ? 1.661   3.549   -7.115  1.00 7.83   ? 330  ILE A N   1 
ATOM   338 C  CA  . ILE A 1 43 ? 1.356   3.314   -5.702  1.00 6.84   ? 330  ILE A CA  1 
ATOM   339 C  C   . ILE A 1 43 ? -0.137  3.442   -5.436  1.00 7.50   ? 330  ILE A C   1 
ATOM   340 O  O   . ILE A 1 43 ? -0.721  2.568   -4.769  1.00 7.53   ? 330  ILE A O   1 
ATOM   341 C  CB  . ILE A 1 43 ? 2.169   4.329   -4.854  1.00 7.24   ? 330  ILE A CB  1 
ATOM   342 C  CG1 . ILE A 1 43 ? 3.665   3.932   -4.902  1.00 8.21   ? 330  ILE A CG1 1 
ATOM   343 C  CG2 . ILE A 1 43 ? 1.686   4.430   -3.410  1.00 8.27   ? 330  ILE A CG2 1 
ATOM   344 C  CD1 . ILE A 1 43 ? 4.586   5.058   -4.378  1.00 9.33   ? 330  ILE A CD1 1 
ATOM   345 N  N   A ASN A 1 44 ? -0.772  4.505   -5.951  0.50 7.30   ? 331  ASN A N   1 
ATOM   346 N  N   B ASN A 1 44 ? -0.814  4.492   -5.934  0.50 7.07   ? 331  ASN A N   1 
ATOM   347 C  CA  A ASN A 1 44 ? -2.217  4.695   -5.785  0.50 8.76   ? 331  ASN A CA  1 
ATOM   348 C  CA  B ASN A 1 44 ? -2.261  4.581   -5.746  0.50 7.01   ? 331  ASN A CA  1 
ATOM   349 C  C   A ASN A 1 44 ? -3.001  3.519   -6.370  0.50 7.96   ? 331  ASN A C   1 
ATOM   350 C  C   B ASN A 1 44 ? -2.990  3.354   -6.301  0.50 8.84   ? 331  ASN A C   1 
ATOM   351 O  O   A ASN A 1 44 ? -3.974  3.071   -5.761  0.50 8.00   ? 331  ASN A O   1 
ATOM   352 O  O   B ASN A 1 44 ? -3.876  2.778   -5.683  0.50 8.52   ? 331  ASN A O   1 
ATOM   353 C  CB  A ASN A 1 44 ? -2.671  6.024   -6.383  0.50 8.32   ? 331  ASN A CB  1 
ATOM   354 C  CB  B ASN A 1 44 ? -2.890  5.800   -6.424  0.50 13.47  ? 331  ASN A CB  1 
ATOM   355 C  CG  A ASN A 1 44 ? -2.043  7.223   -5.668  0.50 12.12  ? 331  ASN A CG  1 
ATOM   356 C  CG  B ASN A 1 44 ? -4.400  5.800   -6.218  0.50 15.34  ? 331  ASN A CG  1 
ATOM   357 O  OD1 A ASN A 1 44 ? -1.566  7.147   -4.543  0.50 20.23  ? 331  ASN A OD1 1 
ATOM   358 O  OD1 B ASN A 1 44 ? -5.134  5.682   -7.226  0.50 15.04  ? 331  ASN A OD1 1 
ATOM   359 N  ND2 A ASN A 1 44 ? -2.012  8.361   -6.339  0.50 20.77  ? 331  ASN A ND2 1 
ATOM   360 N  ND2 B ASN A 1 44 ? -4.832  5.931   -4.952  0.50 19.57  ? 331  ASN A ND2 1 
ATOM   361 N  N   . ALA A 1 45 ? -2.593  3.009   -7.528  1.00 8.05   ? 332  ALA A N   1 
ATOM   362 C  CA  . ALA A 1 45 ? -3.288  1.887   -8.170  1.00 9.61   ? 332  ALA A CA  1 
ATOM   363 C  C   . ALA A 1 45 ? -3.138  0.605   -7.361  1.00 9.00   ? 332  ALA A C   1 
ATOM   364 O  O   . ALA A 1 45 ? -4.133  -0.161  -7.209  1.00 9.60   ? 332  ALA A O   1 
ATOM   365 C  CB  . ALA A 1 45 ? -2.728  1.725   -9.583  1.00 13.36  ? 332  ALA A CB  1 
ATOM   366 N  N   . VAL A 1 46 ? -1.962  0.332   -6.820  1.00 8.27   ? 333  VAL A N   1 
ATOM   367 C  CA  . VAL A 1 46 ? -1.759  -0.854  -5.986  1.00 8.09   ? 333  VAL A CA  1 
ATOM   368 C  C   . VAL A 1 46 ? -2.582  -0.735  -4.693  1.00 7.12   ? 333  VAL A C   1 
ATOM   369 O  O   . VAL A 1 46 ? -3.214  -1.713  -4.304  1.00 8.16   ? 333  VAL A O   1 
ATOM   370 C  CB  . VAL A 1 46 ? -0.264  -1.076  -5.650  1.00 9.39   ? 333  VAL A CB  1 
ATOM   371 C  CG1 . VAL A 1 46 ? -0.068  -2.171  -4.596  1.00 12.19  ? 333  VAL A CG1 1 
ATOM   372 C  CG2 . VAL A 1 46 ? 0.527   -1.441  -6.921  1.00 11.70  ? 333  VAL A CG2 1 
ATOM   373 N  N   . LEU A 1 47 ? -2.584  0.432   -4.052  1.00 6.79   ? 334  LEU A N   1 
ATOM   374 C  CA  . LEU A 1 47 ? -3.380  0.578   -2.827  1.00 6.70   ? 334  LEU A CA  1 
ATOM   375 C  C   . LEU A 1 47 ? -4.871  0.326   -3.100  1.00 6.93   ? 334  LEU A C   1 
ATOM   376 O  O   . LEU A 1 47 ? -5.523  -0.386  -2.302  1.00 7.43   ? 334  LEU A O   1 
ATOM   377 C  CB  . LEU A 1 47 ? -3.199  1.976   -2.213  1.00 7.82   ? 334  LEU A CB  1 
ATOM   378 C  CG  . LEU A 1 47 ? -1.815  2.237   -1.600  1.00 7.43   ? 334  LEU A CG  1 
ATOM   379 C  CD1 . LEU A 1 47 ? -1.669  3.746   -1.363  1.00 8.05   ? 334  LEU A CD1 1 
ATOM   380 C  CD2 . LEU A 1 47 ? -1.615  1.411   -0.323  1.00 8.77   ? 334  LEU A CD2 1 
ATOM   381 N  N   . ILE A 1 48 ? -5.412  0.856   -4.190  1.00 7.44   ? 335  ILE A N   1 
ATOM   382 C  CA  . ILE A 1 48 ? -6.818  0.697   -4.522  1.00 8.35   ? 335  ILE A CA  1 
ATOM   383 C  C   . ILE A 1 48 ? -7.123  -0.787  -4.754  1.00 7.94   ? 335  ILE A C   1 
ATOM   384 O  O   . ILE A 1 48 ? -8.171  -1.313  -4.344  1.00 8.85   ? 335  ILE A O   1 
ATOM   385 C  CB  . ILE A 1 48 ? -7.199  1.583   -5.722  1.00 12.53  ? 335  ILE A CB  1 
ATOM   386 C  CG1 . ILE A 1 48 ? -7.216  3.063   -5.310  1.00 18.94  ? 335  ILE A CG1 1 
ATOM   387 C  CG2 . ILE A 1 48 ? -8.489  1.139   -6.418  1.00 15.84  ? 335  ILE A CG2 1 
ATOM   388 C  CD1 . ILE A 1 48 ? -8.091  3.437   -4.169  1.00 35.66  ? 335  ILE A CD1 1 
ATOM   389 N  N   . ASP A 1 49 ? -6.201  -1.504  -5.436  1.00 8.16   ? 336  ASP A N   1 
ATOM   390 C  CA  . ASP A 1 49 ? -6.435  -2.940  -5.704  1.00 8.71   ? 336  ASP A CA  1 
ATOM   391 C  C   . ASP A 1 49 ? -6.350  -3.750  -4.417  1.00 8.36   ? 336  ASP A C   1 
ATOM   392 O  O   . ASP A 1 49 ? -7.142  -4.686  -4.160  1.00 9.30   ? 336  ASP A O   1 
ATOM   393 C  CB  . ASP A 1 49 ? -5.392  -3.387  -6.761  1.00 10.33  ? 336  ASP A CB  1 
ATOM   394 C  CG  . ASP A 1 49 ? -5.747  -4.773  -7.286  1.00 17.86  ? 336  ASP A CG  1 
ATOM   395 O  OD1 . ASP A 1 49 ? -6.723  -4.950  -8.008  1.00 28.93  ? 336  ASP A OD1 1 
ATOM   396 O  OD2 . ASP A 1 49 ? -5.010  -5.718  -6.950  1.00 27.21  ? 336  ASP A OD2 1 
ATOM   397 N  N   . MET A 1 50 ? -5.357  -3.439  -3.566  1.00 7.89   ? 337  MET A N   1 
ATOM   398 C  CA  . MET A 1 50 ? -5.233  -4.127  -2.269  1.00 7.85   ? 337  MET A CA  1 
ATOM   399 C  C   . MET A 1 50 ? -6.484  -3.858  -1.404  1.00 7.07   ? 337  MET A C   1 
ATOM   400 O  O   . MET A 1 50 ? -6.912  -4.767  -0.668  1.00 8.66   ? 337  MET A O   1 
ATOM   401 C  CB  . MET A 1 50 ? -3.980  -3.668  -1.526  1.00 7.75   ? 337  MET A CB  1 
ATOM   402 C  CG  . MET A 1 50 ? -2.670  -4.151  -2.199  1.00 10.18  ? 337  MET A CG  1 
ATOM   403 S  SD  . MET A 1 50 ? -1.210  -3.537  -1.294  1.00 15.36  ? 337  MET A SD  1 
ATOM   404 C  CE  . MET A 1 50 ? -1.015  -4.727  0.013   1.00 20.57  ? 337  MET A CE  1 
ATOM   405 N  N   . GLU A 1 51 ? -7.023  -2.662  -1.497  1.00 7.04   ? 338  GLU A N   1 
ATOM   406 C  CA  . GLU A 1 51 ? -8.240  -2.316  -0.731  1.00 7.91   ? 338  GLU A CA  1 
ATOM   407 C  C   . GLU A 1 51 ? -9.421  -3.138  -1.219  1.00 7.67   ? 338  GLU A C   1 
ATOM   408 O  O   . GLU A 1 51 ? -10.225 -3.679  -0.413  1.00 9.57   ? 338  GLU A O   1 
ATOM   409 C  CB  . GLU A 1 51 ? -8.507  -0.821  -0.896  1.00 8.11   ? 338  GLU A CB  1 
ATOM   410 C  CG  . GLU A 1 51 ? -9.688  -0.331  -0.051  1.00 8.82   ? 338  GLU A CG  1 
ATOM   411 C  CD  . GLU A 1 51 ? -9.895  1.157   -0.276  1.00 9.12   ? 338  GLU A CD  1 
ATOM   412 O  OE1 . GLU A 1 51 ? -10.064 1.927   0.703   1.00 9.04   ? 338  GLU A OE1 1 
ATOM   413 O  OE2 . GLU A 1 51 ? -9.870  1.605   -1.476  1.00 11.04  ? 338  GLU A OE2 1 
ATOM   414 N  N   . ARG A 1 52 ? -9.577  -3.256  -2.563  1.00 7.88   ? 339  ARG A N   1 
ATOM   415 C  CA  . ARG A 1 52 ? -10.676 -4.042  -3.141  1.00 10.07  ? 339  ARG A CA  1 
ATOM   416 C  C   . ARG A 1 52 ? -10.621 -5.473  -2.642  1.00 9.65   ? 339  ARG A C   1 
ATOM   417 O  O   . ARG A 1 52 ? -11.675 -6.139  -2.516  1.00 12.61  ? 339  ARG A O   1 
ATOM   418 C  CB  . ARG A 1 52 ? -10.536 -4.046  -4.682  1.00 14.86  ? 339  ARG A CB  1 
ATOM   419 C  CG  . ARG A 1 52 ? -11.540 -4.797  -5.511  1.00 22.02  ? 339  ARG A CG  1 
ATOM   420 C  CD  . ARG A 1 52 ? -11.210 -4.555  -7.004  1.00 30.94  ? 339  ARG A CD  1 
ATOM   421 N  NE  . ARG A 1 52 ? -10.033 -5.325  -7.412  1.00 35.20  ? 339  ARG A NE  1 
ATOM   422 C  CZ  . ARG A 1 52 ? -9.729  -6.593  -7.168  1.00 41.18  ? 339  ARG A CZ  1 
ATOM   423 N  NH1 . ARG A 1 52 ? -8.575  -7.036  -7.670  1.00 37.97  ? 339  ARG A NH1 1 
ATOM   424 N  NH2 . ARG A 1 52 ? -10.487 -7.434  -6.461  1.00 43.24  ? 339  ARG A NH2 1 
ATOM   425 N  N   . GLN A 1 53 ? -9.418  -6.007  -2.424  1.00 9.83   ? 340  GLN A N   1 
ATOM   426 C  CA  . GLN A 1 53 ? -9.171  -7.393  -1.976  1.00 10.98  ? 340  GLN A CA  1 
ATOM   427 C  C   . GLN A 1 53 ? -9.193  -7.521  -0.450  1.00 10.88  ? 340  GLN A C   1 
ATOM   428 O  O   . GLN A 1 53 ? -9.030  -8.664  0.046   1.00 13.34  ? 340  GLN A O   1 
ATOM   429 C  CB  . GLN A 1 53 ? -7.843  -7.918  -2.541  1.00 13.35  ? 340  GLN A CB  1 
ATOM   430 C  CG  . GLN A 1 53 ? -7.985  -8.130  -4.057  1.00 21.07  ? 340  GLN A CG  1 
ATOM   431 C  CD  . GLN A 1 53 ? -6.725  -8.545  -4.762  1.00 39.88  ? 340  GLN A CD  1 
ATOM   432 O  OE1 . GLN A 1 53 ? -6.704  -9.319  -5.749  1.00 57.72  ? 340  GLN A OE1 1 
ATOM   433 N  NE2 . GLN A 1 53 ? -5.559  -8.057  -4.336  1.00 46.84  ? 340  GLN A NE2 1 
ATOM   434 N  N   . GLY A 1 54 ? -9.339  -6.420  0.292   1.00 10.02  ? 341  GLY A N   1 
ATOM   435 C  CA  . GLY A 1 54 ? -9.436  -6.462  1.763   1.00 10.55  ? 341  GLY A CA  1 
ATOM   436 C  C   . GLY A 1 54 ? -8.059  -6.648  2.402   1.00 9.40   ? 341  GLY A C   1 
ATOM   437 O  O   . GLY A 1 54 ? -7.968  -7.155  3.558   1.00 10.28  ? 341  GLY A O   1 
ATOM   438 N  N   . ASP A 1 55 ? -6.941  -6.250  1.758   1.00 8.15   ? 342  ASP A N   1 
ATOM   439 C  CA  . ASP A 1 55 ? -5.591  -6.369  2.342   1.00 7.64   ? 342  ASP A CA  1 
ATOM   440 C  C   . ASP A 1 55 ? -5.093  -5.050  3.003   1.00 7.56   ? 342  ASP A C   1 
ATOM   441 O  O   . ASP A 1 55 ? -4.160  -5.091  3.857   1.00 7.58   ? 342  ASP A O   1 
ATOM   442 C  CB  . ASP A 1 55 ? -4.572  -6.766  1.257   1.00 10.51  ? 342  ASP A CB  1 
ATOM   443 C  CG  . ASP A 1 55 ? -4.739  -8.218  0.861   1.00 15.93  ? 342  ASP A CG  1 
ATOM   444 O  OD1 . ASP A 1 55 ? -4.214  -8.584  -0.201  1.00 28.51  ? 342  ASP A OD1 1 
ATOM   445 O  OD2 . ASP A 1 55 ? -5.359  -8.982  1.645   1.00 19.08  ? 342  ASP A OD2 1 
ATOM   446 N  N   . VAL A 1 56 ? -5.650  -3.890  2.601   1.00 7.25   ? 343  VAL A N   1 
ATOM   447 C  CA  . VAL A 1 56 ? -5.370  -2.632  3.253   1.00 6.76   ? 343  VAL A CA  1 
ATOM   448 C  C   . VAL A 1 56 ? -6.739  -1.917  3.410   1.00 6.59   ? 343  VAL A C   1 
ATOM   449 O  O   . VAL A 1 56 ? -7.699  -2.227  2.687   1.00 7.35   ? 343  VAL A O   1 
ATOM   450 C  CB  . VAL A 1 56 ? -4.411  -1.698  2.474   1.00 7.57   ? 343  VAL A CB  1 
ATOM   451 C  CG1 . VAL A 1 56 ? -3.021  -2.333  2.388   1.00 8.42   ? 343  VAL A CG1 1 
ATOM   452 C  CG2 . VAL A 1 56 ? -5.009  -1.314  1.116   1.00 7.77   ? 343  VAL A CG2 1 
ATOM   453 N  N   . TYR A 1 57 ? -6.761  -0.947  4.288   1.00 6.71   ? 344  TYR A N   1 
ATOM   454 C  CA  . TYR A 1 57 ? -7.932  -0.056  4.380   1.00 6.89   ? 344  TYR A CA  1 
ATOM   455 C  C   . TYR A 1 57 ? -7.418  1.371   4.520   1.00 6.42   ? 344  TYR A C   1 
ATOM   456 O  O   . TYR A 1 57 ? -6.256  1.615   4.903   1.00 7.50   ? 344  TYR A O   1 
ATOM   457 C  CB  . TYR A 1 57 ? -8.849  -0.424  5.544   1.00 8.10   ? 344  TYR A CB  1 
ATOM   458 C  CG  . TYR A 1 57 ? -8.312  -0.239  6.949   1.00 8.17   ? 344  TYR A CG  1 
ATOM   459 C  CD1 . TYR A 1 57 ? -8.517  0.951   7.670   1.00 9.57   ? 344  TYR A CD1 1 
ATOM   460 C  CD2 . TYR A 1 57 ? -7.606  -1.276  7.584   1.00 8.87   ? 344  TYR A CD2 1 
ATOM   461 C  CE1 . TYR A 1 57 ? -8.021  1.090   8.949   1.00 10.35  ? 344  TYR A CE1 1 
ATOM   462 C  CE2 . TYR A 1 57 ? -7.133  -1.121  8.901   1.00 9.46   ? 344  TYR A CE2 1 
ATOM   463 C  CZ  . TYR A 1 57 ? -7.355  0.076   9.570   1.00 9.90   ? 344  TYR A CZ  1 
ATOM   464 O  OH  . TYR A 1 57 ? -6.884  0.226   10.860  1.00 11.63  ? 344  TYR A OH  1 
ATOM   465 N  N   . ARG A 1 58 ? -8.308  2.316   4.188   1.00 6.63   ? 345  ARG A N   1 
ATOM   466 C  CA  . ARG A 1 58 ? -7.985  3.759   4.323   1.00 8.39   ? 345  ARG A CA  1 
ATOM   467 C  C   . ARG A 1 58 ? -8.776  4.334   5.487   1.00 8.50   ? 345  ARG A C   1 
ATOM   468 O  O   . ARG A 1 58 ? -9.927  3.943   5.707   1.00 8.91   ? 345  ARG A O   1 
ATOM   469 C  CB  . ARG A 1 58 ? -8.185  4.492   2.977   1.00 11.49  ? 345  ARG A CB  1 
ATOM   470 C  CG  . ARG A 1 58 ? -9.593  4.836   2.630   1.00 12.70  ? 345  ARG A CG  1 
ATOM   471 C  CD  . ARG A 1 58 ? -9.536  5.607   1.268   1.00 18.68  ? 345  ARG A CD  1 
ATOM   472 N  NE  . ARG A 1 58 ? -9.717  4.715   0.158   1.00 10.19  ? 345  ARG A NE  1 
ATOM   473 C  CZ  . ARG A 1 58 ? -9.844  5.176   -1.098  1.00 11.43  ? 345  ARG A CZ  1 
ATOM   474 N  NH1 . ARG A 1 58 ? -9.764  6.471   -1.353  1.00 14.38  ? 345  ARG A NH1 1 
ATOM   475 N  NH2 . ARG A 1 58 ? -10.008 4.270   -2.036  1.00 19.92  ? 345  ARG A NH2 1 
ATOM   476 N  N   A GLN A 1 59 ? -8.164  5.270   6.212   0.50 8.06   ? 346  GLN A N   1 
ATOM   477 N  N   B GLN A 1 59 ? -8.116  5.260   6.190   0.50 8.56   ? 346  GLN A N   1 
ATOM   478 C  CA  A GLN A 1 59 ? -8.729  5.919   7.382   0.50 9.00   ? 346  GLN A CA  1 
ATOM   479 C  CA  B GLN A 1 59 ? -8.686  5.951   7.324   0.50 9.07   ? 346  GLN A CA  1 
ATOM   480 C  C   A GLN A 1 59 ? -8.695  7.425   7.191   0.50 7.92   ? 346  GLN A C   1 
ATOM   481 C  C   B GLN A 1 59 ? -8.681  7.456   7.115   0.50 8.32   ? 346  GLN A C   1 
ATOM   482 O  O   A GLN A 1 59 ? -7.617  8.016   7.031   0.50 7.22   ? 346  GLN A O   1 
ATOM   483 O  O   B GLN A 1 59 ? -7.624  8.060   6.904   0.50 9.41   ? 346  GLN A O   1 
ATOM   484 C  CB  A GLN A 1 59 ? -7.912  5.504   8.594   0.50 11.04  ? 346  GLN A CB  1 
ATOM   485 C  CB  B GLN A 1 59 ? -7.884  5.635   8.582   0.50 11.63  ? 346  GLN A CB  1 
ATOM   486 C  CG  A GLN A 1 59 ? -8.254  6.130   9.923   0.50 12.64  ? 346  GLN A CG  1 
ATOM   487 C  CG  B GLN A 1 59 ? -8.214  6.512   9.778   0.50 12.46  ? 346  GLN A CG  1 
ATOM   488 C  CD  A GLN A 1 59 ? -9.572  5.721   10.534  0.50 13.49  ? 346  GLN A CD  1 
ATOM   489 C  CD  B GLN A 1 59 ? -9.658  6.471   10.226  0.50 14.69  ? 346  GLN A CD  1 
ATOM   490 O  OE1 A GLN A 1 59 ? -10.613 5.640   9.875   0.50 14.18  ? 346  GLN A OE1 1 
ATOM   491 O  OE1 B GLN A 1 59 ? -10.051 7.290   11.064  0.50 17.89  ? 346  GLN A OE1 1 
ATOM   492 N  NE2 A GLN A 1 59 ? -9.558  5.496   11.854  0.50 12.18  ? 346  GLN A NE2 1 
ATOM   493 N  NE2 B GLN A 1 59 ? -10.444 5.535   9.704   0.50 20.58  ? 346  GLN A NE2 1 
ATOM   494 N  N   . GLY A 1 60 ? -9.879  8.025   7.202   1.00 9.57   ? 347  GLY A N   1 
ATOM   495 C  CA  . GLY A 1 60 ? -10.019 9.493   7.058   1.00 9.91   ? 347  GLY A CA  1 
ATOM   496 C  C   . GLY A 1 60 ? -9.873  9.934   5.613   1.00 10.00  ? 347  GLY A C   1 
ATOM   497 O  O   . GLY A 1 60 ? -9.637  9.186   4.688   1.00 10.07  ? 347  GLY A O   1 
ATOM   498 N  N   . THR A 1 61 ? -10.013 11.268  5.450   1.00 11.55  ? 348  THR A N   1 
ATOM   499 C  CA  . THR A 1 61 ? -10.128 11.818  4.118   1.00 10.78  ? 348  THR A CA  1 
ATOM   500 C  C   . THR A 1 61 ? -9.011  12.766  3.727   1.00 9.88   ? 348  THR A C   1 
ATOM   501 O  O   . THR A 1 61 ? -8.881  13.066  2.508   1.00 12.84  ? 348  THR A O   1 
ATOM   502 C  CB  . THR A 1 61 ? -11.472 12.628  3.980   1.00 13.71  ? 348  THR A CB  1 
ATOM   503 O  OG1 . THR A 1 61 ? -11.467 13.653  4.983   1.00 17.40  ? 348  THR A OG1 1 
ATOM   504 C  CG2 . THR A 1 61 ? -12.703 11.724  4.176   1.00 16.78  ? 348  THR A CG2 1 
ATOM   505 N  N   . THR A 1 62 ? -8.228  13.334  4.660   1.00 10.85  ? 349  THR A N   1 
ATOM   506 C  CA  . THR A 1 62 ? -7.478  14.553  4.326   1.00 11.18  ? 349  THR A CA  1 
ATOM   507 C  C   . THR A 1 62 ? -6.062  14.529  4.885   1.00 11.18  ? 349  THR A C   1 
ATOM   508 O  O   . THR A 1 62 ? -5.673  15.333  5.742   1.00 12.76  ? 349  THR A O   1 
ATOM   509 C  CB  . THR A 1 62 ? -8.243  15.817  4.832   1.00 17.73  ? 349  THR A CB  1 
ATOM   510 O  OG1 . THR A 1 62 ? -9.637  15.728  4.440   1.00 20.24  ? 349  THR A OG1 1 
ATOM   511 C  CG2 . THR A 1 62 ? -7.564  16.999  4.166   1.00 24.23  ? 349  THR A CG2 1 
ATOM   512 N  N   . PRO A 1 63 ? -5.169  13.664  4.343   1.00 9.10   ? 350  PRO A N   1 
ATOM   513 C  CA  . PRO A 1 63 ? -5.428  12.621  3.345   1.00 8.70   ? 350  PRO A CA  1 
ATOM   514 C  C   . PRO A 1 63 ? -5.841  11.324  4.059   1.00 7.83   ? 350  PRO A C   1 
ATOM   515 O  O   . PRO A 1 63 ? -5.648  11.141  5.253   1.00 8.57   ? 350  PRO A O   1 
ATOM   516 C  CB  . PRO A 1 63 ? -4.057  12.489  2.682   1.00 9.77   ? 350  PRO A CB  1 
ATOM   517 C  CG  . PRO A 1 63 ? -3.100  12.637  3.854   1.00 9.98   ? 350  PRO A CG  1 
ATOM   518 C  CD  . PRO A 1 63 ? -3.745  13.722  4.692   1.00 11.15  ? 350  PRO A CD  1 
ATOM   519 N  N   . PRO A 1 64 ? -6.344  10.371  3.273   1.00 7.51   ? 351  PRO A N   1 
ATOM   520 C  CA  . PRO A 1 64 ? -6.577  9.024   3.886   1.00 7.80   ? 351  PRO A CA  1 
ATOM   521 C  C   . PRO A 1 64 ? -5.197  8.432   4.302   1.00 7.15   ? 351  PRO A C   1 
ATOM   522 O  O   . PRO A 1 64 ? -4.126  8.575   3.663   1.00 7.48   ? 351  PRO A O   1 
ATOM   523 C  CB  . PRO A 1 64 ? -7.178  8.213   2.639   1.00 8.74   ? 351  PRO A CB  1 
ATOM   524 C  CG  . PRO A 1 64 ? -7.770  9.250   1.713   1.00 9.62   ? 351  PRO A CG  1 
ATOM   525 C  CD  . PRO A 1 64 ? -6.704  10.429  1.786   1.00 9.89   ? 351  PRO A CD  1 
ATOM   526 N  N   . ILE A 1 65 ? -5.242  7.701   5.437   1.00 6.97   ? 352  ILE A N   1 
ATOM   527 C  CA  . ILE A 1 65 ? -4.079  7.019   5.948   1.00 6.50   ? 352  ILE A CA  1 
ATOM   528 C  C   . ILE A 1 65 ? -4.287  5.498   5.721   1.00 6.59   ? 352  ILE A C   1 
ATOM   529 O  O   . ILE A 1 65 ? -5.277  4.924   6.192   1.00 7.11   ? 352  ILE A O   1 
ATOM   530 C  CB  . ILE A 1 65 ? -3.871  7.305   7.444   1.00 6.84   ? 352  ILE A CB  1 
ATOM   531 C  CG1 . ILE A 1 65 ? -3.719  8.816   7.659   1.00 8.50   ? 352  ILE A CG1 1 
ATOM   532 C  CG2 . ILE A 1 65 ? -2.648  6.539   7.926   1.00 8.36   ? 352  ILE A CG2 1 
ATOM   533 C  CD1 . ILE A 1 65 ? -3.868  9.202   9.134   1.00 12.96  ? 352  ILE A CD1 1 
ATOM   534 N  N   . TRP A 1 66 ? -3.329  4.883   5.016   1.00 5.68   ? 353  TRP A N   1 
ATOM   535 C  CA  . TRP A 1 66 ? -3.465  3.472   4.653   1.00 5.93   ? 353  TRP A CA  1 
ATOM   536 C  C   . TRP A 1 66 ? -2.841  2.607   5.735   1.00 6.31   ? 353  TRP A C   1 
ATOM   537 O  O   . TRP A 1 66 ? -1.781  2.882   6.304   1.00 6.49   ? 353  TRP A O   1 
ATOM   538 C  CB  . TRP A 1 66 ? -2.712  3.267   3.295   1.00 6.61   ? 353  TRP A CB  1 
ATOM   539 C  CG  . TRP A 1 66 ? -3.413  4.026   2.180   1.00 6.77   ? 353  TRP A CG  1 
ATOM   540 C  CD1 . TRP A 1 66 ? -3.177  5.294   1.727   1.00 7.59   ? 353  TRP A CD1 1 
ATOM   541 C  CD2 . TRP A 1 66 ? -4.511  3.533   1.376   1.00 6.71   ? 353  TRP A CD2 1 
ATOM   542 N  NE1 . TRP A 1 66 ? -4.049  5.605   0.695   1.00 8.12   ? 353  TRP A NE1 1 
ATOM   543 C  CE2 . TRP A 1 66 ? -4.874  4.532   0.466   1.00 7.38   ? 353  TRP A CE2 1 
ATOM   544 C  CE3 . TRP A 1 66 ? -5.219  2.305   1.361   1.00 7.79   ? 353  TRP A CE3 1 
ATOM   545 C  CZ2 . TRP A 1 66 ? -5.913  4.381   -0.482  1.00 10.02  ? 353  TRP A CZ2 1 
ATOM   546 C  CZ3 . TRP A 1 66 ? -6.259  2.111   0.429   1.00 8.94   ? 353  TRP A CZ3 1 
ATOM   547 C  CH2 . TRP A 1 66 ? -6.574  3.142   -0.458  1.00 10.77  ? 353  TRP A CH2 1 
ATOM   548 N  N   . HIS A 1 67 ? -3.543  1.493   6.014   1.00 6.48   ? 354  HIS A N   1 
ATOM   549 C  CA  . HIS A 1 67 ? -3.223  0.528   7.076   1.00 6.84   ? 354  HIS A CA  1 
ATOM   550 C  C   . HIS A 1 67 ? -3.412  -0.888  6.528   1.00 6.70   ? 354  HIS A C   1 
ATOM   551 O  O   . HIS A 1 67 ? -4.342  -1.138  5.770   1.00 7.52   ? 354  HIS A O   1 
ATOM   552 C  CB  . HIS A 1 67 ? -4.224  0.655   8.249   1.00 8.27   ? 354  HIS A CB  1 
ATOM   553 C  CG  . HIS A 1 67 ? -4.207  1.974   9.020   1.00 8.55   ? 354  HIS A CG  1 
ATOM   554 N  ND1 . HIS A 1 67 ? -4.626  3.181   8.530   1.00 8.74   ? 354  HIS A ND1 1 
ATOM   555 C  CD2 . HIS A 1 67 ? -3.770  2.183   10.302  1.00 8.81   ? 354  HIS A CD2 1 
ATOM   556 C  CE1 . HIS A 1 67 ? -4.456  4.122   9.508   1.00 8.37   ? 354  HIS A CE1 1 
ATOM   557 N  NE2 . HIS A 1 67 ? -3.945  3.564   10.591  1.00 8.44   ? 354  HIS A NE2 1 
ATOM   558 N  N   . LEU A 1 68 ? -2.563  -1.808  6.991   1.00 7.43   ? 355  LEU A N   1 
ATOM   559 C  CA  . LEU A 1 68 ? -2.817  -3.231  6.716   1.00 7.42   ? 355  LEU A CA  1 
ATOM   560 C  C   . LEU A 1 68 ? -4.066  -3.692  7.454   1.00 7.38   ? 355  LEU A C   1 
ATOM   561 O  O   . LEU A 1 68 ? -4.318  -3.232  8.591   1.00 9.16   ? 355  LEU A O   1 
ATOM   562 C  CB  . LEU A 1 68 ? -1.643  -4.062  7.253   1.00 9.17   ? 355  LEU A CB  1 
ATOM   563 C  CG  . LEU A 1 68 ? -0.311  -3.806  6.557   1.00 10.44  ? 355  LEU A CG  1 
ATOM   564 C  CD1 . LEU A 1 68 ? 0.748   -4.650  7.274   1.00 13.49  ? 355  LEU A CD1 1 
ATOM   565 C  CD2 . LEU A 1 68 ? -0.355  -4.050  5.072   1.00 13.89  ? 355  LEU A CD2 1 
ATOM   566 N  N   . THR A 1 69 ? -4.839  -4.576  6.834   1.00 7.29   ? 356  THR A N   1 
ATOM   567 C  CA  . THR A 1 69 ? -6.027  -5.139  7.495   1.00 7.90   ? 356  THR A CA  1 
ATOM   568 C  C   . THR A 1 69 ? -5.620  -6.311  8.388   1.00 7.94   ? 356  THR A C   1 
ATOM   569 O  O   . THR A 1 69 ? -4.529  -6.897  8.267   1.00 8.36   ? 356  THR A O   1 
ATOM   570 C  CB  . THR A 1 69 ? -7.066  -5.671  6.474   1.00 7.96   ? 356  THR A CB  1 
ATOM   571 O  OG1 . THR A 1 69 ? -6.410  -6.711  5.737   1.00 8.20   ? 356  THR A OG1 1 
ATOM   572 C  CG2 . THR A 1 69 ? -7.591  -4.542  5.589   1.00 8.54   ? 356  THR A CG2 1 
ATOM   573 N  N   . ASP A 1 70 ? -6.543  -6.671  9.288   1.00 9.44   ? 357  ASP A N   1 
ATOM   574 C  CA  . ASP A 1 70 ? -6.324  -7.861  10.095  1.00 11.99  ? 357  ASP A CA  1 
ATOM   575 C  C   . ASP A 1 70 ? -6.202  -9.124  9.240   1.00 10.87  ? 357  ASP A C   1 
ATOM   576 O  O   . ASP A 1 70 ? -5.375  -9.994  9.538   1.00 11.48  ? 357  ASP A O   1 
ATOM   577 C  CB  . ASP A 1 70 ? -7.512  -8.018  11.094  1.00 15.53  ? 357  ASP A CB  1 
ATOM   578 C  CG  . ASP A 1 70 ? -7.498  -6.955  12.158  1.00 24.62  ? 357  ASP A CG  1 
ATOM   579 O  OD1 . ASP A 1 70 ? -8.516  -6.883  12.923  1.00 43.53  ? 357  ASP A OD1 1 
ATOM   580 O  OD2 . ASP A 1 70 ? -6.574  -6.146  12.329  1.00 31.84  ? 357  ASP A OD2 1 
ATOM   581 N  N   . LYS A 1 71 ? -7.025  -9.261  8.181   1.00 11.44  ? 358  LYS A N   1 
ATOM   582 C  CA  . LYS A 1 71 ? -6.940  -10.407 7.280   1.00 12.63  ? 358  LYS A CA  1 
ATOM   583 C  C   . LYS A 1 71 ? -5.528  -10.557 6.747   1.00 10.08  ? 358  LYS A C   1 
ATOM   584 O  O   . LYS A 1 71 ? -4.980  -11.678 6.745   1.00 12.02  ? 358  LYS A O   1 
ATOM   585 C  CB  . LYS A 1 71 ? -7.939  -10.185 6.121   1.00 22.12  ? 358  LYS A CB  1 
ATOM   586 C  CG  . LYS A 1 71 ? -7.851  -11.187 4.958   1.00 25.89  ? 358  LYS A CG  1 
ATOM   587 C  CD  . LYS A 1 71 ? -8.624  -10.669 3.730   1.00 35.37  ? 358  LYS A CD  1 
ATOM   588 C  CE  . LYS A 1 71 ? -7.731  -10.009 2.706   1.00 43.93  ? 358  LYS A CE  1 
ATOM   589 N  NZ  . LYS A 1 71 ? -7.679  -10.690 1.398   1.00 38.77  ? 358  LYS A NZ  1 
ATOM   590 N  N   . LYS A 1 72 ? -4.914  -9.435  6.328   1.00 8.43   ? 359  LYS A N   1 
ATOM   591 C  CA  . LYS A 1 72 ? -3.540  -9.518  5.833   1.00 7.92   ? 359  LYS A CA  1 
ATOM   592 C  C   . LYS A 1 72 ? -2.517  -9.816  6.953   1.00 7.33   ? 359  LYS A C   1 
ATOM   593 O  O   . LYS A 1 72 ? -1.613  -10.677 6.790   1.00 7.65   ? 359  LYS A O   1 
ATOM   594 C  CB  . LYS A 1 72 ? -3.211  -8.225  5.077   1.00 8.93   ? 359  LYS A CB  1 
ATOM   595 C  CG  . LYS A 1 72 ? -1.751  -8.227  4.613   1.00 11.26  ? 359  LYS A CG  1 
ATOM   596 C  CD  . LYS A 1 72 ? -1.472  -7.448  3.375   1.00 16.15  ? 359  LYS A CD  1 
ATOM   597 C  CE  . LYS A 1 72 ? 0.037   -7.444  3.087   1.00 18.69  ? 359  LYS A CE  1 
ATOM   598 N  NZ  . LYS A 1 72 ? 0.656   -8.794  2.789   1.00 18.51  ? 359  LYS A NZ  1 
ATOM   599 N  N   . ARG A 1 73 ? -2.659  -9.154  8.112   1.00 7.37   ? 360  ARG A N   1 
ATOM   600 C  CA  . ARG A 1 73 ? -1.716  -9.415  9.197   1.00 7.57   ? 360  ARG A CA  1 
ATOM   601 C  C   . ARG A 1 73 ? -1.747  -10.851 9.655   1.00 7.41   ? 360  ARG A C   1 
ATOM   602 O  O   . ARG A 1 73 ? -0.721  -11.377 10.066  1.00 9.01   ? 360  ARG A O   1 
ATOM   603 C  CB  . ARG A 1 73 ? -1.994  -8.502  10.402  1.00 8.91   ? 360  ARG A CB  1 
ATOM   604 C  CG  . ARG A 1 73 ? -1.642  -7.023  10.135  1.00 9.86   ? 360  ARG A CG  1 
ATOM   605 C  CD  . ARG A 1 73 ? -1.838  -6.224  11.436  1.00 12.10  ? 360  ARG A CD  1 
ATOM   606 N  NE  . ARG A 1 73 ? -1.392  -4.834  11.261  1.00 11.13  ? 360  ARG A NE  1 
ATOM   607 C  CZ  . ARG A 1 73 ? -0.099  -4.509  11.333  1.00 10.28  ? 360  ARG A CZ  1 
ATOM   608 N  NH1 . ARG A 1 73 ? 0.886   -5.356  11.607  1.00 9.67   ? 360  ARG A NH1 1 
ATOM   609 N  NH2 . ARG A 1 73 ? 0.171   -3.219  11.148  1.00 13.51  ? 360  ARG A NH2 1 
ATOM   610 N  N   . GLU A 1 74 ? -2.899  -11.517 9.576   1.00 8.29   ? 361  GLU A N   1 
ATOM   611 C  CA  . GLU A 1 74 ? -3.006  -12.934 10.019  1.00 9.35   ? 361  GLU A CA  1 
ATOM   612 C  C   . GLU A 1 74 ? -2.105  -13.848 9.159   1.00 9.57   ? 361  GLU A C   1 
ATOM   613 O  O   . GLU A 1 74 ? -1.720  -14.924 9.650   1.00 12.64  ? 361  GLU A O   1 
ATOM   614 C  CB  . GLU A 1 74 ? -4.461  -13.352 9.979   1.00 11.55  ? 361  GLU A CB  1 
ATOM   615 C  CG  . GLU A 1 74 ? -5.306  -12.769 11.102  1.00 17.46  ? 361  GLU A CG  1 
ATOM   616 C  CD  . GLU A 1 74 ? -6.771  -13.155 11.079  1.00 36.01  ? 361  GLU A CD  1 
ATOM   617 O  OE1 . GLU A 1 74 ? -7.227  -14.033 10.306  1.00 56.01  ? 361  GLU A OE1 1 
ATOM   618 O  OE2 . GLU A 1 74 ? -7.598  -12.604 11.855  1.00 57.30  ? 361  GLU A OE2 1 
ATOM   619 N  N   . ARG A 1 75 ? -1.763  -13.420 7.940   1.00 8.63   ? 362  ARG A N   1 
ATOM   620 C  CA  . ARG A 1 75 ? -0.847  -14.228 7.113   1.00 9.84   ? 362  ARG A CA  1 
ATOM   621 C  C   . ARG A 1 75 ? 0.630   -14.013 7.497   1.00 9.66   ? 362  ARG A C   1 
ATOM   622 O  O   . ARG A 1 75 ? 1.508   -14.729 7.050   1.00 11.42  ? 362  ARG A O   1 
ATOM   623 C  CB  . ARG A 1 75 ? -1.037  -13.825 5.631   1.00 10.67  ? 362  ARG A CB  1 
ATOM   624 C  CG  . ARG A 1 75 ? -2.484  -14.111 5.184   1.00 13.29  ? 362  ARG A CG  1 
ATOM   625 C  CD  . ARG A 1 75 ? -2.475  -14.079 3.716   1.00 19.78  ? 362  ARG A CD  1 
ATOM   626 N  NE  . ARG A 1 75 ? -2.917  -12.942 3.116   1.00 32.62  ? 362  ARG A NE  1 
ATOM   627 C  CZ  . ARG A 1 75 ? -3.678  -12.292 2.286   1.00 35.75  ? 362  ARG A CZ  1 
ATOM   628 N  NH1 . ARG A 1 75 ? -4.579  -12.900 1.552   1.00 39.08  ? 362  ARG A NH1 1 
ATOM   629 N  NH2 . ARG A 1 75 ? -3.421  -10.991 2.301   1.00 45.42  ? 362  ARG A NH2 1 
ATOM   630 N  N   . MET A 1 76 ? 0.918   -12.990 8.347   1.00 9.69   ? 363  MET A N   1 
ATOM   631 C  CA  . MET A 1 76 ? 2.250   -12.483 8.582   1.00 10.46  ? 363  MET A CA  1 
ATOM   632 C  C   . MET A 1 76 ? 2.711   -12.607 10.024  1.00 11.24  ? 363  MET A C   1 
ATOM   633 O  O   . MET A 1 76 ? 3.904   -12.545 10.272  1.00 15.78  ? 363  MET A O   1 
ATOM   634 C  CB  . MET A 1 76 ? 2.264   -10.989 8.210   1.00 12.52  ? 363  MET A CB  1 
ATOM   635 C  CG  . MET A 1 76 ? 1.890   -10.748 6.745   1.00 12.99  ? 363  MET A CG  1 
ATOM   636 S  SD  . MET A 1 76 ? 1.733   -8.997  6.267   1.00 11.79  ? 363  MET A SD  1 
ATOM   637 C  CE  . MET A 1 76 ? 3.439   -8.596  6.007   1.00 14.45  ? 363  MET A CE  1 
ATOM   638 N  N   . GLN A 1 77 ? 1.800   -12.712 10.970  1.00 8.56   ? 364  GLN A N   1 
ATOM   639 C  CA  . GLN A 1 77 ? 2.103   -12.609 12.400  1.00 9.19   ? 364  GLN A CA  1 
ATOM   640 C  C   . GLN A 1 77 ? 1.323   -13.649 13.187  1.00 9.57   ? 364  GLN A C   1 
ATOM   641 O  O   . GLN A 1 77 ? 0.352   -14.233 12.647  1.00 13.04  ? 364  GLN A O   1 
ATOM   642 C  CB  . GLN A 1 77 ? 1.572   -11.251 12.918  1.00 12.74  ? 364  GLN A CB  1 
ATOM   643 C  CG  . GLN A 1 77 ? 2.185   -10.060 12.306  1.00 11.87  ? 364  GLN A CG  1 
ATOM   644 C  CD  . GLN A 1 77 ? 1.651   -8.755  12.852  1.00 10.63  ? 364  GLN A CD  1 
ATOM   645 O  OE1 . GLN A 1 77 ? 0.770   -8.137  12.280  1.00 12.21  ? 364  GLN A OE1 1 
ATOM   646 N  NE2 . GLN A 1 77 ? 2.294   -8.314  13.903  1.00 16.20  ? 364  GLN A NE2 1 
ATOM   647 N  N   . ILE A 1 78 ? 1.722   -13.880 14.424  1.00 9.94   ? 365  ILE A N   1 
ATOM   648 C  CA  . ILE A 1 78 ? 1.147   -14.849 15.307  1.00 9.98   ? 365  ILE A CA  1 
ATOM   649 C  C   . ILE A 1 78 ? 0.343   -14.156 16.361  1.00 10.18  ? 365  ILE A C   1 
ATOM   650 O  O   . ILE A 1 78 ? 0.673   -13.059 16.818  1.00 12.35  ? 365  ILE A O   1 
ATOM   651 C  CB  . ILE A 1 78 ? 2.238   -15.717 15.955  1.00 14.04  ? 365  ILE A CB  1 
ATOM   652 C  CG1 . ILE A 1 78 ? 3.014   -16.499 14.877  1.00 19.98  ? 365  ILE A CG1 1 
ATOM   653 C  CG2 . ILE A 1 78 ? 1.718   -16.711 17.005  1.00 20.86  ? 365  ILE A CG2 1 
ATOM   654 C  CD1 . ILE A 1 78 ? 4.285   -17.112 15.510  1.00 28.20  ? 365  ILE A CD1 1 
ATOM   655 N  N   . LYS A 1 79 ? -0.743  -14.765 16.777  1.00 13.38  ? 366  LYS A N   1 
ATOM   656 C  CA  . LYS A 1 79 ? -1.675  -14.239 17.768  1.00 17.20  ? 366  LYS A CA  1 
ATOM   657 C  C   . LYS A 1 79 ? -1.335  -14.747 19.182  1.00 24.77  ? 366  LYS A C   1 
ATOM   658 O  O   . LYS A 1 79 ? -1.368  -16.039 19.070  1.00 40.86  ? 366  LYS A O   1 
ATOM   659 C  CB  . LYS A 1 79 ? -3.024  -14.912 17.500  1.00 30.33  ? 366  LYS A CB  1 
ATOM   660 C  CG  . LYS A 1 79 ? -4.186  -13.963 17.803  1.00 35.02  ? 366  LYS A CG  1 
ATOM   661 C  CD  . LYS A 1 79 ? -4.894  -13.787 16.455  1.00 48.06  ? 366  LYS A CD  1 
ATOM   662 C  CE  . LYS A 1 79 ? -4.750  -15.019 15.554  1.00 50.90  ? 366  LYS A CE  1 
ATOM   663 N  NZ  . LYS A 1 79 ? -5.515  -14.890 14.276  1.00 45.05  ? 366  LYS A NZ  1 
HETATM 664 CD CD  . CD  B 2 .  ? 2.598   -8.468  1.777   1.00 10.07  ? 396  CD  A CD  1 
HETATM 665 CD CD  . CD  C 2 .  ? 6.133   -8.208  2.684   1.00 9.61   ? 397  CD  A CD  1 
HETATM 666 NI NI  . NI  D 3 .  ? -0.728  -0.603  -14.362 1.00 21.68  ? 398  NI  A NI  1 
HETATM 667 CL CL  . CL  E 4 .  ? 1.656   -7.480  -0.258  1.00 13.76  ? 399  CL  A CL  1 
HETATM 668 CL CL  . CL  F 4 .  ? 7.117   -8.012  5.026   1.00 15.29  ? 400  CL  A CL  1 
HETATM 669 O  O   . HOH G 5 .  ? -5.071  8.087   -0.901  1.00 12.15  ? 1001 HOH A O   1 
HETATM 670 O  O   . HOH G 5 .  ? -3.390  9.045   1.171   1.00 9.86   ? 1002 HOH A O   1 
HETATM 671 O  O   . HOH G 5 .  ? -10.904 1.238   3.178   1.00 7.40   ? 1003 HOH A O   1 
HETATM 672 O  O   . HOH G 5 .  ? -7.010  10.365  8.492   1.00 15.15  ? 1004 HOH A O   1 
HETATM 673 O  O   . HOH G 5 .  ? 6.570   5.483   -12.954 1.00 18.85  ? 1005 HOH A O   1 
HETATM 674 O  O   . HOH G 5 .  ? 1.707   12.707  4.487   1.00 17.39  ? 1006 HOH A O   1 
HETATM 675 O  O   . HOH G 5 .  ? -10.209 -3.217  2.682   1.00 16.23  ? 1007 HOH A O   1 
HETATM 676 O  O   . HOH G 5 .  ? 0.696   7.996   -4.362  1.00 23.05  ? 1008 HOH A O   1 
HETATM 677 O  O   . HOH G 5 .  ? -5.628  -1.911  12.050  1.00 34.00  ? 1009 HOH A O   1 
HETATM 678 O  O   . HOH G 5 .  ? 10.162  0.343   -7.488  1.00 30.69  ? 1010 HOH A O   1 
HETATM 679 O  O   . HOH G 5 .  ? -9.570  -7.790  7.930   1.00 13.68  ? 1011 HOH A O   1 
HETATM 680 O  O   . HOH G 5 .  ? 4.722   -8.289  -4.513  1.00 16.48  ? 1012 HOH A O   1 
HETATM 681 O  O   . HOH G 5 .  ? 9.410   0.143   1.621   1.00 13.98  ? 1013 HOH A O   1 
HETATM 682 O  O   . HOH G 5 .  ? -1.898  11.144  0.259   1.00 13.72  ? 1014 HOH A O   1 
HETATM 683 O  O   . HOH G 5 .  ? 5.897   12.628  4.394   1.00 17.53  ? 1015 HOH A O   1 
HETATM 684 O  O   . HOH G 5 .  ? -13.213 4.998   10.197  1.00 14.05  ? 1016 HOH A O   1 
HETATM 685 O  O   . HOH G 5 .  ? -3.461  5.541   -9.921  1.00 20.83  ? 1017 HOH A O   1 
HETATM 686 O  O   . HOH G 5 .  ? 3.510   -4.311  12.119  1.00 17.14  ? 1018 HOH A O   1 
HETATM 687 O  O   . HOH G 5 .  ? 3.238   3.505   -14.815 1.00 27.11  ? 1019 HOH A O   1 
HETATM 688 O  O   . HOH G 5 .  ? 4.813   15.432  1.060   1.00 15.50  ? 1020 HOH A O   1 
HETATM 689 O  O   . HOH G 5 .  ? -10.580 0.284   -3.619  1.00 11.98  ? 1021 HOH A O   1 
HETATM 690 O  O   . HOH G 5 .  ? -4.727  -4.342  11.102  1.00 27.28  ? 1022 HOH A O   1 
HETATM 691 O  O   . HOH G 5 .  ? 4.307   -8.335  -1.761  1.00 17.27  ? 1023 HOH A O   1 
HETATM 692 O  O   . HOH G 5 .  ? -8.038  -4.981  14.056  1.00 38.08  ? 1024 HOH A O   1 
HETATM 693 O  O   . HOH G 5 .  ? 11.544  11.195  -2.236  1.00 26.65  ? 1025 HOH A O   1 
HETATM 694 O  O   . HOH G 5 .  ? -10.283 -7.187  5.224   1.00 14.30  ? 1026 HOH A O   1 
HETATM 695 O  O   . HOH G 5 .  ? 6.253   0.224   -14.633 1.00 33.41  ? 1027 HOH A O   1 
HETATM 696 O  O   . HOH G 5 .  ? 3.305   12.424  -4.979  1.00 10.54  ? 1028 HOH A O   1 
HETATM 697 O  O   . HOH G 5 .  ? -11.013 3.430   8.205   1.00 11.51  ? 1029 HOH A O   1 
HETATM 698 O  O   . HOH G 5 .  ? 3.884   13.627  2.989   1.00 16.59  ? 1030 HOH A O   1 
HETATM 699 O  O   . HOH G 5 .  ? -13.649 -2.722  4.997   1.00 14.55  ? 1031 HOH A O   1 
HETATM 700 O  O   . HOH G 5 .  ? 11.692  10.200  -5.081  1.00 19.21  ? 1032 HOH A O   1 
HETATM 701 O  O   . HOH G 5 .  ? -4.792  12.123  7.660   1.00 13.51  ? 1033 HOH A O   1 
HETATM 702 O  O   . HOH G 5 .  ? -8.513  13.179  7.506   1.00 24.08  ? 1034 HOH A O   1 
HETATM 703 O  O   . HOH G 5 .  ? 9.893   -7.713  9.363   1.00 21.57  ? 1035 HOH A O   1 
HETATM 704 O  O   . HOH G 5 .  ? 8.701   -0.758  -9.726  1.00 21.06  ? 1036 HOH A O   1 
HETATM 705 O  O   . HOH G 5 .  ? 2.538   -1.509  11.122  1.00 16.20  ? 1037 HOH A O   1 
HETATM 706 O  O   . HOH G 5 .  ? -8.775  -4.861  9.619   1.00 19.52  ? 1038 HOH A O   1 
HETATM 707 O  O   . HOH G 5 .  ? -11.895 2.238   -5.277  1.00 31.22  ? 1039 HOH A O   1 
HETATM 708 O  O   . HOH G 5 .  ? 3.761   -9.988  -16.027 1.00 11.57  ? 1040 HOH A O   1 
HETATM 709 O  O   . HOH G 5 .  ? -0.286  -0.574  8.459   1.00 11.20  ? 1041 HOH A O   1 
HETATM 710 O  O   . HOH G 5 .  ? -6.004  -14.090 6.290   1.00 26.82  ? 1042 HOH A O   1 
HETATM 711 O  O   . HOH G 5 .  ? -6.207  -0.215  -9.080  1.00 22.05  ? 1043 HOH A O   1 
HETATM 712 O  O   . HOH G 5 .  ? 9.868   6.830   6.809   1.00 20.40  ? 1044 HOH A O   1 
HETATM 713 O  O   . HOH G 5 .  ? -1.098  9.698   -8.612  1.00 26.15  ? 1045 HOH A O   1 
HETATM 714 O  O   . HOH G 5 .  ? -10.113 11.765  0.398   1.00 22.53  ? 1046 HOH A O   1 
HETATM 715 O  O   . HOH G 5 .  ? -1.864  -15.850 12.899  1.00 26.85  ? 1047 HOH A O   1 
HETATM 716 O  O   . HOH G 5 .  ? 9.117   5.961   -12.509 1.00 21.44  ? 1048 HOH A O   1 
HETATM 717 O  O   . HOH G 5 .  ? -5.318  -5.440  -13.759 1.00 31.77  ? 1049 HOH A O   1 
HETATM 718 O  O   . HOH G 5 .  ? 12.279  2.522   -3.891  1.00 37.37  ? 1050 HOH A O   1 
HETATM 719 O  O   . HOH G 5 .  ? -13.077 -0.788  -3.349  1.00 26.27  ? 1051 HOH A O   1 
HETATM 720 O  O   . HOH G 5 .  ? 2.601   -9.321  -6.140  1.00 25.07  ? 1052 HOH A O   1 
HETATM 721 O  O   . HOH G 5 .  ? -11.042 -4.477  5.182   1.00 27.79  ? 1053 HOH A O   1 
HETATM 722 O  O   . HOH G 5 .  ? 4.842   12.330  -2.518  1.00 16.07  ? 1054 HOH A O   1 
HETATM 723 O  O   . HOH G 5 .  ? -8.314  -2.183  -8.507  1.00 25.94  ? 1055 HOH A O   1 
HETATM 724 O  O   . HOH G 5 .  ? -3.366  8.252   -9.247  1.00 27.46  ? 1056 HOH A O   1 
HETATM 725 O  O   . HOH G 5 .  ? 9.496   9.677   5.323   1.00 34.49  ? 1057 HOH A O   1 
HETATM 726 O  O   . HOH G 5 .  ? 11.130  8.098   -8.304  1.00 16.82  ? 1058 HOH A O   1 
HETATM 727 O  O   . HOH G 5 .  ? -1.726  11.314  -6.443  1.00 25.35  ? 1059 HOH A O   1 
HETATM 728 O  O   . HOH G 5 .  ? 11.063  -2.040  0.783   1.00 20.54  ? 1060 HOH A O   1 
HETATM 729 O  O   . HOH G 5 .  ? -10.344 5.584   -5.717  1.00 55.65  ? 1061 HOH A O   1 
HETATM 730 O  O   . HOH G 5 .  ? 10.338  -4.733  -3.781  1.00 33.99  ? 1062 HOH A O   1 
HETATM 731 O  O   . HOH G 5 .  ? 8.688   1.824   12.827  1.00 32.43  ? 1063 HOH A O   1 
HETATM 732 O  O   . HOH G 5 .  ? -2.455  -5.315  -5.883  1.00 38.37  ? 1064 HOH A O   1 
HETATM 733 O  O   . HOH G 5 .  ? -10.557 9.063   -0.070  1.00 25.79  ? 1065 HOH A O   1 
HETATM 734 O  O   . HOH G 5 .  ? 11.746  -1.827  5.958   1.00 31.59  ? 1066 HOH A O   1 
HETATM 735 O  O   . HOH G 5 .  ? 1.716   -12.324 -13.498 1.00 23.15  ? 1067 HOH A O   1 
HETATM 736 O  O   . HOH G 5 .  ? 2.573   -8.450  -9.746  1.00 33.27  ? 1068 HOH A O   1 
HETATM 737 O  O   . HOH G 5 .  ? -11.338 12.411  7.926   1.00 37.19  ? 1069 HOH A O   1 
HETATM 738 O  O   . HOH G 5 .  ? -12.370 -9.074  5.014   1.00 28.07  ? 1070 HOH A O   1 
HETATM 739 O  O   . HOH G 5 .  ? -8.133  -3.519  12.283  1.00 36.97  ? 1071 HOH A O   1 
HETATM 740 O  O   . HOH G 5 .  ? -2.744  -2.293  10.689  1.00 25.04  ? 1072 HOH A O   1 
HETATM 741 O  O   . HOH G 5 .  ? -1.287  -8.943  0.003   0.50 22.67  ? 1073 HOH A O   1 
HETATM 742 O  O   . HOH G 5 .  ? 7.863   -5.233  12.101  1.00 30.26  ? 1074 HOH A O   1 
HETATM 743 O  O   . HOH G 5 .  ? 1.348   0.648   11.978  1.00 39.72  ? 1075 HOH A O   1 
HETATM 744 O  O   . HOH G 5 .  ? 5.341   -1.059  12.386  1.00 32.94  ? 1076 HOH A O   1 
HETATM 745 O  O   . HOH G 5 .  ? 6.987   16.582  2.152   1.00 25.40  ? 1077 HOH A O   1 
HETATM 746 O  O   . HOH G 5 .  ? -13.248 -8.056  -3.962  1.00 18.30  ? 1078 HOH A O   1 
HETATM 747 O  O   . HOH G 5 .  ? -11.388 9.096   11.421  1.00 33.18  ? 1079 HOH A O   1 
HETATM 748 O  O   . HOH G 5 .  ? 10.425  2.704   1.414   1.00 40.37  ? 1080 HOH A O   1 
HETATM 749 O  O   . HOH G 5 .  ? -13.199 -2.554  -1.201  1.00 24.33  ? 1081 HOH A O   1 
HETATM 750 O  O   . HOH G 5 .  ? 8.334   1.158   -11.369 1.00 30.60  ? 1082 HOH A O   1 
HETATM 751 O  O   . HOH G 5 .  ? -3.635  -7.531  -2.297  1.00 32.37  ? 1083 HOH A O   1 
HETATM 752 O  O   . HOH G 5 .  ? 0.543   -6.502  -16.575 1.00 31.75  ? 1084 HOH A O   1 
HETATM 753 O  O   . HOH G 5 .  ? 1.061   -6.814  -7.780  1.00 45.41  ? 1085 HOH A O   1 
HETATM 754 O  O   . HOH G 5 .  ? 5.134   1.809   13.484  1.00 41.14  ? 1086 HOH A O   1 
HETATM 755 O  O   . HOH G 5 .  ? -11.063 -6.946  9.922   1.00 37.86  ? 1087 HOH A O   1 
HETATM 756 O  O   . HOH G 5 .  ? -7.349  8.882   -1.749  1.00 36.30  ? 1088 HOH A O   1 
HETATM 757 O  O   . HOH G 5 .  ? -15.118 1.028   -4.279  1.00 39.42  ? 1089 HOH A O   1 
HETATM 758 O  O   . HOH G 5 .  ? -11.915 -10.837 6.412   1.00 30.21  ? 1090 HOH A O   1 
HETATM 759 O  O   . HOH G 5 .  ? 6.657   -7.163  13.473  1.00 33.78  ? 1091 HOH A O   1 
HETATM 760 O  O   . HOH G 5 .  ? -11.388 4.731   13.652  1.00 24.96  ? 1092 HOH A O   1 
HETATM 761 O  O   . HOH G 5 .  ? 10.245  0.267   4.289   1.00 25.90  ? 1093 HOH A O   1 
HETATM 762 O  O   . HOH G 5 .  ? 4.620   -13.279 18.089  1.00 26.71  ? 1094 HOH A O   1 
HETATM 763 O  O   . HOH G 5 .  ? -1.077  -0.059  11.089  1.00 32.17  ? 1095 HOH A O   1 
HETATM 764 O  O   . HOH G 5 .  ? 12.000  -0.739  9.223   1.00 33.27  ? 1096 HOH A O   1 
HETATM 765 O  O   . HOH G 5 .  ? 11.462  2.402   10.995  1.00 33.90  ? 1097 HOH A O   1 
HETATM 766 O  O   . HOH G 5 .  ? 11.681  1.769   -0.958  1.00 52.98  ? 1098 HOH A O   1 
HETATM 767 O  O   . HOH G 5 .  ? 11.609  4.823   7.025   1.00 42.62  ? 1099 HOH A O   1 
HETATM 768 O  O   . HOH G 5 .  ? 1.577   -10.812 -9.510  1.00 40.15  ? 1100 HOH A O   1 
HETATM 769 O  O   . HOH G 5 .  ? -5.497  -10.919 -0.717  1.00 34.18  ? 1101 HOH A O   1 
HETATM 770 O  O   . HOH G 5 .  ? -3.143  9.379   -3.306  1.00 42.95  ? 1102 HOH A O   1 
HETATM 771 O  O   . HOH G 5 .  ? -2.904  -2.893  12.965  1.00 36.31  ? 1103 HOH A O   1 
HETATM 772 O  O   . HOH G 5 .  ? 7.111   -3.103  13.251  1.00 31.65  ? 1104 HOH A O   1 
HETATM 773 O  O   . HOH G 5 .  ? -7.153  2.932   -9.534  1.00 30.59  ? 1105 HOH A O   1 
HETATM 774 O  O   . HOH G 5 .  ? 7.806   10.407  6.789   1.00 43.16  ? 1106 HOH A O   1 
HETATM 775 O  O   . HOH G 5 .  ? 5.831   3.102   -12.029 0.50 31.45  ? 1107 HOH A O   1 
HETATM 776 O  O   . HOH G 5 .  ? -7.692  7.062   -3.607  1.00 43.75  ? 1108 HOH A O   1 
HETATM 777 O  O   . HOH G 5 .  ? -5.899  -0.515  -11.547 1.00 39.31  ? 1109 HOH A O   1 
HETATM 778 O  O   . HOH G 5 .  ? -1.206  10.753  -2.665  0.50 29.79  ? 1110 HOH A O   1 
HETATM 779 O  O   . HOH G 5 .  ? -0.910  -14.583 22.323  1.00 32.23  ? 1111 HOH A O   1 
HETATM 780 O  O   . HOH G 5 .  ? 9.530   -2.148  -18.117 0.50 32.43  ? 1112 HOH A O   1 
HETATM 781 O  O   . HOH G 5 .  ? -10.422 19.111  2.605   0.50 31.01  ? 1113 HOH A O   1 
HETATM 782 O  O   . HOH G 5 .  ? -4.456  -4.374  14.013  1.00 41.73  ? 1114 HOH A O   1 
HETATM 783 O  O   . HOH G 5 .  ? 9.275   -2.630  12.497  1.00 37.35  ? 1115 HOH A O   1 
HETATM 784 O  O   . HOH G 5 .  ? -12.673 15.621  0.865   1.00 41.49  ? 1116 HOH A O   1 
HETATM 785 O  O   . HOH G 5 .  ? -8.234  12.853  -2.273  1.00 52.07  ? 1117 HOH A O   1 
HETATM 786 O  O   . HOH G 5 .  ? 13.457  6.776   3.075   1.00 53.26  ? 1118 HOH A O   1 
HETATM 787 O  O   . HOH G 5 .  ? 12.297  5.291   -7.373  0.50 31.18  ? 1119 HOH A O   1 
HETATM 788 O  O   . HOH G 5 .  ? 6.506   -3.347  16.594  1.00 67.70  ? 1120 HOH A O   1 
HETATM 789 O  O   . HOH G 5 .  ? -10.266 15.978  1.402   0.50 28.29  ? 1121 HOH A O   1 
HETATM 790 O  O   . HOH G 5 .  ? 11.820  -1.301  -18.052 1.00 59.64  ? 1122 HOH A O   1 
HETATM 791 O  O   . HOH G 5 .  ? -6.546  4.759   -10.918 1.00 53.52  ? 1123 HOH A O   1 
HETATM 792 O  O   . HOH G 5 .  ? 14.337  2.924   12.548  1.00 45.92  ? 1124 HOH A O   1 
HETATM 793 O  O   . HOH G 5 .  ? -9.491  2.844   -9.953  1.00 48.85  ? 1125 HOH A O   1 
# 
loop_
_atom_site_anisotrop.id 
_atom_site_anisotrop.type_symbol 
_atom_site_anisotrop.pdbx_label_atom_id 
_atom_site_anisotrop.pdbx_label_alt_id 
_atom_site_anisotrop.pdbx_label_comp_id 
_atom_site_anisotrop.pdbx_label_asym_id 
_atom_site_anisotrop.pdbx_label_seq_id 
_atom_site_anisotrop.pdbx_PDB_ins_code 
_atom_site_anisotrop.U[1][1] 
_atom_site_anisotrop.U[2][2] 
_atom_site_anisotrop.U[3][3] 
_atom_site_anisotrop.U[1][2] 
_atom_site_anisotrop.U[1][3] 
_atom_site_anisotrop.U[2][3] 
_atom_site_anisotrop.pdbx_auth_seq_id 
_atom_site_anisotrop.pdbx_auth_comp_id 
_atom_site_anisotrop.pdbx_auth_asym_id 
_atom_site_anisotrop.pdbx_auth_atom_id 
1   N  N   . GLY A 1  ? 0.3915 0.1586 0.2452 0.0655  0.0552  -0.0357 288  GLY A N   
2   C  CA  . GLY A 1  ? 0.4181 0.2964 0.2774 0.1591  0.0207  0.0091  288  GLY A CA  
3   C  C   . GLY A 1  ? 0.3218 0.3059 0.4106 0.2128  -0.0443 0.0177  288  GLY A C   
4   O  O   . GLY A 1  ? 0.3420 0.4172 0.5956 0.2138  0.0058  -0.0560 288  GLY A O   
5   N  N   . SER A 2  ? 0.2790 0.3121 0.4964 0.1965  -0.1044 -0.0465 289  SER A N   
6   C  CA  . SER A 2  ? 0.3398 0.3859 0.5181 0.1349  -0.1478 -0.0299 289  SER A CA  
7   C  C   . SER A 2  ? 0.3060 0.3116 0.4053 0.0603  -0.0714 -0.0134 289  SER A C   
8   O  O   . SER A 2  ? 0.2993 0.3785 0.5712 -0.0138 -0.1642 -0.0805 289  SER A O   
9   C  CB  . SER A 2  ? 0.3642 0.5508 0.6106 0.1470  -0.2276 -0.0004 289  SER A CB  
10  O  OG  . SER A 2  ? 0.9611 0.8724 0.7152 0.2999  0.0233  0.4938  289  SER A OG  
11  N  N   . HIS A 3  ? 0.3157 0.1732 0.3783 0.0375  -0.0768 -0.0978 290  HIS A N   
12  C  CA  . HIS A 3  ? 0.3366 0.1388 0.3842 0.0307  -0.0177 -0.0116 290  HIS A CA  
13  C  C   . HIS A 3  ? 0.3524 0.3192 0.4090 0.1014  0.0797  0.0970  290  HIS A C   
14  O  O   . HIS A 3  ? 0.3269 0.1142 0.2089 -0.0045 0.0343  -0.0150 290  HIS A O   
15  C  CB  . HIS A 3  ? 0.3312 0.2956 0.1969 0.0105  -0.0772 -0.0531 290  HIS A CB  
16  C  CG  . HIS A 3  ? 0.2613 0.2591 0.2193 0.0425  0.0155  -0.0956 290  HIS A CG  
17  N  ND1 . HIS A 3  ? 0.3110 0.2325 0.2007 0.1070  0.0083  -0.0462 290  HIS A ND1 
18  C  CD2 . HIS A 3  ? 0.2646 0.1939 0.1685 0.0500  0.0305  0.0326  290  HIS A CD2 
19  C  CE1 . HIS A 3  ? 0.4448 0.1482 0.1399 0.0135  0.0562  0.0340  290  HIS A CE1 
20  N  NE2 . HIS A 3  ? 0.3397 0.2172 0.2286 -0.0497 0.0395  0.0411  290  HIS A NE2 
21  N  N   . MET A 4  ? 0.3433 0.4308 0.2675 0.1017  0.0854  -0.0900 291  MET A N   
22  C  CA  . MET A 4  ? 0.3422 0.2645 0.2591 -0.0475 0.0974  -0.1292 291  MET A CA  
23  C  C   . MET A 4  ? 0.3619 0.2226 0.2643 -0.0728 0.1362  -0.0901 291  MET A C   
24  O  O   . MET A 4  ? 0.5258 0.2193 0.2161 -0.0273 0.1510  -0.0741 291  MET A O   
25  C  CB  . MET A 4  ? 0.3645 0.3262 0.3933 -0.0956 0.1577  -0.1924 291  MET A CB  
26  C  CG  . MET A 4  ? 0.2975 0.3758 0.7515 -0.0834 0.1732  -0.2190 291  MET A CG  
27  S  SD  . MET A 4  ? 0.5273 0.3813 0.6911 -0.2030 0.3485  -0.3211 291  MET A SD  
28  C  CE  . MET A 4  ? 3.5049 0.5831 1.2990 -0.9614 -1.4069 0.0583  291  MET A CE  
29  N  N   . ALA A 5  ? 0.2014 0.1671 0.2535 -0.0215 0.0818  -0.0445 292  ALA A N   
30  C  CA  . ALA A 5  ? 0.2121 0.1808 0.2142 -0.0023 0.0516  -0.0343 292  ALA A CA  
31  C  C   . ALA A 5  ? 0.2006 0.1378 0.1615 0.0210  0.0171  0.0037  292  ALA A C   
32  O  O   . ALA A 5  ? 0.2648 0.1469 0.1562 0.0636  0.0454  -0.0093 292  ALA A O   
33  C  CB  . ALA A 5  ? 0.2643 0.2015 0.3573 -0.0722 0.0397  -0.1117 292  ALA A CB  
34  N  N   . SER A 6  ? 0.2123 0.1365 0.1131 0.0251  0.0506  -0.0143 293  SER A N   
35  C  CA  . SER A 6  ? 0.2128 0.1183 0.1128 0.0196  0.0197  -0.0075 293  SER A CA  
36  C  C   . SER A 6  ? 0.2187 0.1214 0.0976 0.0304  0.0271  -0.0190 293  SER A C   
37  O  O   . SER A 6  ? 0.2357 0.1416 0.1032 0.0357  0.0315  -0.0337 293  SER A O   
38  C  CB  . SER A 6  ? 0.2545 0.1188 0.0996 0.0139  0.0437  -0.0035 293  SER A CB  
39  O  OG  . SER A 6  ? 0.2283 0.1239 0.1303 0.0383  -0.0008 -0.0233 293  SER A OG  
40  N  N   . LEU A 7  ? 0.2237 0.1080 0.1116 0.0422  0.0253  -0.0003 294  LEU A N   
41  C  CA  . LEU A 7  ? 0.2143 0.1272 0.1304 0.0379  0.0171  -0.0128 294  LEU A CA  
42  C  C   . LEU A 7  ? 0.2605 0.1315 0.0880 0.0562  0.0316  -0.0134 294  LEU A C   
43  O  O   . LEU A 7  ? 0.2324 0.1788 0.1006 0.0705  0.0155  -0.0215 294  LEU A O   
44  C  CB  . LEU A 7  ? 0.2391 0.2702 0.1571 0.1012  0.0363  -0.0592 294  LEU A CB  
45  C  CG  . LEU A 7  ? 0.1599 0.2471 0.6556 0.0477  0.0534  -0.0523 294  LEU A CG  
46  C  CD1 . LEU A 7  ? 0.1744 0.3401 0.8436 0.0300  0.1073  -0.3061 294  LEU A CD1 
47  C  CD2 . LEU A 7  ? 0.2618 0.4238 0.9109 -0.0764 -0.0078 0.4475  294  LEU A CD2 
48  N  N   . ASP A 8  ? 0.2367 0.1237 0.1126 0.0504  0.0328  -0.0083 295  ASP A N   
49  C  CA  . ASP A 8  ? 0.2065 0.1291 0.1351 0.0324  0.0407  -0.0065 295  ASP A CA  
50  C  C   . ASP A 8  ? 0.1954 0.1221 0.0991 0.0293  0.0112  -0.0120 295  ASP A C   
51  O  O   . ASP A 8  ? 0.2370 0.1157 0.1004 0.0021  0.0196  -0.0129 295  ASP A O   
52  C  CB  . ASP A 8  ? 0.3479 0.1478 0.2042 0.0573  0.1049  0.0669  295  ASP A CB  
53  C  CG  . ASP A 8  ? 0.5134 0.3536 0.1648 -0.1067 0.1124  0.0293  295  ASP A CG  
54  O  OD1 . ASP A 8  ? 0.3835 0.4096 0.1566 -0.0700 0.0311  0.0098  295  ASP A OD1 
55  O  OD2 . ASP A 8  ? 0.4806 0.3853 0.3602 -0.1132 0.2478  -0.0461 295  ASP A OD2 
56  N  N   . MET A 9  ? 0.1871 0.1022 0.1125 0.0287  0.0159  0.0106  296  MET A N   
57  C  CA  . MET A 9  ? 0.1906 0.1066 0.1103 0.0249  0.0080  -0.0140 296  MET A CA  
58  C  C   . MET A 9  ? 0.1791 0.0934 0.1038 0.0162  0.0168  -0.0214 296  MET A C   
59  O  O   . MET A 9  ? 0.1910 0.1248 0.1005 0.0185  0.0145  -0.0393 296  MET A O   
60  C  CB  . MET A 9  ? 0.1889 0.1135 0.1149 -0.0221 0.0006  0.0066  296  MET A CB  
61  C  CG  . MET A 9  ? 0.2423 0.1173 0.1548 0.0235  -0.0166 0.0033  296  MET A CG  
62  S  SD  . MET A 9  ? 0.2525 0.1232 0.2150 0.0277  0.0091  -0.0280 296  MET A SD  
63  C  CE  . MET A 9  ? 0.2541 0.1508 0.2178 0.0138  0.0507  0.0077  296  MET A CE  
64  N  N   . ALA A 10 ? 0.2409 0.1102 0.0926 0.0502  0.0252  -0.0104 297  ALA A N   
65  C  CA  . ALA A 10 ? 0.1907 0.0948 0.1016 0.0195  0.0193  -0.0116 297  ALA A CA  
66  C  C   . ALA A 10 ? 0.2052 0.0878 0.0965 0.0120  0.0269  -0.0293 297  ALA A C   
67  O  O   . ALA A 10 ? 0.2390 0.0953 0.0999 0.0052  0.0383  -0.0308 297  ALA A O   
68  C  CB  . ALA A 10 ? 0.2777 0.0805 0.1099 0.0168  0.0198  -0.0255 297  ALA A CB  
69  N  N   . GLU A 11 ? 0.1989 0.0904 0.1132 0.0128  0.0299  -0.0254 298  GLU A N   
70  C  CA  . GLU A 11 ? 0.1692 0.1183 0.1258 0.0183  0.0419  -0.0238 298  GLU A CA  
71  C  C   . GLU A 11 ? 0.1341 0.1022 0.1057 -0.0009 0.0167  -0.0253 298  GLU A C   
72  O  O   . GLU A 11 ? 0.1742 0.1429 0.1071 0.0052  0.0061  -0.0253 298  GLU A O   
73  C  CB  . GLU A 11 ? 0.2066 0.1472 0.1765 -0.0084 0.0896  -0.0466 298  GLU A CB  
74  C  CG  . GLU A 11 ? 0.2777 0.3946 0.8474 -0.1899 0.0192  -0.0229 298  GLU A CG  
75  C  CD  . GLU A 11 ? 0.2730 0.6776 1.2520 -0.2036 0.1525  0.0792  298  GLU A CD  
76  O  OE1 . GLU A 11 ? 0.5405 1.1394 1.3728 -0.1322 0.4345  0.2983  298  GLU A OE1 
77  O  OE2 . GLU A 11 ? 0.4161 1.0229 1.9400 0.2387  0.2581  0.2424  298  GLU A OE2 
78  N  N   . ILE A 12 ? 0.1900 0.0785 0.1025 0.0101  0.0282  -0.0009 299  ILE A N   
79  C  CA  . ILE A 12 ? 0.1639 0.0980 0.0840 0.0201  0.0111  -0.0057 299  ILE A CA  
80  C  C   . ILE A 12 ? 0.1779 0.0705 0.0877 0.0205  0.0082  -0.0120 299  ILE A C   
81  O  O   . ILE A 12 ? 0.1956 0.0799 0.0948 0.0096  0.0174  -0.0232 299  ILE A O   
82  C  CB  . ILE A 12 ? 0.1859 0.1242 0.0925 0.0363  0.0211  0.0075  299  ILE A CB  
83  C  CG1 . ILE A 12 ? 0.2943 0.1584 0.1361 0.0024  0.0352  0.0534  299  ILE A CG1 
84  C  CG2 . ILE A 12 ? 0.2666 0.1036 0.1138 0.0730  0.0035  -0.0192 299  ILE A CG2 
85  C  CD1 . ILE A 12 ? 0.4687 0.2667 0.5285 -0.0424 -0.1836 0.2570  299  ILE A CD1 
86  N  N   . LYS A 13 ? 0.1551 0.1007 0.0872 0.0158  0.0102  -0.0147 300  LYS A N   
87  C  CA  . LYS A 13 ? 0.1668 0.0879 0.0782 0.0114  0.0137  -0.0246 300  LYS A CA  
88  C  C   . LYS A 13 ? 0.1448 0.0680 0.0995 0.0067  0.0223  -0.0066 300  LYS A C   
89  O  O   . LYS A 13 ? 0.1552 0.0846 0.0861 0.0050  0.0191  -0.0199 300  LYS A O   
90  C  CB  . LYS A 13 ? 0.1615 0.1010 0.1388 -0.0003 0.0030  -0.0293 300  LYS A CB  
91  C  CG  . LYS A 13 ? 0.1740 0.1051 0.1642 0.0048  0.0084  -0.0115 300  LYS A CG  
92  C  CD  . LYS A 13 ? 0.1522 0.1801 0.2346 -0.0310 -0.0100 -0.0096 300  LYS A CD  
93  C  CE  . LYS A 13 ? 0.2389 0.2127 0.3103 -0.0659 0.0864  -0.0719 300  LYS A CE  
94  N  NZ  . LYS A 13 ? 0.5904 0.6307 0.5083 -0.4859 0.0019  -0.0962 300  LYS A NZ  
95  N  N   . GLU A 14 ? 0.1475 0.0810 0.0895 0.0077  0.0264  -0.0156 301  GLU A N   
96  C  CA  . GLU A 14 ? 0.1667 0.0766 0.1042 0.0143  0.0053  -0.0182 301  GLU A CA  
97  C  C   . GLU A 14 ? 0.1245 0.0910 0.0950 -0.0087 0.0372  -0.0091 301  GLU A C   
98  O  O   . GLU A 14 ? 0.1383 0.0850 0.0965 -0.0066 0.0340  -0.0128 301  GLU A O   
99  C  CB  . GLU A 14 ? 0.2109 0.1055 0.1343 0.0497  0.0177  -0.0112 301  GLU A CB  
100 C  CG  . GLU A 14 ? 0.1708 0.1402 0.1427 0.0483  0.0456  0.0233  301  GLU A CG  
101 C  CD  . GLU A 14 ? 0.1579 0.1143 0.1447 0.0221  0.0388  0.0122  301  GLU A CD  
102 O  OE1 . GLU A 14 ? 0.2338 0.1003 0.1401 0.0246  0.0400  -0.0110 301  GLU A OE1 
103 O  OE2 . GLU A 14 ? 0.1843 0.0912 0.2274 0.0098  0.0415  -0.0040 301  GLU A OE2 
104 N  N   . LYS A 15 ? 0.1298 0.0817 0.0952 0.0050  0.0267  -0.0105 302  LYS A N   
105 C  CA  . LYS A 15 ? 0.1108 0.0979 0.0983 -0.0042 0.0300  -0.0127 302  LYS A CA  
106 C  C   . LYS A 15 ? 0.1124 0.0694 0.0948 -0.0035 0.0176  -0.0095 302  LYS A C   
107 O  O   . LYS A 15 ? 0.1207 0.0853 0.0904 -0.0135 0.0206  -0.0133 302  LYS A O   
108 C  CB  . LYS A 15 ? 0.1272 0.0976 0.1130 -0.0064 0.0275  -0.0009 302  LYS A CB  
109 C  CG  . LYS A 15 ? 0.1630 0.1476 0.1675 -0.0193 0.0888  -0.0307 302  LYS A CG  
110 C  CD  . LYS A 15 ? 0.2136 0.2152 0.3204 -0.0172 0.1341  0.0567  302  LYS A CD  
111 C  CE  . LYS A 15 ? 0.2987 0.3117 0.3311 -0.0428 0.2268  -0.0056 302  LYS A CE  
112 N  NZ  . LYS A 15 ? 0.4053 0.3144 0.4143 0.0980  0.2677  0.1053  302  LYS A NZ  
113 N  N   . ILE A 16 ? 0.1083 0.0749 0.0944 -0.0029 0.0199  0.0015  303  ILE A N   
114 C  CA  . ILE A 16 ? 0.1181 0.0692 0.0793 0.0118  0.0159  -0.0064 303  ILE A CA  
115 C  C   . ILE A 16 ? 0.1231 0.0754 0.0789 0.0217  0.0144  -0.0018 303  ILE A C   
116 O  O   . ILE A 16 ? 0.1088 0.0939 0.0803 0.0053  0.0274  -0.0173 303  ILE A O   
117 C  CB  . ILE A 16 ? 0.1230 0.0829 0.0710 0.0251  0.0141  -0.0054 303  ILE A CB  
118 C  CG1 . ILE A 16 ? 0.1580 0.0795 0.0926 0.0111  -0.0100 0.0026  303  ILE A CG1 
119 C  CG2 . ILE A 16 ? 0.1160 0.1100 0.1098 0.0187  0.0172  -0.0213 303  ILE A CG2 
120 C  CD1 . ILE A 16 ? 0.1504 0.0937 0.1009 0.0219  -0.0101 0.0035  303  ILE A CD1 
121 N  N   . CYS A 17 ? 0.1159 0.0690 0.0982 -0.0097 0.0202  -0.0017 304  CYS A N   
122 C  CA  . CYS A 17 ? 0.1158 0.0742 0.0865 0.0014  0.0175  0.0028  304  CYS A CA  
123 C  C   . CYS A 17 ? 0.1066 0.0648 0.0908 0.0184  0.0236  -0.0146 304  CYS A C   
124 O  O   . CYS A 17 ? 0.1408 0.0761 0.0842 -0.0014 0.0218  -0.0081 304  CYS A O   
125 C  CB  . CYS A 17 ? 0.1763 0.0748 0.0979 -0.0266 0.0284  -0.0145 304  CYS A CB  
126 S  SG  . CYS A 17 ? 0.1577 0.0838 0.1240 -0.0062 0.0244  -0.0045 304  CYS A SG  
127 N  N   A ASP A 18 ? 0.1103 0.0700 0.1090 0.0115  0.0225  0.0057  305  ASP A N   
128 N  N   B ASP A 18 ? 0.1131 0.0892 0.0750 0.0189  0.0132  -0.0166 305  ASP A N   
129 C  CA  A ASP A 18 ? 0.1055 0.0916 0.1004 0.0007  0.0344  -0.0197 305  ASP A CA  
130 C  CA  B ASP A 18 ? 0.1224 0.0896 0.0736 -0.0052 0.0137  -0.0269 305  ASP A CA  
131 C  C   A ASP A 18 ? 0.1027 0.0850 0.0974 0.0234  0.0219  -0.0070 305  ASP A C   
132 C  C   B ASP A 18 ? 0.1045 0.0807 0.0744 0.0137  0.0031  -0.0122 305  ASP A C   
133 O  O   A ASP A 18 ? 0.0535 0.0628 0.1037 -0.0111 0.0067  -0.0045 305  ASP A O   
134 O  O   B ASP A 18 ? 0.1548 0.1240 0.0669 0.0304  0.0414  -0.0168 305  ASP A O   
135 C  CB  A ASP A 18 ? 0.1116 0.1128 0.1093 0.0167  0.0459  -0.0091 305  ASP A CB  
136 C  CB  B ASP A 18 ? 0.1128 0.1258 0.1405 0.0150  0.0268  -0.0448 305  ASP A CB  
137 C  CG  A ASP A 18 ? 0.1076 0.1688 0.1489 0.0079  0.0370  -0.0942 305  ASP A CG  
138 C  CG  B ASP A 18 ? 0.1255 0.1583 0.0665 0.0015  0.0325  -0.0290 305  ASP A CG  
139 O  OD1 A ASP A 18 ? 0.0520 0.3250 0.1488 0.0004  0.0396  -0.0848 305  ASP A OD1 
140 O  OD1 B ASP A 18 ? 0.1523 0.3493 0.1659 0.1066  0.0465  0.0698  305  ASP A OD1 
141 O  OD2 A ASP A 18 ? 0.1173 0.1899 0.1337 -0.0205 0.0277  -0.0067 305  ASP A OD2 
142 O  OD2 B ASP A 18 ? 0.2106 0.1380 0.3193 -0.0271 -0.0168 -0.0639 305  ASP A OD2 
143 N  N   . TYR A 19 ? 0.1050 0.0870 0.0822 0.0012  0.0106  -0.0091 306  TYR A N   
144 C  CA  . TYR A 19 ? 0.1232 0.0758 0.0899 0.0069  0.0420  0.0100  306  TYR A CA  
145 C  C   . TYR A 19 ? 0.0951 0.0811 0.0810 0.0031  0.0196  0.0000  306  TYR A C   
146 O  O   . TYR A 19 ? 0.0880 0.0996 0.0764 0.0103  0.0051  0.0012  306  TYR A O   
147 C  CB  . TYR A 19 ? 0.1258 0.0729 0.0939 -0.0041 0.0307  0.0023  306  TYR A CB  
148 C  CG  . TYR A 19 ? 0.1099 0.0750 0.0946 -0.0036 0.0213  0.0038  306  TYR A CG  
149 C  CD1 . TYR A 19 ? 0.1204 0.0957 0.1398 -0.0163 0.0381  -0.0116 306  TYR A CD1 
150 C  CD2 . TYR A 19 ? 0.1058 0.0753 0.0880 0.0075  0.0066  0.0001  306  TYR A CD2 
151 C  CE1 . TYR A 19 ? 0.1085 0.1160 0.1453 -0.0128 0.0160  -0.0287 306  TYR A CE1 
152 C  CE2 . TYR A 19 ? 0.1055 0.0980 0.1063 0.0072  0.0031  -0.0117 306  TYR A CE2 
153 C  CZ  . TYR A 19 ? 0.1125 0.0899 0.1077 -0.0001 -0.0048 -0.0112 306  TYR A CZ  
154 O  OH  . TYR A 19 ? 0.1694 0.0793 0.1388 0.0110  -0.0422 -0.0196 306  TYR A OH  
155 N  N   . LEU A 20 ? 0.1028 0.0681 0.0767 0.0068  0.0139  -0.0010 307  LEU A N   
156 C  CA  . LEU A 20 ? 0.0942 0.0676 0.0955 -0.0042 0.0162  -0.0024 307  LEU A CA  
157 C  C   . LEU A 20 ? 0.0886 0.0803 0.0863 -0.0019 0.0138  -0.0026 307  LEU A C   
158 O  O   . LEU A 20 ? 0.1314 0.1022 0.0932 0.0236  0.0313  0.0103  307  LEU A O   
159 C  CB  . LEU A 20 ? 0.1090 0.0797 0.0799 -0.0064 0.0098  -0.0040 307  LEU A CB  
160 C  CG  . LEU A 20 ? 0.1128 0.0662 0.0923 -0.0083 0.0010  -0.0097 307  LEU A CG  
161 C  CD1 . LEU A 20 ? 0.0971 0.1213 0.0953 -0.0116 0.0047  -0.0126 307  LEU A CD1 
162 C  CD2 . LEU A 20 ? 0.1255 0.0842 0.0930 0.0144  0.0082  -0.0116 307  LEU A CD2 
163 N  N   . PHE A 21 ? 0.0835 0.0793 0.1088 0.0008  0.0125  0.0078  308  PHE A N   
164 C  CA  . PHE A 21 ? 0.1005 0.0735 0.0970 -0.0009 0.0114  -0.0013 308  PHE A CA  
165 C  C   . PHE A 21 ? 0.0936 0.0742 0.0940 0.0080  0.0178  -0.0029 308  PHE A C   
166 O  O   . PHE A 21 ? 0.1282 0.1321 0.1015 -0.0118 0.0103  0.0066  308  PHE A O   
167 C  CB  . PHE A 21 ? 0.1314 0.0670 0.0999 0.0064  0.0193  -0.0015 308  PHE A CB  
168 C  CG  . PHE A 21 ? 0.1214 0.0815 0.0861 0.0126  0.0202  0.0013  308  PHE A CG  
169 C  CD1 . PHE A 21 ? 0.1239 0.0963 0.1434 0.0049  -0.0148 0.0156  308  PHE A CD1 
170 C  CD2 . PHE A 21 ? 0.1300 0.1024 0.1511 -0.0086 0.0172  0.0340  308  PHE A CD2 
171 C  CE1 . PHE A 21 ? 0.1665 0.1323 0.1695 0.0083  -0.0057 0.0449  308  PHE A CE1 
172 C  CE2 . PHE A 21 ? 0.1786 0.1252 0.1118 0.0281  0.0492  0.0375  308  PHE A CE2 
173 C  CZ  . PHE A 21 ? 0.1763 0.1009 0.1110 0.0192  0.0200  -0.0023 308  PHE A CZ  
174 N  N   . ASN A 22 ? 0.0868 0.1069 0.1044 0.0054  0.0093  0.0075  309  ASN A N   
175 C  CA  . ASN A 22 ? 0.0932 0.1196 0.1187 0.0079  -0.0008 -0.0060 309  ASN A CA  
176 C  C   . ASN A 22 ? 0.0918 0.1256 0.1213 0.0022  -0.0039 -0.0012 309  ASN A C   
177 O  O   . ASN A 22 ? 0.1188 0.1392 0.1641 -0.0012 -0.0347 -0.0052 309  ASN A O   
178 C  CB  . ASN A 22 ? 0.0905 0.1173 0.1542 0.0090  0.0149  0.0049  309  ASN A CB  
179 C  CG  . ASN A 22 ? 0.1401 0.1215 0.1486 0.0200  0.0216  0.0120  309  ASN A CG  
180 O  OD1 . ASN A 22 ? 0.2126 0.1183 0.1806 0.0265  0.0192  0.0362  309  ASN A OD1 
181 N  ND2 . ASN A 22 ? 0.1841 0.1588 0.1650 0.0473  0.0249  -0.0235 309  ASN A ND2 
182 N  N   . VAL A 23 ? 0.0923 0.1115 0.1163 -0.0061 0.0052  -0.0037 310  VAL A N   
183 C  CA  . VAL A 23 ? 0.1051 0.1108 0.1382 -0.0085 0.0087  -0.0005 310  VAL A CA  
184 C  C   . VAL A 23 ? 0.1183 0.1540 0.1082 0.0304  -0.0183 -0.0120 310  VAL A C   
185 O  O   . VAL A 23 ? 0.2041 0.4231 0.1119 0.1505  -0.0454 -0.0940 310  VAL A O   
186 C  CB  . VAL A 23 ? 0.1427 0.1165 0.1512 -0.0156 -0.0022 0.0137  310  VAL A CB  
187 C  CG1 . VAL A 23 ? 0.2083 0.1216 0.1968 -0.0613 -0.0477 0.0005  310  VAL A CG1 
188 C  CG2 . VAL A 23 ? 0.1304 0.1834 0.1908 -0.0224 0.0351  0.0467  310  VAL A CG2 
189 N  N   . SER A 24 ? 0.1165 0.1111 0.1307 0.0116  -0.0257 0.0237  311  SER A N   
190 C  CA  . SER A 24 ? 0.1522 0.2223 0.1179 0.0999  -0.0342 -0.0590 311  SER A CA  
191 C  C   . SER A 24 ? 0.1063 0.0857 0.0924 0.0193  0.0091  -0.0046 311  SER A C   
192 O  O   . SER A 24 ? 0.1085 0.0958 0.0959 -0.0005 0.0209  -0.0131 311  SER A O   
193 C  CB  . SER A 24 ? 0.3023 0.1562 0.1397 0.0360  -0.0310 -0.0315 311  SER A CB  
194 O  OG  . SER A 24 ? 0.2447 0.1749 0.2011 -0.0868 -0.1217 0.0341  311  SER A OG  
195 N  N   . ASP A 25 ? 0.1109 0.1083 0.0813 0.0150  0.0076  -0.0021 312  ASP A N   
196 C  CA  . ASP A 25 ? 0.0852 0.0844 0.0819 0.0102  0.0160  0.0052  312  ASP A CA  
197 C  C   . ASP A 25 ? 0.0818 0.0861 0.0805 0.0080  0.0111  -0.0078 312  ASP A C   
198 O  O   . ASP A 25 ? 0.1222 0.0908 0.0999 -0.0095 -0.0025 -0.0067 312  ASP A O   
199 C  CB  . ASP A 25 ? 0.1095 0.1114 0.0861 0.0043  0.0287  -0.0024 312  ASP A CB  
200 C  CG  . ASP A 25 ? 0.1765 0.1271 0.0803 0.0202  0.0160  -0.0093 312  ASP A CG  
201 O  OD1 . ASP A 25 ? 0.1679 0.1222 0.1446 0.0092  0.0213  -0.0454 312  ASP A OD1 
202 O  OD2 . ASP A 25 ? 0.1566 0.1843 0.0935 0.0086  0.0147  0.0153  312  ASP A OD2 
203 N  N   . SER A 26 ? 0.0906 0.0741 0.0745 -0.0052 0.0213  -0.0038 313  SER A N   
204 C  CA  . SER A 26 ? 0.1072 0.0740 0.0775 -0.0031 0.0237  -0.0017 313  SER A CA  
205 C  C   . SER A 26 ? 0.0850 0.0837 0.0751 -0.0077 0.0297  -0.0048 313  SER A C   
206 O  O   . SER A 26 ? 0.1004 0.0834 0.0821 -0.0116 0.0237  -0.0007 313  SER A O   
207 C  CB  . SER A 26 ? 0.0895 0.0740 0.1036 -0.0094 0.0257  0.0022  313  SER A CB  
208 O  OG  . SER A 26 ? 0.1057 0.0749 0.0984 -0.0252 0.0240  -0.0064 313  SER A OG  
209 N  N   . SER A 27 ? 0.1086 0.0811 0.0725 -0.0027 0.0197  -0.0017 314  SER A N   
210 C  CA  . SER A 27 ? 0.1155 0.0731 0.0775 -0.0075 0.0135  -0.0075 314  SER A CA  
211 C  C   . SER A 27 ? 0.1167 0.0545 0.0858 0.0043  0.0068  -0.0013 314  SER A C   
212 O  O   . SER A 27 ? 0.1057 0.0763 0.0767 -0.0026 0.0154  -0.0068 314  SER A O   
213 C  CB  . SER A 27 ? 0.1159 0.0626 0.1483 -0.0037 0.0243  -0.0055 314  SER A CB  
214 O  OG  . SER A 27 ? 0.1178 0.0661 0.0925 -0.0068 0.0367  -0.0031 314  SER A OG  
215 N  N   . ALA A 28 ? 0.1111 0.0747 0.0788 -0.0072 0.0058  -0.0016 315  ALA A N   
216 C  CA  . ALA A 28 ? 0.1211 0.0840 0.0788 -0.0025 0.0099  0.0099  315  ALA A CA  
217 C  C   . ALA A 28 ? 0.1215 0.0760 0.0784 0.0035  0.0143  0.0032  315  ALA A C   
218 O  O   . ALA A 28 ? 0.1226 0.0871 0.0944 0.0054  0.0193  0.0023  315  ALA A O   
219 C  CB  . ALA A 28 ? 0.1317 0.1047 0.0757 -0.0042 0.0012  -0.0047 315  ALA A CB  
220 N  N   . LEU A 29 ? 0.1369 0.0734 0.0893 -0.0034 0.0165  0.0014  316  LEU A N   
221 C  CA  . LEU A 29 ? 0.1537 0.0727 0.0996 -0.0118 0.0103  -0.0086 316  LEU A CA  
222 C  C   . LEU A 29 ? 0.1381 0.0747 0.0791 -0.0216 0.0276  -0.0084 316  LEU A C   
223 O  O   . LEU A 29 ? 0.1500 0.0843 0.0934 -0.0274 0.0350  0.0084  316  LEU A O   
224 C  CB  . LEU A 29 ? 0.2053 0.0758 0.1371 0.0136  0.0200  -0.0120 316  LEU A CB  
225 C  CG  . LEU A 29 ? 0.3542 0.0753 0.1357 -0.0022 0.0451  0.0006  316  LEU A CG  
226 C  CD1 . LEU A 29 ? 0.2888 0.1586 0.1508 -0.0202 -0.0094 0.0450  316  LEU A CD1 
227 C  CD2 . LEU A 29 ? 0.4668 0.0877 0.2500 0.0709  0.0058  -0.0357 316  LEU A CD2 
228 N  N   . ASN A 30 ? 0.1386 0.0702 0.0856 -0.0089 0.0275  -0.0057 317  ASN A N   
229 C  CA  . ASN A 30 ? 0.1475 0.0767 0.0816 -0.0133 0.0175  -0.0169 317  ASN A CA  
230 C  C   . ASN A 30 ? 0.1126 0.0759 0.0852 -0.0186 0.0275  -0.0075 317  ASN A C   
231 O  O   . ASN A 30 ? 0.1173 0.0973 0.0928 -0.0218 0.0195  -0.0120 317  ASN A O   
232 C  CB  . ASN A 30 ? 0.1240 0.0762 0.0822 -0.0107 0.0226  -0.0038 317  ASN A CB  
233 C  CG  . ASN A 30 ? 0.1197 0.0703 0.0782 -0.0135 0.0251  -0.0105 317  ASN A CG  
234 O  OD1 . ASN A 30 ? 0.1383 0.0979 0.1095 -0.0366 0.0099  -0.0112 317  ASN A OD1 
235 N  ND2 . ASN A 30 ? 0.1072 0.0751 0.0993 -0.0172 0.0217  -0.0098 317  ASN A ND2 
236 N  N   . LEU A 31 ? 0.1074 0.0656 0.0733 -0.0129 0.0186  -0.0031 318  LEU A N   
237 C  CA  . LEU A 31 ? 0.1165 0.0805 0.0791 -0.0215 0.0238  -0.0128 318  LEU A CA  
238 C  C   . LEU A 31 ? 0.1252 0.0839 0.0921 -0.0080 0.0373  -0.0026 318  LEU A C   
239 O  O   . LEU A 31 ? 0.1236 0.0831 0.1164 -0.0057 0.0361  -0.0070 318  LEU A O   
240 C  CB  . LEU A 31 ? 0.1125 0.0706 0.0764 -0.0043 0.0166  -0.0095 318  LEU A CB  
241 C  CG  . LEU A 31 ? 0.0935 0.0834 0.0822 -0.0002 0.0246  0.0104  318  LEU A CG  
242 C  CD1 . LEU A 31 ? 0.1209 0.0742 0.1126 -0.0115 0.0108  -0.0086 318  LEU A CD1 
243 C  CD2 . LEU A 31 ? 0.1291 0.1085 0.1160 0.0145  0.0084  0.0267  318  LEU A CD2 
244 N  N   . ALA A 32 ? 0.1311 0.0756 0.0892 -0.0074 0.0329  -0.0017 319  ALA A N   
245 C  CA  . ALA A 32 ? 0.1168 0.0883 0.0880 -0.0066 0.0260  -0.0025 319  ALA A CA  
246 C  C   . ALA A 32 ? 0.1204 0.0797 0.1173 -0.0031 0.0368  -0.0055 319  ALA A C   
247 O  O   . ALA A 32 ? 0.1208 0.0914 0.1348 -0.0153 0.0411  0.0034  319  ALA A O   
248 C  CB  . ALA A 32 ? 0.1421 0.0927 0.1057 0.0161  0.0314  0.0166  319  ALA A CB  
249 N  N   . LYS A 33 ? 0.1517 0.0917 0.1057 -0.0293 0.0228  -0.0005 320  LYS A N   
250 C  CA  . LYS A 33 ? 0.1751 0.1226 0.1413 -0.0487 0.0182  -0.0083 320  LYS A CA  
251 C  C   . LYS A 33 ? 0.1489 0.1823 0.1345 -0.0584 0.0056  0.0320  320  LYS A C   
252 O  O   . LYS A 33 ? 0.1583 0.2131 0.1810 -0.0615 0.0147  0.0202  320  LYS A O   
253 C  CB  . LYS A 33 ? 0.1658 0.2352 0.1187 -0.0817 0.0219  -0.0453 320  LYS A CB  
254 C  CG  . LYS A 33 ? 0.3346 0.2615 0.4272 -0.1725 0.0805  -0.1939 320  LYS A CG  
255 C  CD  . LYS A 33 ? 0.6571 0.3578 0.2910 -0.1603 0.1715  -0.1943 320  LYS A CD  
256 C  CE  . LYS A 33 ? 0.7713 0.6017 0.3805 -0.1891 0.0733  -0.2439 320  LYS A CE  
257 N  NZ  . LYS A 33 ? 0.5616 0.5465 0.5484 0.1345  -0.0897 -0.4290 320  LYS A NZ  
258 N  N   . ASN A 34 ? 0.1521 0.1358 0.1250 -0.0295 0.0163  -0.0110 321  ASN A N   
259 C  CA  . ASN A 34 ? 0.1548 0.1677 0.1379 -0.0277 -0.0025 0.0110  321  ASN A CA  
260 C  C   . ASN A 34 ? 0.1217 0.1597 0.1465 -0.0013 0.0048  0.0251  321  ASN A C   
261 O  O   . ASN A 34 ? 0.1339 0.2495 0.2766 0.0254  -0.0077 -0.0311 321  ASN A O   
262 C  CB  . ASN A 34 ? 0.1537 0.1766 0.1356 -0.0296 -0.0033 0.0076  321  ASN A CB  
263 C  CG  . ASN A 34 ? 0.1558 0.2079 0.1386 -0.0234 0.0032  -0.0003 321  ASN A CG  
264 O  OD1 . ASN A 34 ? 0.1778 0.2357 0.1998 -0.0278 0.0298  -0.0373 321  ASN A OD1 
265 N  ND2 . ASN A 34 ? 0.1953 0.3414 0.1661 -0.0048 -0.0445 -0.0549 321  ASN A ND2 
266 N  N   . ILE A 35 ? 0.1368 0.1280 0.1131 -0.0041 0.0124  0.0232  322  ILE A N   
267 C  CA  . ILE A 35 ? 0.1707 0.1117 0.1446 -0.0006 0.0306  0.0252  322  ILE A CA  
268 C  C   . ILE A 35 ? 0.1582 0.1184 0.1342 0.0377  0.0409  0.0192  322  ILE A C   
269 O  O   . ILE A 35 ? 0.1879 0.1259 0.1905 0.0513  0.0625  0.0160  322  ILE A O   
270 C  CB  . ILE A 35 ? 0.1527 0.1078 0.1456 0.0178  0.0123  0.0061  322  ILE A CB  
271 C  CG1 . ILE A 35 ? 0.1401 0.1102 0.1716 0.0133  0.0175  0.0338  322  ILE A CG1 
272 C  CG2 . ILE A 35 ? 0.1606 0.1455 0.1776 0.0199  0.0501  -0.0352 322  ILE A CG2 
273 C  CD1 . ILE A 35 ? 0.1430 0.0903 0.2363 0.0138  0.0370  -0.0187 322  ILE A CD1 
274 N  N   . GLY A 36 ? 0.1371 0.1119 0.1323 0.0280  0.0201  0.0259  323  GLY A N   
275 C  CA  . GLY A 36 ? 0.1641 0.1310 0.1302 0.0503  0.0424  0.0311  323  GLY A CA  
276 C  C   . GLY A 36 ? 0.1336 0.0977 0.1079 0.0145  0.0243  0.0082  323  GLY A C   
277 O  O   . GLY A 36 ? 0.1520 0.0858 0.1118 -0.0054 0.0261  0.0090  323  GLY A O   
278 N  N   . LEU A 37 ? 0.1111 0.1008 0.0945 -0.0008 0.0127  0.0151  324  LEU A N   
279 C  CA  . LEU A 37 ? 0.1080 0.0810 0.1071 -0.0114 0.0111  0.0051  324  LEU A CA  
280 C  C   . LEU A 37 ? 0.1088 0.0908 0.1031 0.0018  0.0053  0.0136  324  LEU A C   
281 O  O   . LEU A 37 ? 0.1136 0.0977 0.1186 0.0081  0.0019  -0.0089 324  LEU A O   
282 C  CB  . LEU A 37 ? 0.1782 0.0867 0.1340 -0.0207 -0.0019 -0.0008 324  LEU A CB  
283 C  CG  . LEU A 37 ? 0.2176 0.1139 0.1754 -0.0071 -0.0516 -0.0333 324  LEU A CG  
284 C  CD1 . LEU A 37 ? 0.2096 0.1346 0.3768 -0.0250 -0.0874 -0.0651 324  LEU A CD1 
285 C  CD2 . LEU A 37 ? 0.3515 0.1215 0.1629 -0.0095 0.0440  -0.0398 324  LEU A CD2 
286 N  N   . THR A 38 ? 0.1074 0.0902 0.0968 -0.0148 0.0247  0.0159  325  THR A N   
287 C  CA  . THR A 38 ? 0.1064 0.1351 0.1040 -0.0270 0.0204  0.0154  325  THR A CA  
288 C  C   . THR A 38 ? 0.1195 0.0916 0.1111 0.0103  0.0153  -0.0096 325  THR A C   
289 O  O   . THR A 38 ? 0.1412 0.1018 0.1234 0.0027  0.0012  -0.0078 325  THR A O   
290 C  CB  . THR A 38 ? 0.1379 0.1711 0.1165 -0.0172 0.0364  -0.0177 325  THR A CB  
291 O  OG1 . THR A 38 ? 0.1335 0.2191 0.1758 0.0196  0.0588  0.0065  325  THR A OG1 
292 C  CG2 . THR A 38 ? 0.1259 0.2449 0.1497 -0.0655 0.0221  0.0333  325  THR A CG2 
293 N  N   . LYS A 39 ? 0.0998 0.0947 0.1301 -0.0091 0.0269  0.0039  326  LYS A N   
294 C  CA  . LYS A 39 ? 0.1140 0.0875 0.1385 -0.0079 0.0326  -0.0209 326  LYS A CA  
295 C  C   . LYS A 39 ? 0.0979 0.0873 0.1239 -0.0072 0.0199  -0.0156 326  LYS A C   
296 O  O   . LYS A 39 ? 0.1151 0.0771 0.1301 -0.0172 0.0195  -0.0141 326  LYS A O   
297 C  CB  . LYS A 39 ? 0.1171 0.0878 0.2409 0.0107  0.0514  0.0129  326  LYS A CB  
298 C  CG  . LYS A 39 ? 0.1422 0.1272 0.3596 0.0122  0.1106  0.0265  326  LYS A CG  
299 C  CD  . LYS A 39 ? 0.1587 0.1210 0.5772 0.0425  0.0450  -0.0019 326  LYS A CD  
300 C  CE  . LYS A 39 ? 0.2202 0.1813 0.7369 0.0853  0.1393  -0.0363 326  LYS A CE  
301 N  NZ  . LYS A 39 ? 0.5598 0.3318 0.6194 -0.0182 0.2781  0.0215  326  LYS A NZ  
302 N  N   . ALA A 40 ? 0.1111 0.0793 0.0944 0.0104  0.0195  0.0013  327  ALA A N   
303 C  CA  . ALA A 40 ? 0.1222 0.0680 0.0972 -0.0031 0.0281  -0.0110 327  ALA A CA  
304 C  C   . ALA A 40 ? 0.1139 0.0708 0.0893 0.0141  0.0138  0.0059  327  ALA A C   
305 O  O   . ALA A 40 ? 0.1126 0.1022 0.0951 -0.0034 0.0218  -0.0047 327  ALA A O   
306 C  CB  . ALA A 40 ? 0.1560 0.0689 0.1500 0.0043  0.0526  -0.0121 327  ALA A CB  
307 N  N   A ARG A 41 ? 0.1158 0.0987 0.0994 -0.0143 0.0051  0.0195  328  ARG A N   
308 N  N   B ARG A 41 ? 0.1261 0.0875 0.0990 -0.0210 0.0151  0.0074  328  ARG A N   
309 C  CA  A ARG A 41 ? 0.1363 0.1318 0.0821 -0.0337 0.0113  0.0103  328  ARG A CA  
310 C  CA  B ARG A 41 ? 0.1479 0.1345 0.0934 -0.0298 -0.0017 0.0149  328  ARG A CA  
311 C  C   A ARG A 41 ? 0.1499 0.1294 0.0612 -0.0470 0.0264  0.0046  328  ARG A C   
312 C  C   B ARG A 41 ? 0.1526 0.1228 0.0856 -0.0493 0.0253  -0.0234 328  ARG A C   
313 O  O   A ARG A 41 ? 0.1390 0.1447 0.1038 -0.0523 0.0058  -0.0016 328  ARG A O   
314 O  O   B ARG A 41 ? 0.1448 0.1526 0.0836 -0.0306 0.0214  0.0261  328  ARG A O   
315 C  CB  A ARG A 41 ? 0.1655 0.1450 0.1027 -0.0521 -0.0241 0.0343  328  ARG A CB  
316 C  CB  B ARG A 41 ? 0.2023 0.2027 0.0962 -0.0971 -0.0021 0.0218  328  ARG A CB  
317 C  CG  A ARG A 41 ? 0.1327 0.1758 0.0943 -0.0268 0.0033  -0.0003 328  ARG A CG  
318 C  CG  B ARG A 41 ? 0.1870 0.3455 0.1393 -0.0990 -0.0174 -0.0530 328  ARG A CG  
319 C  CD  A ARG A 41 ? 0.1880 0.0624 0.1374 0.0053  -0.0601 0.0121  328  ARG A CD  
320 C  CD  B ARG A 41 ? 0.2266 0.2931 0.1834 -0.0691 -0.0648 -0.0376 328  ARG A CD  
321 N  NE  A ARG A 41 ? 0.1543 0.1401 0.1514 0.0138  -0.0475 0.0042  328  ARG A NE  
322 N  NE  B ARG A 41 ? 0.2545 0.2461 0.2346 -0.0361 -0.0811 -0.0662 328  ARG A NE  
323 C  CZ  A ARG A 41 ? 0.1712 0.1429 0.1056 0.0287  -0.0468 0.0127  328  ARG A CZ  
324 C  CZ  B ARG A 41 ? 0.2071 0.1025 0.3383 0.0242  -0.0023 -0.0468 328  ARG A CZ  
325 N  NH1 A ARG A 41 ? 0.1971 0.1809 0.1075 -0.0237 0.0325  0.0025  328  ARG A NH1 
326 N  NH1 B ARG A 41 ? 0.0989 0.0844 0.3078 -0.0014 -0.0473 -0.0564 328  ARG A NH1 
327 N  NH2 A ARG A 41 ? 0.1453 0.0921 0.2109 0.0002  -0.0368 0.0244  328  ARG A NH2 
328 N  NH2 B ARG A 41 ? 0.2088 0.0779 0.5786 0.0038  0.0076  -0.0991 328  ARG A NH2 
329 N  N   . ASP A 42 ? 0.1631 0.1117 0.0975 -0.0450 0.0438  -0.0057 329  ASP A N   
330 C  CA  . ASP A 42 ? 0.2063 0.1115 0.0951 -0.0421 0.0551  -0.0228 329  ASP A CA  
331 C  C   . ASP A 42 ? 0.1557 0.0862 0.0910 -0.0310 0.0305  -0.0203 329  ASP A C   
332 O  O   . ASP A 42 ? 0.1431 0.1038 0.1019 -0.0422 0.0334  -0.0251 329  ASP A O   
333 C  CB  . ASP A 42 ? 0.2984 0.1392 0.1858 -0.0148 0.1427  -0.0539 329  ASP A CB  
334 C  CG  . ASP A 42 ? 0.4584 0.2604 0.1816 -0.0082 0.1715  -0.0783 329  ASP A CG  
335 O  OD1 . ASP A 42 ? 0.5224 0.1717 0.1528 0.0400  0.1131  -0.0101 329  ASP A OD1 
336 O  OD2 . ASP A 42 ? 0.5285 0.2292 0.2489 -0.0869 0.2398  -0.0737 329  ASP A OD2 
337 N  N   . ILE A 43 ? 0.1106 0.0965 0.0904 -0.0260 0.0316  -0.0188 330  ILE A N   
338 C  CA  . ILE A 43 ? 0.0987 0.0815 0.0798 -0.0170 0.0051  0.0011  330  ILE A CA  
339 C  C   . ILE A 43 ? 0.1025 0.0919 0.0906 -0.0083 0.0225  -0.0014 330  ILE A C   
340 O  O   . ILE A 43 ? 0.1065 0.0874 0.0921 -0.0284 0.0262  -0.0070 330  ILE A O   
341 C  CB  . ILE A 43 ? 0.1090 0.0819 0.0840 -0.0088 0.0129  -0.0185 330  ILE A CB  
342 C  CG1 . ILE A 43 ? 0.0969 0.0763 0.1387 -0.0006 -0.0050 -0.0106 330  ILE A CG1 
343 C  CG2 . ILE A 43 ? 0.1470 0.0864 0.0806 -0.0246 0.0198  0.0005  330  ILE A CG2 
344 C  CD1 . ILE A 43 ? 0.1279 0.1173 0.1094 -0.0292 -0.0131 -0.0001 330  ILE A CD1 
345 N  N   A ASN A 44 ? 0.1040 0.0818 0.0914 -0.0056 0.0247  -0.0097 331  ASN A N   
346 N  N   B ASN A 44 ? 0.1095 0.0790 0.0802 -0.0071 0.0234  -0.0144 331  ASN A N   
347 C  CA  A ASN A 44 ? 0.1152 0.0763 0.1414 0.0064  0.0301  -0.0229 331  ASN A CA  
348 C  CA  B ASN A 44 ? 0.1169 0.0599 0.0895 0.0043  0.0276  0.0112  331  ASN A CA  
349 C  C   A ASN A 44 ? 0.1060 0.1019 0.0945 -0.0038 0.0132  0.0008  331  ASN A C   
350 C  C   B ASN A 44 ? 0.1317 0.1201 0.0840 -0.0370 0.0231  0.0024  331  ASN A C   
351 O  O   A ASN A 44 ? 0.1042 0.1165 0.0833 -0.0035 0.0083  0.0150  331  ASN A O   
352 O  O   B ASN A 44 ? 0.0976 0.1087 0.1173 -0.0127 0.0235  0.0216  331  ASN A O   
353 C  CB  A ASN A 44 ? 0.0952 0.1019 0.1188 -0.0144 0.0053  0.0034  331  ASN A CB  
354 C  CB  B ASN A 44 ? 0.2319 0.1124 0.1675 0.0664  -0.0279 0.0198  331  ASN A CB  
355 C  CG  A ASN A 44 ? 0.1464 0.0831 0.2309 -0.0155 0.0613  -0.0587 331  ASN A CG  
356 C  CG  B ASN A 44 ? 0.2310 0.1260 0.2261 0.1153  -0.0393 -0.0087 331  ASN A CG  
357 O  OD1 A ASN A 44 ? 0.3582 0.1815 0.2289 -0.0630 -0.0012 -0.1503 331  ASN A OD1 
358 O  OD1 B ASN A 44 ? 0.2250 0.1648 0.1817 0.0000  -0.0045 0.0590  331  ASN A OD1 
359 N  ND2 A ASN A 44 ? 0.2915 0.0736 0.4242 0.0219  0.1323  -0.0160 331  ASN A ND2 
360 N  ND2 B ASN A 44 ? 0.1484 0.3532 0.2419 0.1788  -0.0783 -0.1516 331  ASN A ND2 
361 N  N   . ALA A 45 ? 0.1220 0.1022 0.0816 -0.0200 0.0083  0.0003  332  ALA A N   
362 C  CA  . ALA A 45 ? 0.1552 0.1295 0.0806 -0.0430 0.0171  -0.0039 332  ALA A CA  
363 C  C   . ALA A 45 ? 0.1312 0.1117 0.0990 -0.0318 0.0299  -0.0117 332  ALA A C   
364 O  O   . ALA A 45 ? 0.1348 0.1164 0.1137 -0.0418 0.0277  -0.0166 332  ALA A O   
365 C  CB  . ALA A 45 ? 0.2425 0.1826 0.0823 -0.0819 0.0400  -0.0204 332  ALA A CB  
366 N  N   . VAL A 46 ? 0.1221 0.1025 0.0898 -0.0251 0.0431  -0.0174 333  VAL A N   
367 C  CA  . VAL A 46 ? 0.1133 0.0959 0.0982 -0.0275 0.0397  -0.0187 333  VAL A CA  
368 C  C   . VAL A 46 ? 0.0960 0.0779 0.0967 -0.0151 0.0311  -0.0059 333  VAL A C   
369 O  O   . VAL A 46 ? 0.1093 0.0830 0.1178 -0.0208 0.0373  -0.0050 333  VAL A O   
370 C  CB  . VAL A 46 ? 0.1130 0.0803 0.1634 -0.0100 0.0601  -0.0126 333  VAL A CB  
371 C  CG1 . VAL A 46 ? 0.1262 0.1010 0.2359 -0.0076 0.0334  0.0318  333  VAL A CG1 
372 C  CG2 . VAL A 46 ? 0.1293 0.1133 0.2018 -0.0149 0.0792  -0.0577 333  VAL A CG2 
373 N  N   . LEU A 47 ? 0.0910 0.0823 0.0848 -0.0117 0.0143  -0.0116 334  LEU A N   
374 C  CA  . LEU A 47 ? 0.0927 0.0741 0.0878 -0.0138 0.0253  0.0003  334  LEU A CA  
375 C  C   . LEU A 47 ? 0.0990 0.0663 0.0981 -0.0067 0.0207  -0.0062 334  LEU A C   
376 O  O   . LEU A 47 ? 0.0968 0.0859 0.0994 -0.0173 0.0284  -0.0149 334  LEU A O   
377 C  CB  . LEU A 47 ? 0.1053 0.0865 0.1052 -0.0150 0.0284  -0.0137 334  LEU A CB  
378 C  CG  . LEU A 47 ? 0.1020 0.0954 0.0850 -0.0079 0.0166  -0.0068 334  LEU A CG  
379 C  CD1 . LEU A 47 ? 0.1214 0.0973 0.0872 -0.0176 0.0173  -0.0144 334  LEU A CD1 
380 C  CD2 . LEU A 47 ? 0.1363 0.1120 0.0850 0.0119  0.0362  -0.0003 334  LEU A CD2 
381 N  N   . ILE A 48 ? 0.0915 0.0971 0.0939 -0.0171 0.0170  -0.0033 335  ILE A N   
382 C  CA  . ILE A 48 ? 0.0913 0.1074 0.1188 -0.0147 0.0178  0.0012  335  ILE A CA  
383 C  C   . ILE A 48 ? 0.1067 0.0996 0.0955 -0.0162 0.0182  -0.0112 335  ILE A C   
384 O  O   . ILE A 48 ? 0.1082 0.1315 0.0967 -0.0304 0.0193  -0.0152 335  ILE A O   
385 C  CB  . ILE A 48 ? 0.1397 0.1292 0.2072 -0.0075 -0.0331 0.0463  335  ILE A CB  
386 C  CG1 . ILE A 48 ? 0.1975 0.1133 0.4088 -0.0031 0.0536  0.0455  335  ILE A CG1 
387 C  CG2 . ILE A 48 ? 0.1516 0.3277 0.1226 -0.0370 -0.0165 0.0383  335  ILE A CG2 
388 C  CD1 . ILE A 48 ? 0.5063 0.2026 0.6462 -0.0269 0.2726  -0.1055 335  ILE A CD1 
389 N  N   . ASP A 49 ? 0.1165 0.1091 0.0841 -0.0100 0.0068  -0.0141 336  ASP A N   
390 C  CA  . ASP A 49 ? 0.1325 0.1101 0.0885 -0.0033 0.0208  -0.0257 336  ASP A CA  
391 C  C   . ASP A 49 ? 0.1173 0.1033 0.0970 -0.0242 0.0148  -0.0208 336  ASP A C   
392 O  O   . ASP A 49 ? 0.1175 0.1065 0.1294 -0.0298 0.0127  -0.0192 336  ASP A O   
393 C  CB  . ASP A 49 ? 0.1551 0.1274 0.1098 -0.0127 0.0487  -0.0350 336  ASP A CB  
394 C  CG  . ASP A 49 ? 0.3009 0.1872 0.1905 -0.0264 0.0752  -0.1198 336  ASP A CG  
395 O  OD1 . ASP A 49 ? 0.4723 0.3622 0.2647 -0.1235 -0.0394 -0.1761 336  ASP A OD1 
396 O  OD2 . ASP A 49 ? 0.4147 0.1355 0.4836 0.0043  0.1096  -0.0902 336  ASP A OD2 
397 N  N   . MET A 50 ? 0.1070 0.1036 0.0894 -0.0167 0.0210  -0.0202 337  MET A N   
398 C  CA  . MET A 50 ? 0.0941 0.1055 0.0986 -0.0095 0.0157  -0.0131 337  MET A CA  
399 C  C   . MET A 50 ? 0.0910 0.0843 0.0933 -0.0167 0.0205  -0.0137 337  MET A C   
400 O  O   . MET A 50 ? 0.1032 0.1006 0.1250 -0.0220 0.0271  0.0012  337  MET A O   
401 C  CB  . MET A 50 ? 0.0893 0.1042 0.1008 -0.0139 0.0157  -0.0039 337  MET A CB  
402 C  CG  . MET A 50 ? 0.0992 0.1206 0.1670 -0.0047 0.0375  -0.0302 337  MET A CG  
403 S  SD  . MET A 50 ? 0.1011 0.3144 0.1682 -0.0024 0.0090  -0.0187 337  MET A SD  
404 C  CE  . MET A 50 ? 0.3234 0.3458 0.1124 0.1472  0.0143  -0.0461 337  MET A CE  
405 N  N   . GLU A 51 ? 0.0879 0.0894 0.0903 -0.0201 0.0284  -0.0216 338  GLU A N   
406 C  CA  . GLU A 51 ? 0.0846 0.1016 0.1143 -0.0111 0.0229  -0.0185 338  GLU A CA  
407 C  C   . GLU A 51 ? 0.0825 0.0968 0.1120 -0.0044 0.0142  -0.0061 338  GLU A C   
408 O  O   . GLU A 51 ? 0.1079 0.1250 0.1306 -0.0311 0.0328  -0.0187 338  GLU A O   
409 C  CB  . GLU A 51 ? 0.0846 0.0989 0.1247 -0.0144 0.0419  -0.0185 338  GLU A CB  
410 C  CG  . GLU A 51 ? 0.1024 0.1197 0.1129 0.0165  0.0329  -0.0200 338  GLU A CG  
411 C  CD  . GLU A 51 ? 0.1190 0.1172 0.1102 0.0060  0.0181  -0.0151 338  GLU A CD  
412 O  OE1 . GLU A 51 ? 0.1237 0.1026 0.1173 0.0005  0.0292  -0.0007 338  GLU A OE1 
413 O  OE2 . GLU A 51 ? 0.1726 0.1302 0.1165 0.0143  0.0258  -0.0064 338  GLU A OE2 
414 N  N   . ARG A 52 ? 0.0898 0.0969 0.1125 -0.0152 0.0071  -0.0191 339  ARG A N   
415 C  CA  . ARG A 52 ? 0.1034 0.1237 0.1556 -0.0268 -0.0158 -0.0132 339  ARG A CA  
416 C  C   . ARG A 52 ? 0.1112 0.1257 0.1301 -0.0459 -0.0105 -0.0167 339  ARG A C   
417 O  O   . ARG A 52 ? 0.1222 0.1677 0.1892 -0.0706 0.0040  -0.0030 339  ARG A O   
418 C  CB  . ARG A 52 ? 0.2519 0.1642 0.1484 -0.0490 -0.0694 0.0150  339  ARG A CB  
419 C  CG  . ARG A 52 ? 0.3252 0.3096 0.2019 -0.0665 -0.1285 -0.0114 339  ARG A CG  
420 C  CD  . ARG A 52 ? 0.5985 0.3970 0.1800 -0.0964 -0.1201 -0.0414 339  ARG A CD  
421 N  NE  . ARG A 52 ? 0.7200 0.3097 0.3078 -0.1555 0.0932  -0.0908 339  ARG A NE  
422 C  CZ  . ARG A 52 ? 0.7631 0.2813 0.5203 -0.1443 0.1765  -0.1218 339  ARG A CZ  
423 N  NH1 . ARG A 52 ? 0.8309 0.2548 0.3569 -0.1581 0.2371  -0.0856 339  ARG A NH1 
424 N  NH2 . ARG A 52 ? 0.5026 0.1419 0.9984 -0.1502 0.2046  -0.1520 339  ARG A NH2 
425 N  N   . GLN A 53 ? 0.1237 0.1127 0.1371 -0.0314 -0.0169 -0.0109 340  GLN A N   
426 C  CA  . GLN A 53 ? 0.1359 0.1058 0.1756 -0.0488 -0.0264 -0.0085 340  GLN A CA  
427 C  C   . GLN A 53 ? 0.1224 0.1176 0.1735 -0.0370 -0.0274 0.0095  340  GLN A C   
428 O  O   . GLN A 53 ? 0.1807 0.1179 0.2081 -0.0488 -0.0186 0.0165  340  GLN A O   
429 C  CB  . GLN A 53 ? 0.1916 0.1096 0.2060 -0.0079 0.0075  0.0071  340  GLN A CB  
430 C  CG  . GLN A 53 ? 0.3795 0.2130 0.2081 -0.0493 0.0621  -0.0410 340  GLN A CG  
431 C  CD  . GLN A 53 ? 0.5986 0.4893 0.4274 0.0275  0.2829  -0.0914 340  GLN A CD  
432 O  OE1 . GLN A 53 ? 0.9154 0.6200 0.6577 0.2215  0.2746  -0.2737 340  GLN A OE1 
433 N  NE2 . GLN A 53 ? 0.4610 0.3253 0.9935 0.0667  0.4201  -0.1367 340  GLN A NE2 
434 N  N   . GLY A 54 ? 0.1147 0.1175 0.1486 -0.0567 -0.0185 0.0137  341  GLY A N   
435 C  CA  . GLY A 54 ? 0.1185 0.1361 0.1463 -0.0557 -0.0187 0.0267  341  GLY A CA  
436 C  C   . GLY A 54 ? 0.1089 0.1376 0.1110 -0.0356 0.0101  -0.0041 341  GLY A C   
437 O  O   . GLY A 54 ? 0.1216 0.1382 0.1306 -0.0353 -0.0022 0.0239  341  GLY A O   
438 N  N   . ASP A 55 ? 0.1035 0.0867 0.1194 -0.0192 0.0092  -0.0114 342  ASP A N   
439 C  CA  . ASP A 55 ? 0.0978 0.0880 0.1044 -0.0100 0.0102  -0.0113 342  ASP A CA  
440 C  C   . ASP A 55 ? 0.1023 0.0772 0.1078 -0.0032 0.0051  -0.0026 342  ASP A C   
441 O  O   . ASP A 55 ? 0.0958 0.0837 0.1083 -0.0039 0.0094  -0.0025 342  ASP A O   
442 C  CB  . ASP A 55 ? 0.1305 0.1073 0.1616 0.0070  0.0506  -0.0285 342  ASP A CB  
443 C  CG  . ASP A 55 ? 0.2374 0.1334 0.2345 0.0093  0.0072  -0.0833 342  ASP A CG  
444 O  OD1 . ASP A 55 ? 0.5006 0.2831 0.2996 0.0299  0.0743  -0.1938 342  ASP A OD1 
445 O  OD2 . ASP A 55 ? 0.1815 0.1069 0.4365 -0.0122 0.0116  -0.0344 342  ASP A OD2 
446 N  N   . VAL A 56 ? 0.1039 0.0749 0.0968 -0.0076 0.0158  -0.0024 343  VAL A N   
447 C  CA  . VAL A 56 ? 0.0817 0.0667 0.1085 -0.0079 0.0198  0.0025  343  VAL A CA  
448 C  C   . VAL A 56 ? 0.0810 0.0726 0.0969 -0.0022 0.0045  0.0036  343  VAL A C   
449 O  O   . VAL A 56 ? 0.0846 0.1004 0.0942 -0.0091 0.0102  -0.0097 343  VAL A O   
450 C  CB  . VAL A 56 ? 0.0890 0.0990 0.0998 -0.0189 0.0153  0.0168  343  VAL A CB  
451 C  CG1 . VAL A 56 ? 0.0925 0.1127 0.1148 -0.0098 0.0202  0.0024  343  VAL A CG1 
452 C  CG2 . VAL A 56 ? 0.1149 0.0993 0.0809 -0.0086 0.0098  -0.0042 343  VAL A CG2 
453 N  N   . TYR A 57 ? 0.0860 0.0748 0.0940 -0.0010 0.0096  -0.0027 344  TYR A N   
454 C  CA  . TYR A 57 ? 0.0764 0.0760 0.1094 -0.0126 0.0185  -0.0070 344  TYR A CA  
455 C  C   . TYR A 57 ? 0.0876 0.0724 0.0839 -0.0042 0.0215  -0.0102 344  TYR A C   
456 O  O   . TYR A 57 ? 0.0859 0.0806 0.1183 -0.0074 0.0004  -0.0042 344  TYR A O   
457 C  CB  . TYR A 57 ? 0.1235 0.0788 0.1055 -0.0146 0.0335  0.0056  344  TYR A CB  
458 C  CG  . TYR A 57 ? 0.1224 0.0842 0.1038 -0.0159 0.0350  0.0031  344  TYR A CG  
459 C  CD1 . TYR A 57 ? 0.1314 0.1089 0.1234 -0.0202 0.0346  -0.0256 344  TYR A CD1 
460 C  CD2 . TYR A 57 ? 0.1089 0.1088 0.1194 -0.0138 0.0095  -0.0129 344  TYR A CD2 
461 C  CE1 . TYR A 57 ? 0.1452 0.1196 0.1285 -0.0055 0.0371  -0.0405 344  TYR A CE1 
462 C  CE2 . TYR A 57 ? 0.1197 0.1169 0.1229 -0.0228 0.0076  -0.0024 344  TYR A CE2 
463 C  CZ  . TYR A 57 ? 0.1305 0.1314 0.1142 -0.0358 0.0309  -0.0222 344  TYR A CZ  
464 O  OH  . TYR A 57 ? 0.1538 0.1653 0.1227 -0.0253 0.0259  -0.0352 344  TYR A OH  
465 N  N   . ARG A 58 ? 0.0897 0.0725 0.0898 -0.0034 0.0147  -0.0074 345  ARG A N   
466 C  CA  . ARG A 58 ? 0.1437 0.0648 0.1105 -0.0094 0.0143  -0.0084 345  ARG A CA  
467 C  C   . ARG A 58 ? 0.0985 0.0779 0.1464 -0.0027 0.0045  -0.0139 345  ARG A C   
468 O  O   . ARG A 58 ? 0.1038 0.1018 0.1331 -0.0102 0.0070  -0.0104 345  ARG A O   
469 C  CB  . ARG A 58 ? 0.2145 0.0732 0.1490 -0.0201 -0.0294 0.0101  345  ARG A CB  
470 C  CG  . ARG A 58 ? 0.2079 0.1412 0.1336 -0.0104 -0.0189 0.0135  345  ARG A CG  
471 C  CD  . ARG A 58 ? 0.4237 0.1675 0.1187 0.0064  -0.0894 0.0070  345  ARG A CD  
472 N  NE  . ARG A 58 ? 0.1473 0.1178 0.1218 -0.0216 0.0106  0.0081  345  ARG A NE  
473 C  CZ  . ARG A 58 ? 0.1936 0.1185 0.1224 0.0015  -0.0383 0.0060  345  ARG A CZ  
474 N  NH1 . ARG A 58 ? 0.2746 0.1252 0.1465 0.0080  -0.0146 0.0282  345  ARG A NH1 
475 N  NH2 . ARG A 58 ? 0.4480 0.1528 0.1562 0.0532  -0.1019 -0.0281 345  ARG A NH2 
476 N  N   A GLN A 59 ? 0.1020 0.0777 0.1263 0.0060  0.0138  -0.0193 346  GLN A N   
477 N  N   B GLN A 59 ? 0.1162 0.0814 0.1275 -0.0031 0.0129  -0.0216 346  GLN A N   
478 C  CA  A GLN A 59 ? 0.1392 0.0902 0.1125 0.0003  0.0406  -0.0031 346  GLN A CA  
479 C  CA  B GLN A 59 ? 0.1581 0.0898 0.0968 0.0046  0.0313  0.0060  346  GLN A CA  
480 C  C   A GLN A 59 ? 0.1163 0.0924 0.0923 0.0058  0.0384  -0.0270 346  GLN A C   
481 C  C   B GLN A 59 ? 0.1099 0.0877 0.1187 -0.0004 0.0198  -0.0264 346  GLN A C   
482 O  O   A GLN A 59 ? 0.1202 0.0799 0.0743 0.0069  0.0275  0.0009  346  GLN A O   
483 O  O   B GLN A 59 ? 0.1170 0.0881 0.1524 -0.0130 0.0173  -0.0388 346  GLN A O   
484 C  CB  A GLN A 59 ? 0.1839 0.1120 0.1235 -0.0218 0.0129  0.0063  346  GLN A CB  
485 C  CB  B GLN A 59 ? 0.1628 0.1665 0.1127 -0.0022 0.0207  0.0260  346  GLN A CB  
486 C  CG  A GLN A 59 ? 0.1737 0.1883 0.1182 -0.0060 0.0288  0.0142  346  GLN A CG  
487 C  CG  B GLN A 59 ? 0.1565 0.2172 0.1000 -0.0458 0.0209  0.0138  346  GLN A CG  
488 C  CD  A GLN A 59 ? 0.1676 0.2323 0.1125 -0.0337 0.0055  0.0249  346  GLN A CD  
489 C  CD  B GLN A 59 ? 0.1685 0.2727 0.1169 -0.0599 0.0449  -0.0340 346  GLN A CD  
490 O  OE1 A GLN A 59 ? 0.2083 0.2052 0.1252 -0.0860 -0.0205 0.0004  346  GLN A OE1 
491 O  OE1 B GLN A 59 ? 0.1705 0.2716 0.2376 0.0422  -0.0108 -0.0798 346  GLN A OE1 
492 N  NE2 A GLN A 59 ? 0.1728 0.1699 0.1202 -0.0264 0.0033  0.0464  346  GLN A NE2 
493 N  NE2 B GLN A 59 ? 0.1761 0.1427 0.4631 -0.0551 0.1114  -0.0846 346  GLN A NE2 
494 N  N   . GLY A 60 ? 0.1208 0.1109 0.1318 0.0219  0.0285  -0.0255 347  GLY A N   
495 C  CA  . GLY A 60 ? 0.1276 0.0953 0.1535 0.0106  0.0347  -0.0081 347  GLY A CA  
496 C  C   . GLY A 60 ? 0.1235 0.0949 0.1613 0.0103  0.0037  -0.0141 347  GLY A C   
497 O  O   . GLY A 60 ? 0.1238 0.1133 0.1455 -0.0079 0.0123  -0.0136 347  GLY A O   
498 N  N   . THR A 61 ? 0.1601 0.0961 0.1826 -0.0008 0.0050  0.0090  348  THR A N   
499 C  CA  . THR A 61 ? 0.1220 0.1100 0.1777 0.0006  -0.0152 0.0074  348  THR A CA  
500 C  C   . THR A 61 ? 0.1416 0.0904 0.1434 0.0017  -0.0009 -0.0186 348  THR A C   
501 O  O   . THR A 61 ? 0.2001 0.1337 0.1540 0.0025  -0.0053 0.0177  348  THR A O   
502 C  CB  . THR A 61 ? 0.1407 0.1295 0.2508 0.0204  0.0142  0.0218  348  THR A CB  
503 O  OG1 . THR A 61 ? 0.1580 0.1820 0.3212 0.0604  -0.0153 -0.0359 348  THR A OG1 
504 C  CG2 . THR A 61 ? 0.1227 0.2530 0.2621 -0.0147 0.0109  0.0013  348  THR A CG2 
505 N  N   . THR A 62 ? 0.1296 0.0912 0.1915 0.0009  -0.0111 -0.0382 349  THR A N   
506 C  CA  . THR A 62 ? 0.1293 0.1003 0.1952 -0.0014 -0.0068 -0.0169 349  THR A CA  
507 C  C   . THR A 62 ? 0.1319 0.0884 0.2046 0.0086  -0.0177 -0.0477 349  THR A C   
508 O  O   . THR A 62 ? 0.1497 0.1102 0.2248 0.0087  -0.0053 -0.0720 349  THR A O   
509 C  CB  . THR A 62 ? 0.1689 0.0911 0.4139 0.0401  -0.0680 -0.0353 349  THR A CB  
510 O  OG1 . THR A 62 ? 0.1755 0.1680 0.4257 0.0418  -0.0620 -0.0800 349  THR A OG1 
511 C  CG2 . THR A 62 ? 0.2399 0.1076 0.5733 0.0228  -0.0561 0.0238  349  THR A CG2 
512 N  N   . PRO A 63 ? 0.1340 0.0730 0.1387 0.0086  -0.0176 -0.0233 350  PRO A N   
513 C  CA  . PRO A 63 ? 0.1332 0.0851 0.1124 -0.0151 0.0124  -0.0109 350  PRO A CA  
514 C  C   . PRO A 63 ? 0.1298 0.0713 0.0964 0.0052  0.0046  -0.0097 350  PRO A C   
515 O  O   . PRO A 63 ? 0.1268 0.0978 0.1011 0.0077  -0.0018 -0.0058 350  PRO A O   
516 C  CB  . PRO A 63 ? 0.1271 0.1040 0.1399 0.0006  0.0135  -0.0023 350  PRO A CB  
517 C  CG  . PRO A 63 ? 0.1287 0.0881 0.1623 -0.0024 0.0106  -0.0182 350  PRO A CG  
518 C  CD  . PRO A 63 ? 0.1370 0.0873 0.1994 0.0122  -0.0173 -0.0450 350  PRO A CD  
519 N  N   . PRO A 64 ? 0.1064 0.0764 0.1026 0.0035  -0.0029 0.0036  351  PRO A N   
520 C  CA  . PRO A 64 ? 0.1063 0.0717 0.1181 -0.0065 -0.0207 0.0017  351  PRO A CA  
521 C  C   . PRO A 64 ? 0.0959 0.0773 0.0987 0.0003  0.0020  -0.0050 351  PRO A C   
522 O  O   . PRO A 64 ? 0.1047 0.0909 0.0888 -0.0034 0.0025  -0.0002 351  PRO A O   
523 C  CB  . PRO A 64 ? 0.1305 0.0930 0.1086 -0.0026 -0.0237 -0.0048 351  PRO A CB  
524 C  CG  . PRO A 64 ? 0.1436 0.0927 0.1291 0.0061  -0.0387 -0.0048 351  PRO A CG  
525 C  CD  . PRO A 64 ? 0.1697 0.0943 0.1117 -0.0072 -0.0373 0.0020  351  PRO A CD  
526 N  N   . ILE A 65 ? 0.0991 0.0739 0.0918 0.0105  0.0062  -0.0028 352  ILE A N   
527 C  CA  . ILE A 65 ? 0.1081 0.0521 0.0867 0.0036  -0.0039 -0.0060 352  ILE A CA  
528 C  C   . ILE A 65 ? 0.0973 0.0715 0.0817 -0.0078 0.0089  -0.0200 352  ILE A C   
529 O  O   . ILE A 65 ? 0.1026 0.0657 0.1020 -0.0089 0.0279  0.0002  352  ILE A O   
530 C  CB  . ILE A 65 ? 0.0998 0.0745 0.0856 0.0077  -0.0003 -0.0193 352  ILE A CB  
531 C  CG1 . ILE A 65 ? 0.1425 0.0786 0.1020 0.0120  0.0010  -0.0308 352  ILE A CG1 
532 C  CG2 . ILE A 65 ? 0.1247 0.1110 0.0821 0.0353  0.0000  0.0069  352  ILE A CG2 
533 C  CD1 . ILE A 65 ? 0.2359 0.1496 0.1071 -0.0080 -0.0170 -0.0551 352  ILE A CD1 
534 N  N   . TRP A 66 ? 0.0840 0.0695 0.0625 0.0023  0.0046  -0.0201 353  TRP A N   
535 C  CA  . TRP A 66 ? 0.0910 0.0657 0.0687 -0.0007 0.0169  -0.0022 353  TRP A CA  
536 C  C   . TRP A 66 ? 0.0832 0.0886 0.0682 -0.0010 0.0099  0.0032  353  TRP A C   
537 O  O   . TRP A 66 ? 0.0959 0.0720 0.0787 -0.0052 0.0106  0.0001  353  TRP A O   
538 C  CB  . TRP A 66 ? 0.1058 0.0868 0.0585 0.0033  0.0166  -0.0161 353  TRP A CB  
539 C  CG  . TRP A 66 ? 0.0935 0.0894 0.0742 -0.0079 0.0199  -0.0082 353  TRP A CG  
540 C  CD1 . TRP A 66 ? 0.1147 0.0802 0.0934 -0.0004 0.0120  -0.0089 353  TRP A CD1 
541 C  CD2 . TRP A 66 ? 0.0836 0.0939 0.0772 -0.0010 0.0164  -0.0084 353  TRP A CD2 
542 N  NE1 . TRP A 66 ? 0.1201 0.0857 0.1026 -0.0016 -0.0011 -0.0140 353  TRP A NE1 
543 C  CE2 . TRP A 66 ? 0.1073 0.0931 0.0797 -0.0039 0.0100  -0.0072 353  TRP A CE2 
544 C  CE3 . TRP A 66 ? 0.1019 0.0899 0.1043 -0.0075 0.0048  -0.0146 353  TRP A CE3 
545 C  CZ2 . TRP A 66 ? 0.1303 0.1519 0.0986 -0.0191 -0.0123 0.0017  353  TRP A CZ2 
546 C  CZ3 . TRP A 66 ? 0.1160 0.1140 0.1097 -0.0002 -0.0085 -0.0232 353  TRP A CZ3 
547 C  CH2 . TRP A 66 ? 0.1248 0.1395 0.1449 -0.0056 -0.0371 -0.0077 353  TRP A CH2 
548 N  N   . HIS A 67 ? 0.0951 0.0732 0.0778 -0.0025 0.0042  0.0024  354  HIS A N   
549 C  CA  . HIS A 67 ? 0.0954 0.0818 0.0827 -0.0045 0.0072  0.0063  354  HIS A CA  
550 C  C   . HIS A 67 ? 0.0849 0.0777 0.0920 -0.0101 0.0072  0.0057  354  HIS A C   
551 O  O   . HIS A 67 ? 0.0954 0.0725 0.1180 -0.0034 -0.0155 0.0082  354  HIS A O   
552 C  CB  . HIS A 67 ? 0.1262 0.0932 0.0949 -0.0294 0.0378  -0.0022 354  HIS A CB  
553 C  CG  . HIS A 67 ? 0.1190 0.0994 0.1066 -0.0172 0.0393  -0.0005 354  HIS A CG  
554 N  ND1 . HIS A 67 ? 0.1168 0.1010 0.1142 -0.0036 0.0295  -0.0018 354  HIS A ND1 
555 C  CD2 . HIS A 67 ? 0.1387 0.0969 0.0991 -0.0111 0.0360  -0.0026 354  HIS A CD2 
556 C  CE1 . HIS A 67 ? 0.1058 0.1148 0.0972 0.0033  0.0264  0.0013  354  HIS A CE1 
557 N  NE2 . HIS A 67 ? 0.1277 0.0840 0.1091 0.0016  0.0320  0.0169  354  HIS A NE2 
558 N  N   . LEU A 68 ? 0.1044 0.0781 0.0997 -0.0045 -0.0124 -0.0104 355  LEU A N   
559 C  CA  . LEU A 68 ? 0.0934 0.0733 0.1154 -0.0017 0.0014  -0.0154 355  LEU A CA  
560 C  C   . LEU A 68 ? 0.0932 0.0781 0.1093 0.0081  -0.0041 0.0005  355  LEU A C   
561 O  O   . LEU A 68 ? 0.1176 0.1146 0.1159 -0.0123 0.0114  -0.0127 355  LEU A O   
562 C  CB  . LEU A 68 ? 0.0893 0.0914 0.1676 -0.0025 0.0161  0.0086  355  LEU A CB  
563 C  CG  . LEU A 68 ? 0.0804 0.1146 0.2015 -0.0037 0.0164  0.0278  355  LEU A CG  
564 C  CD1 . LEU A 68 ? 0.0960 0.1725 0.2442 0.0132  -0.0129 0.0339  355  LEU A CD1 
565 C  CD2 . LEU A 68 ? 0.0865 0.2490 0.1921 0.0046  0.0359  0.0359  355  LEU A CD2 
566 N  N   . THR A 69 ? 0.0987 0.0746 0.1036 0.0007  0.0142  0.0006  356  THR A N   
567 C  CA  . THR A 69 ? 0.0927 0.0978 0.1096 0.0015  0.0164  0.0036  356  THR A CA  
568 C  C   . THR A 69 ? 0.1250 0.0884 0.0883 0.0224  0.0272  -0.0063 356  THR A C   
569 O  O   . THR A 69 ? 0.1124 0.0869 0.1183 0.0087  0.0305  -0.0026 356  THR A O   
570 C  CB  . THR A 69 ? 0.0989 0.0909 0.1126 0.0077  0.0128  -0.0015 356  THR A CB  
571 O  OG1 . THR A 69 ? 0.0962 0.0982 0.1173 -0.0051 0.0160  -0.0051 356  THR A OG1 
572 C  CG2 . THR A 69 ? 0.1055 0.1068 0.1121 0.0029  0.0163  0.0205  356  THR A CG2 
573 N  N   . ASP A 70 ? 0.1107 0.1127 0.1351 0.0117  0.0378  0.0183  357  ASP A N   
574 C  CA  . ASP A 70 ? 0.1753 0.1334 0.1467 0.0307  0.0673  0.0301  357  ASP A CA  
575 C  C   . ASP A 70 ? 0.1446 0.1067 0.1615 0.0005  0.0644  0.0399  357  ASP A C   
576 O  O   . ASP A 70 ? 0.1405 0.1168 0.1791 0.0211  0.0736  0.0301  357  ASP A O   
577 C  CB  . ASP A 70 ? 0.2081 0.1945 0.1875 0.0593  0.1145  0.0692  357  ASP A CB  
578 C  CG  . ASP A 70 ? 0.4238 0.2486 0.2630 0.1366  0.1782  -0.0028 357  ASP A CG  
579 O  OD1 . ASP A 70 ? 0.6538 0.6387 0.3616 0.1030  0.3616  -0.0618 357  ASP A OD1 
580 O  OD2 . ASP A 70 ? 0.6628 0.3411 0.2058 -0.0184 0.1519  -0.0980 357  ASP A OD2 
581 N  N   . LYS A 71 ? 0.1291 0.1153 0.1902 -0.0131 0.0558  0.0274  358  LYS A N   
582 C  CA  . LYS A 71 ? 0.1235 0.1199 0.2365 -0.0195 0.0313  0.0046  358  LYS A CA  
583 C  C   . LYS A 71 ? 0.1195 0.0917 0.1716 -0.0148 0.0114  -0.0049 358  LYS A C   
584 O  O   . LYS A 71 ? 0.1260 0.0966 0.2342 -0.0200 0.0139  0.0046  358  LYS A O   
585 C  CB  . LYS A 71 ? 0.1749 0.2333 0.4321 0.0434  -0.1212 -0.1218 358  LYS A CB  
586 C  CG  . LYS A 71 ? 0.2573 0.2584 0.4681 0.0155  -0.1922 -0.1521 358  LYS A CG  
587 C  CD  . LYS A 71 ? 0.4280 0.4318 0.4842 -0.0333 -0.2603 -0.0929 358  LYS A CD  
588 C  CE  . LYS A 71 ? 0.6105 0.6556 0.4029 0.0769  -0.0936 -0.1218 358  LYS A CE  
589 N  NZ  . LYS A 71 ? 0.5309 0.4404 0.5020 0.1709  -0.2335 -0.1712 358  LYS A NZ  
590 N  N   . LYS A 72 ? 0.1045 0.0993 0.1164 -0.0071 0.0097  -0.0043 359  LYS A N   
591 C  CA  . LYS A 72 ? 0.1147 0.0804 0.1058 0.0050  0.0130  -0.0009 359  LYS A CA  
592 C  C   . LYS A 72 ? 0.0981 0.0731 0.1073 -0.0014 0.0217  0.0068  359  LYS A C   
593 O  O   . LYS A 72 ? 0.1035 0.0781 0.1090 0.0027  0.0187  0.0034  359  LYS A O   
594 C  CB  . LYS A 72 ? 0.1126 0.1093 0.1175 0.0092  0.0166  0.0206  359  LYS A CB  
595 C  CG  . LYS A 72 ? 0.1218 0.1757 0.1303 0.0031  0.0392  0.0101  359  LYS A CG  
596 C  CD  . LYS A 72 ? 0.2000 0.2396 0.1739 -0.0134 0.0725  0.0466  359  LYS A CD  
597 C  CE  . LYS A 72 ? 0.2127 0.2650 0.2326 0.0517  0.1352  0.0514  359  LYS A CE  
598 N  NZ  . LYS A 72 ? 0.2347 0.2214 0.2471 -0.0068 0.0640  -0.0164 359  LYS A NZ  
599 N  N   . ARG A 73 ? 0.0986 0.0725 0.1089 -0.0022 0.0112  -0.0032 360  ARG A N   
600 C  CA  . ARG A 73 ? 0.1043 0.0762 0.1072 0.0046  0.0101  -0.0026 360  ARG A CA  
601 C  C   . ARG A 73 ? 0.1066 0.0754 0.0994 0.0146  0.0205  -0.0030 360  ARG A C   
602 O  O   . ARG A 73 ? 0.1314 0.0961 0.1147 0.0268  0.0209  -0.0011 360  ARG A O   
603 C  CB  . ARG A 73 ? 0.1514 0.0759 0.1114 -0.0126 0.0192  -0.0110 360  ARG A CB  
604 C  CG  . ARG A 73 ? 0.1885 0.0817 0.1047 -0.0296 0.0167  -0.0008 360  ARG A CG  
605 C  CD  . ARG A 73 ? 0.1643 0.1050 0.1905 -0.0140 0.0422  -0.0629 360  ARG A CD  
606 N  NE  . ARG A 73 ? 0.1734 0.1008 0.1488 0.0011  -0.0118 -0.0217 360  ARG A NE  
607 C  CZ  . ARG A 73 ? 0.1734 0.0917 0.1254 -0.0069 0.0311  -0.0068 360  ARG A CZ  
608 N  NH1 . ARG A 73 ? 0.1543 0.1190 0.0940 -0.0043 0.0258  -0.0102 360  ARG A NH1 
609 N  NH2 . ARG A 73 ? 0.2592 0.0916 0.1625 -0.0273 0.0197  -0.0214 360  ARG A NH2 
610 N  N   . GLU A 74 ? 0.1282 0.0807 0.1060 -0.0047 0.0336  -0.0037 361  GLU A N   
611 C  CA  . GLU A 74 ? 0.1573 0.0863 0.1117 -0.0099 0.0402  0.0061  361  GLU A CA  
612 C  C   . GLU A 74 ? 0.1754 0.0719 0.1166 -0.0007 0.0255  0.0021  361  GLU A C   
613 O  O   . GLU A 74 ? 0.2743 0.0927 0.1133 0.0233  0.0392  0.0153  361  GLU A O   
614 C  CB  . GLU A 74 ? 0.1649 0.0968 0.1772 -0.0223 0.0390  0.0333  361  GLU A CB  
615 C  CG  . GLU A 74 ? 0.2080 0.1972 0.2582 0.0252  0.1101  0.0468  361  GLU A CG  
616 C  CD  . GLU A 74 ? 0.2555 0.5366 0.5760 -0.1117 0.2485  0.0126  361  GLU A CD  
617 O  OE1 . GLU A 74 ? 0.3633 1.0579 0.7069 -0.4079 0.2032  -0.1594 361  GLU A OE1 
618 O  OE2 . GLU A 74 ? 0.3016 0.7682 1.1075 0.1225  0.3532  -0.0754 361  GLU A OE2 
619 N  N   . ARG A 75 ? 0.1419 0.0861 0.0998 0.0115  0.0323  -0.0020 362  ARG A N   
620 C  CA  . ARG A 75 ? 0.1746 0.0866 0.1125 0.0234  0.0160  -0.0194 362  ARG A CA  
621 C  C   . ARG A 75 ? 0.1592 0.1029 0.1048 0.0451  0.0339  0.0016  362  ARG A C   
622 O  O   . ARG A 75 ? 0.1885 0.1190 0.1263 0.0626  0.0567  0.0149  362  ARG A O   
623 C  CB  . ARG A 75 ? 0.1759 0.1198 0.1095 0.0503  0.0258  -0.0185 362  ARG A CB  
624 C  CG  . ARG A 75 ? 0.2029 0.1544 0.1476 0.0468  -0.0192 -0.0545 362  ARG A CG  
625 C  CD  . ARG A 75 ? 0.2982 0.3031 0.1502 0.0799  -0.0387 -0.0562 362  ARG A CD  
626 N  NE  . ARG A 75 ? 0.6266 0.4397 0.1730 0.2248  0.0307  0.0420  362  ARG A NE  
627 C  CZ  . ARG A 75 ? 0.6128 0.3795 0.3659 0.2305  -0.0806 0.0087  362  ARG A CZ  
628 N  NH1 . ARG A 75 ? 0.9351 0.3204 0.2292 0.2477  -0.1583 -0.0719 362  ARG A NH1 
629 N  NH2 . ARG A 75 ? 1.0923 0.3333 0.3002 0.3249  -0.3325 -0.1795 362  ARG A NH2 
630 N  N   . MET A 76 ? 0.1280 0.1047 0.1354 0.0139  0.0322  -0.0019 363  MET A N   
631 C  CA  . MET A 76 ? 0.1168 0.1603 0.1204 0.0206  0.0316  0.0247  363  MET A CA  
632 C  C   . MET A 76 ? 0.1127 0.1930 0.1214 0.0567  0.0292  0.0198  363  MET A C   
633 O  O   . MET A 76 ? 0.1189 0.3318 0.1487 0.0608  0.0237  0.0808  363  MET A O   
634 C  CB  . MET A 76 ? 0.1675 0.1567 0.1515 -0.0304 -0.0098 0.0362  363  MET A CB  
635 C  CG  . MET A 76 ? 0.1835 0.1662 0.1438 0.0186  -0.0388 0.0174  363  MET A CG  
636 S  SD  . MET A 76 ? 0.1406 0.1658 0.1415 -0.0047 0.0118  0.0282  363  MET A SD  
637 C  CE  . MET A 76 ? 0.1290 0.2779 0.1424 0.0198  0.0259  0.0771  363  MET A CE  
638 N  N   . GLN A 77 ? 0.1263 0.0981 0.1008 0.0238  0.0210  0.0025  364  GLN A N   
639 C  CA  . GLN A 77 ? 0.1646 0.0860 0.0988 0.0008  -0.0090 0.0160  364  GLN A CA  
640 C  C   . GLN A 77 ? 0.1524 0.0987 0.1126 -0.0112 0.0233  -0.0045 364  GLN A C   
641 O  O   . GLN A 77 ? 0.1648 0.2002 0.1305 -0.0492 0.0107  0.0280  364  GLN A O   
642 C  CB  . GLN A 77 ? 0.2821 0.0984 0.1035 -0.0094 0.0280  -0.0099 364  GLN A CB  
643 C  CG  . GLN A 77 ? 0.2185 0.0912 0.1412 0.0019  -0.0087 0.0044  364  GLN A CG  
644 C  CD  . GLN A 77 ? 0.1693 0.1005 0.1339 0.0056  0.0312  0.0236  364  GLN A CD  
645 O  OE1 . GLN A 77 ? 0.1301 0.1126 0.2213 -0.0066 0.0301  0.0151  364  GLN A OE1 
646 N  NE2 . GLN A 77 ? 0.3596 0.1231 0.1327 0.0006  -0.0217 -0.0023 364  GLN A NE2 
647 N  N   . ILE A 78 ? 0.1776 0.0900 0.1100 -0.0116 0.0201  0.0147  365  ILE A N   
648 C  CA  . ILE A 78 ? 0.1716 0.0794 0.1283 -0.0172 0.0372  0.0011  365  ILE A CA  
649 C  C   . ILE A 78 ? 0.1893 0.0782 0.1194 -0.0118 0.0290  -0.0086 365  ILE A C   
650 O  O   . ILE A 78 ? 0.2360 0.1020 0.1312 -0.0207 -0.0081 -0.0283 365  ILE A O   
651 C  CB  . ILE A 78 ? 0.2060 0.1396 0.1877 0.0323  0.0802  0.0788  365  ILE A CB  
652 C  CG1 . ILE A 78 ? 0.2860 0.1303 0.3428 0.0500  0.1334  0.0007  365  ILE A CG1 
653 C  CG2 . ILE A 78 ? 0.2489 0.2584 0.2851 -0.0128 0.0389  0.1813  365  ILE A CG2 
654 C  CD1 . ILE A 78 ? 0.4343 0.2720 0.3649 0.2282  0.1858  0.1311  365  ILE A CD1 
655 N  N   . LYS A 79 ? 0.1851 0.1331 0.1903 -0.0193 0.0697  -0.0382 366  LYS A N   
656 C  CA  . LYS A 79 ? 0.2159 0.3006 0.1371 0.0538  0.0504  -0.0372 366  LYS A CA  
657 C  C   . LYS A 79 ? 0.4669 0.2495 0.2247 0.1262  0.1489  0.1540  366  LYS A C   
658 O  O   . LYS A 79 ? 0.9451 0.2703 0.3372 0.0116  0.2262  0.0652  366  LYS A O   
659 C  CB  . LYS A 79 ? 0.2479 0.4943 0.4101 -0.0783 0.2142  -0.1136 366  LYS A CB  
660 C  CG  . LYS A 79 ? 0.2169 0.6884 0.4255 0.0646  0.0034  -0.0586 366  LYS A CG  
661 C  CD  . LYS A 79 ? 0.4786 0.9550 0.3923 -0.0233 -0.0659 -0.0852 366  LYS A CD  
662 C  CE  . LYS A 79 ? 0.5616 1.0178 0.3546 0.0375  0.0422  -0.0966 366  LYS A CE  
663 N  NZ  . LYS A 79 ? 0.6253 0.4838 0.6026 -0.2791 -0.2080 -0.0339 366  LYS A NZ  
664 CD CD  . CD  B .  ? 0.1338 0.0918 0.1569 -0.0096 0.0258  -0.0060 396  CD  A CD  
665 CD CD  . CD  C .  ? 0.1339 0.1105 0.1208 -0.0008 0.0179  -0.0139 397  CD  A CD  
666 NI NI  . NI  D .  ? 0.3852 0.1888 0.2497 0.0660  0.0043  0.0241  398  NI  A NI  
667 CL CL  . CL  E .  ? 0.1974 0.1399 0.1854 -0.0124 -0.0021 -0.0127 399  CL  A CL  
668 CL CL  . CL  F .  ? 0.1695 0.2695 0.1417 0.0325  0.0053  -0.0554 400  CL  A CL  
669 O  O   . HOH G .  ? 0.2354 0.1178 0.1085 0.0014  -0.0116 0.0011  1001 HOH A O   
670 O  O   . HOH G .  ? 0.1512 0.1190 0.1042 0.0189  0.0227  0.0233  1002 HOH A O   
671 O  O   . HOH G .  ? 0.0892 0.0914 0.1005 -0.0103 0.0190  -0.0128 1003 HOH A O   
672 O  O   . HOH G .  ? 0.1763 0.2278 0.1716 -0.0016 0.0146  -0.0899 1004 HOH A O   
673 O  O   . HOH G .  ? 0.2508 0.2526 0.2127 0.0302  0.0365  -0.0551 1005 HOH A O   
674 O  O   . HOH G .  ? 0.2649 0.1193 0.2765 -0.0808 0.1204  -0.1016 1006 HOH A O   
675 O  O   . HOH G .  ? 0.0893 0.1327 0.3948 -0.0281 0.0298  0.0021  1007 HOH A O   
676 O  O   . HOH G .  ? 0.5010 0.1457 0.2291 -0.0300 0.2281  -0.0006 1008 HOH A O   
677 O  O   . HOH G .  ? 0.6158 0.4134 0.2627 0.0316  -0.1788 -0.0368 1009 HOH A O   
678 O  O   . HOH G .  ? 0.4710 0.4003 0.2949 0.0192  -0.1369 -0.0597 1010 HOH A O   
679 O  O   . HOH G .  ? 0.1445 0.1763 0.1990 0.0224  0.0346  0.0361  1011 HOH A O   
680 O  O   . HOH G .  ? 0.3313 0.1162 0.1786 0.0165  0.0769  -0.0009 1012 HOH A O   
681 O  O   . HOH G .  ? 0.1090 0.2317 0.1904 -0.0430 -0.0040 -0.0239 1013 HOH A O   
682 O  O   . HOH G .  ? 0.1926 0.1121 0.2167 0.0141  0.0884  0.0131  1014 HOH A O   
683 O  O   . HOH G .  ? 0.2681 0.1291 0.2689 -0.0164 -0.0173 -0.0284 1015 HOH A O   
684 O  O   . HOH G .  ? 0.1914 0.1652 0.1774 -0.0534 0.0359  -0.0253 1016 HOH A O   
685 O  O   . HOH G .  ? 0.2191 0.3463 0.2261 -0.0419 -0.0223 0.1031  1017 HOH A O   
686 O  O   . HOH G .  ? 0.1831 0.3151 0.1532 -0.1156 0.0333  0.0049  1018 HOH A O   
687 O  O   . HOH G .  ? 0.4852 0.2427 0.3022 -0.0305 0.0471  -0.0956 1019 HOH A O   
688 O  O   . HOH G .  ? 0.2573 0.1880 0.1437 -0.0086 0.0314  0.0193  1020 HOH A O   
689 O  O   . HOH G .  ? 0.1542 0.1736 0.1273 -0.0153 0.0275  -0.0038 1021 HOH A O   
690 O  O   . HOH G .  ? 0.4602 0.2865 0.2899 -0.0585 -0.0603 -0.0110 1022 HOH A O   
691 O  O   . HOH G .  ? 0.2857 0.2324 0.1380 -0.0962 -0.0071 0.0282  1023 HOH A O   
692 O  O   . HOH G .  ? 0.5360 0.6655 0.2455 0.3755  -0.0084 -0.1136 1024 HOH A O   
693 O  O   . HOH G .  ? 0.2272 0.4821 0.3032 -0.1884 -0.0311 0.0735  1025 HOH A O   
694 O  O   . HOH G .  ? 0.1363 0.2222 0.1849 -0.0365 0.0302  0.0155  1026 HOH A O   
695 O  O   . HOH G .  ? 0.4525 0.3426 0.4742 0.0478  -0.0765 0.1434  1027 HOH A O   
696 O  O   . HOH G .  ? 0.1889 0.1058 0.1055 0.0000  0.0330  0.0002  1028 HOH A O   
697 O  O   . HOH G .  ? 0.1400 0.1168 0.1806 -0.0453 0.0467  -0.0024 1029 HOH A O   
698 O  O   . HOH G .  ? 0.2434 0.2359 0.1510 -0.0113 0.0300  0.0641  1030 HOH A O   
699 O  O   . HOH G .  ? 0.2429 0.1248 0.1854 -0.0455 0.0009  -0.0175 1031 HOH A O   
700 O  O   . HOH G .  ? 0.1798 0.2064 0.3436 -0.0321 -0.0378 -0.0359 1032 HOH A O   
701 O  O   . HOH G .  ? 0.2130 0.1699 0.1302 0.0138  -0.0158 -0.0474 1033 HOH A O   
702 O  O   . HOH G .  ? 0.3432 0.3681 0.2036 0.0492  0.0396  -0.0137 1034 HOH A O   
703 O  O   . HOH G .  ? 0.1814 0.1417 0.4967 0.0360  0.0892  0.0327  1035 HOH A O   
704 O  O   . HOH G .  ? 0.3407 0.2027 0.2567 -0.0061 0.0482  -0.0274 1036 HOH A O   
705 O  O   . HOH G .  ? 0.2655 0.2447 0.1053 0.0074  0.0307  0.0077  1037 HOH A O   
706 O  O   . HOH G .  ? 0.2688 0.2553 0.2177 0.1308  0.1086  0.0380  1038 HOH A O   
707 O  O   . HOH G .  ? 0.3401 0.5638 0.2823 0.1934  -0.0895 -0.1167 1039 HOH A O   
708 O  O   . HOH G .  ? 0.1697 0.1007 0.1690 -0.0058 0.0049  -0.0336 1040 HOH A O   
709 O  O   . HOH G .  ? 0.0974 0.1582 0.1700 -0.0066 0.0073  -0.0179 1041 HOH A O   
710 O  O   . HOH G .  ? 0.2953 0.1543 0.5696 -0.0841 -0.1268 -0.0050 1042 HOH A O   
711 O  O   . HOH G .  ? 0.2142 0.4494 0.1741 -0.1177 -0.0383 -0.0246 1043 HOH A O   
712 O  O   . HOH G .  ? 0.2079 0.2340 0.3333 -0.0752 -0.0554 -0.0286 1044 HOH A O   
713 O  O   . HOH G .  ? 0.3527 0.3754 0.2657 0.0976  0.0306  0.0527  1045 HOH A O   
714 O  O   . HOH G .  ? 0.3438 0.1754 0.3366 0.0184  -0.1333 0.0357  1046 HOH A O   
715 O  O   . HOH G .  ? 0.3020 0.3587 0.3596 -0.1665 0.1203  -0.0546 1047 HOH A O   
716 O  O   . HOH G .  ? 0.3497 0.2609 0.2041 -0.0794 0.0389  -0.0321 1048 HOH A O   
717 O  O   . HOH G .  ? 0.2480 0.7555 0.2037 -0.1291 0.0383  0.0507  1049 HOH A O   
718 O  O   . HOH G .  ? 0.5010 0.4107 0.5082 0.3349  0.2034  0.1482  1050 HOH A O   
719 O  O   . HOH G .  ? 0.2109 0.4069 0.3803 -0.0863 0.1107  -0.1836 1051 HOH A O   
720 O  O   . HOH G .  ? 0.2146 0.2147 0.5232 -0.0158 0.0753  0.0051  1052 HOH A O   
721 O  O   . HOH G .  ? 0.2194 0.4574 0.3789 -0.0792 0.0865  0.0886  1053 HOH A O   
722 O  O   . HOH G .  ? 0.2722 0.1657 0.1725 -0.0204 0.0503  0.0297  1054 HOH A O   
723 O  O   . HOH G .  ? 0.4431 0.2535 0.2890 -0.0799 -0.0855 0.0286  1055 HOH A O   
724 O  O   . HOH G .  ? 0.3976 0.2962 0.3498 -0.0524 0.0536  -0.0342 1056 HOH A O   
725 O  O   . HOH G .  ? 0.5796 0.3537 0.3772 0.0888  -0.1410 -0.1470 1057 HOH A O   
726 O  O   . HOH G .  ? 0.1801 0.3054 0.1536 0.0401  0.0314  0.0076  1058 HOH A O   
727 O  O   . HOH G .  ? 0.4175 0.3402 0.2055 -0.0224 0.0563  -0.0075 1059 HOH A O   
728 O  O   . HOH G .  ? 0.2428 0.3079 0.2297 -0.0292 0.0683  0.0006  1060 HOH A O   
729 O  O   . HOH G .  ? 0.5083 0.7081 0.8980 0.2530  -0.1530 0.0602  1061 HOH A O   
730 O  O   . HOH G .  ? 0.3191 0.6005 0.3720 -0.0531 0.1165  -0.1906 1062 HOH A O   
731 O  O   . HOH G .  ? 0.5515 0.4777 0.2031 0.0997  -0.0733 -0.0815 1063 HOH A O   
732 O  O   . HOH G .  ? 0.4213 0.5707 0.4659 0.2495  -0.0494 -0.0459 1064 HOH A O   
733 O  O   . HOH G .  ? 0.2864 0.2234 0.4702 0.0868  -0.0826 -0.0491 1065 HOH A O   
734 O  O   . HOH G .  ? 0.2573 0.7492 0.1937 -0.1437 0.0229  -0.0733 1066 HOH A O   
735 O  O   . HOH G .  ? 0.4385 0.2055 0.2357 0.0962  0.0940  0.0655  1067 HOH A O   
736 O  O   . HOH G .  ? 0.3622 0.5839 0.3180 0.0359  0.0804  -0.2458 1068 HOH A O   
737 O  O   . HOH G .  ? 0.5864 0.3015 0.5252 0.1308  0.0296  0.0623  1069 HOH A O   
738 O  O   . HOH G .  ? 0.2448 0.2373 0.5843 -0.0665 -0.0958 -0.0319 1070 HOH A O   
739 O  O   . HOH G .  ? 0.5425 0.3316 0.5308 -0.0154 0.0014  -0.0082 1071 HOH A O   
740 O  O   . HOH G .  ? 0.3239 0.3337 0.2938 0.0580  -0.1218 -0.1270 1072 HOH A O   
741 O  O   . HOH G .  ? 0.1366 0.3304 0.3942 0.0101  0.0681  -0.1789 1073 HOH A O   
742 O  O   . HOH G .  ? 0.5871 0.2146 0.3479 0.0150  -0.0125 0.0549  1074 HOH A O   
743 O  O   . HOH G .  ? 0.7389 0.4523 0.3178 0.2865  0.1708  0.0778  1075 HOH A O   
744 O  O   . HOH G .  ? 0.6168 0.2521 0.3827 -0.0226 -0.1230 0.0423  1076 HOH A O   
745 O  O   . HOH G .  ? 0.3110 0.2906 0.3634 0.0555  -0.0330 -0.0494 1077 HOH A O   
746 O  O   . HOH G .  ? 0.2740 0.1213 0.2999 -0.0366 0.0320  -0.0328 1078 HOH A O   
747 O  O   . HOH G .  ? 0.3442 0.3515 0.5650 -0.1206 -0.1472 0.0174  1079 HOH A O   
748 O  O   . HOH G .  ? 0.4211 0.4998 0.6131 0.0034  0.2281  0.1568  1080 HOH A O   
749 O  O   . HOH G .  ? 0.3648 0.2322 0.3276 -0.0859 0.1061  -0.0404 1081 HOH A O   
750 O  O   . HOH G .  ? 0.4778 0.3257 0.3593 -0.0545 0.0420  0.0177  1082 HOH A O   
751 O  O   . HOH G .  ? 0.3481 0.2680 0.6140 -0.0661 0.1188  -0.0748 1083 HOH A O   
752 O  O   . HOH G .  ? 0.4337 0.2645 0.5083 -0.0109 -0.0811 -0.0928 1084 HOH A O   
753 O  O   . HOH G .  ? 0.4239 1.0511 0.2504 -0.1258 -0.0360 -0.0634 1085 HOH A O   
754 O  O   . HOH G .  ? 0.6908 0.4620 0.4102 -0.1401 -0.0777 0.0748  1086 HOH A O   
755 O  O   . HOH G .  ? 0.2810 0.5044 0.6531 -0.0396 0.1064  -0.0526 1087 HOH A O   
756 O  O   . HOH G .  ? 0.2596 0.9537 0.1660 0.0818  -0.0184 -0.1496 1088 HOH A O   
757 O  O   . HOH G .  ? 0.4789 0.5930 0.4259 -0.2512 -0.0177 -0.0884 1089 HOH A O   
758 O  O   . HOH G .  ? 0.1830 0.3638 0.6009 -0.0340 -0.0375 0.1768  1090 HOH A O   
759 O  O   . HOH G .  ? 0.8396 0.2045 0.2392 -0.1154 0.0002  -0.0520 1091 HOH A O   
760 O  O   . HOH G .  ? 0.3132 0.3921 0.2433 -0.0016 -0.0446 -0.0696 1092 HOH A O   
761 O  O   . HOH G .  ? 0.3639 0.3523 0.2679 0.0904  -0.0981 -0.0890 1093 HOH A O   
762 O  O   . HOH G .  ? 0.2913 0.4979 0.2254 0.0561  -0.1065 0.0741  1094 HOH A O   
763 O  O   . HOH G .  ? 0.4888 0.4795 0.2540 0.1509  0.1200  -0.0123 1095 HOH A O   
764 O  O   . HOH G .  ? 0.1281 0.3515 0.7843 -0.0712 0.0273  -0.0493 1096 HOH A O   
765 O  O   . HOH G .  ? 0.3701 0.3869 0.5308 0.1413  -0.1932 -0.1777 1097 HOH A O   
766 O  O   . HOH G .  ? 0.7477 0.7819 0.4834 0.1899  -0.1354 0.0863  1098 HOH A O   
767 O  O   . HOH G .  ? 0.3152 0.3338 0.9703 -0.1525 -0.1012 0.1778  1099 HOH A O   
768 O  O   . HOH G .  ? 0.4289 0.5525 0.5440 0.0851  -0.0105 0.1200  1100 HOH A O   
769 O  O   . HOH G .  ? 0.4077 0.4584 0.4328 0.0002  -0.0194 0.0216  1101 HOH A O   
770 O  O   . HOH G .  ? 0.5569 0.5218 0.5530 -0.0907 -0.1838 0.2843  1102 HOH A O   
771 O  O   . HOH G .  ? 0.3809 0.5642 0.4345 0.0957  -0.1161 -0.0738 1103 HOH A O   
772 O  O   . HOH G .  ? 0.3692 0.4413 0.3921 -0.0682 -0.0133 0.0215  1104 HOH A O   
773 O  O   . HOH G .  ? 0.3571 0.4232 0.3820 -0.0907 0.0086  0.0546  1105 HOH A O   
774 O  O   . HOH G .  ? 0.5787 0.7776 0.2838 0.1108  0.1296  -0.1334 1106 HOH A O   
775 O  O   . HOH G .  ? 0.4261 0.2965 0.4724 -0.0841 -0.0130 0.1431  1107 HOH A O   
776 O  O   . HOH G .  ? 0.5994 0.3040 0.7589 -0.0785 -0.0287 0.0210  1108 HOH A O   
777 O  O   . HOH G .  ? 0.3964 0.7519 0.3454 -0.2095 -0.0171 -0.0396 1109 HOH A O   
778 O  O   . HOH G .  ? 0.3526 0.5348 0.2445 0.1201  0.1051  0.1577  1110 HOH A O   
779 O  O   . HOH G .  ? 0.5875 0.2973 0.3398 -0.0328 0.0141  0.0449  1111 HOH A O   
780 O  O   . HOH G .  ? 0.3549 0.2487 0.6286 -0.0688 -0.0503 0.1440  1112 HOH A O   
781 O  O   . HOH G .  ? 0.3542 0.5692 0.2548 0.0336  -0.0876 0.0626  1113 HOH A O   
782 O  O   . HOH G .  ? 0.7096 0.6132 0.2627 -0.0279 -0.1093 -0.0305 1114 HOH A O   
783 O  O   . HOH G .  ? 0.5113 0.5147 0.3931 -0.0527 -0.1264 0.1070  1115 HOH A O   
784 O  O   . HOH G .  ? 0.4971 0.5820 0.4975 0.1557  -0.1091 0.1129  1116 HOH A O   
785 O  O   . HOH G .  ? 0.9092 0.3977 0.6715 -0.3128 -0.0052 0.2057  1117 HOH A O   
786 O  O   . HOH G .  ? 0.6621 0.7029 0.6586 0.0425  0.0267  0.0413  1118 HOH A O   
787 O  O   . HOH G .  ? 0.3251 0.4889 0.3706 0.0666  0.0714  -0.0570 1119 HOH A O   
788 O  O   . HOH G .  ? 1.0132 0.7495 0.8094 -0.1072 0.0591  0.0697  1120 HOH A O   
789 O  O   . HOH G .  ? 0.3453 0.2046 0.5251 -0.0233 -0.0319 0.1194  1121 HOH A O   
790 O  O   . HOH G .  ? 0.6870 0.6476 0.9312 -0.0711 0.1164  0.1566  1122 HOH A O   
791 O  O   . HOH G .  ? 0.7985 0.6787 0.5563 0.0200  -0.0121 -0.0821 1123 HOH A O   
792 O  O   . HOH G .  ? 0.7303 0.7281 0.2864 0.2428  0.0744  0.1697  1124 HOH A O   
793 O  O   . HOH G .  ? 0.6101 0.8571 0.3889 0.0818  -0.0047 0.0484  1125 HOH A O   
# 
